data_6T7J
#
_entry.id   6T7J
#
_cell.length_a   268.138
_cell.length_b   64.061
_cell.length_c   100.600
_cell.angle_alpha   90.000
_cell.angle_beta   90.000
_cell.angle_gamma   90.000
#
_symmetry.space_group_name_H-M   'P 21 21 2'
#
loop_
_entity.id
_entity.type
_entity.pdbx_description
1 polymer 'Carbon monoxide dehydrogenase'
2 non-polymer 'IRON/SULFUR CLUSTER'
3 non-polymer 'FE2/S2 (INORGANIC) CLUSTER'
4 non-polymer 'Broken Fe4S4 cluster'
5 non-polymer 'PHOSPHATE ION'
6 non-polymer (R,R)-2,3-BUTANEDIOL
7 non-polymer DI(HYDROXYETHYL)ETHER
8 non-polymer 'CITRIC ACID'
9 water water
#
_entity_poly.entity_id   1
_entity_poly.type   'polypeptide(L)'
_entity_poly.pdbx_seq_one_letter_code
;MAEYIKYRVPAKGVSATKGVAELIEKAEEEGIKTAWHRLLEQQPQCAFGQLGVCCRNCAMGPCRIDPFGSGPTKGVCGAG
ADTIVARNLLRMIAAGAAAHSDHARDVVEVFKGVAEGRFQYYKLTDVEKLKSLAETLGISTEGKDEHEIARELAEVLEWE
FGKPGDEPLRMLALAPKKRIKVWEKAGVLPRAIDREVCECMHRTHIGVDADPVSLLLHGIRTSLADGWSGSMMATYLSDI
LFGTPKPLKAEANLGVLKEDYVNIVVHGHNPILSTKIAEIAMSEEMQKFAKKYGAKGVNVVGMCCTGNEVLMRLGVPIAG
SFLMQELAIITGAVEAIIVDYQCIMPAIVDVAQCYHTKVITTEPKGHIPGAVHIEFNAEKADEIAKEIVRIAIENYPNRP
RDRVHIPKHKMEAIAGFSVEAIVEALGGTLEPLINALRDGTIKGIVGIVGCNNPKVKHNYSHVTLAKELIKRDVLVVGTG
CWSIAAAMEGLMSPKAVDLAGPGLKKICEALNIPPCLHMGSCVDCSRILIALGALADALGVDISDLPAAGSAPEWMSEKA
VSIGTYFVASGVFTHLGVVPPVMGSQKVAKILTEDVEDIIGGKFYVEPDPVKAAETIYNVILEKRKKLGWPL
;
_entity_poly.pdbx_strand_id   B,A,D
#
loop_
_chem_comp.id
_chem_comp.type
_chem_comp.name
_chem_comp.formula
BU3 non-polymer (R,R)-2,3-BUTANEDIOL 'C4 H10 O2'
CIT non-polymer 'CITRIC ACID' 'C6 H8 O7'
FES non-polymer 'FE2/S2 (INORGANIC) CLUSTER' 'Fe2 S2'
MSK non-polymer 'Broken Fe4S4 cluster' 'Fe4 S4 2'
PEG non-polymer DI(HYDROXYETHYL)ETHER 'C4 H10 O3'
PO4 non-polymer 'PHOSPHATE ION' 'O4 P -3'
SF4 non-polymer 'IRON/SULFUR CLUSTER' 'Fe4 S4'
#
# COMPACT_ATOMS: atom_id res chain seq x y z
N MET A 1 -30.19 -26.66 -7.39
CA MET A 1 -29.67 -25.34 -7.74
C MET A 1 -28.24 -25.14 -7.24
N ALA A 2 -28.13 -24.71 -5.98
CA ALA A 2 -26.83 -24.41 -5.40
C ALA A 2 -26.03 -25.68 -5.11
N GLU A 3 -24.72 -25.52 -4.99
CA GLU A 3 -23.80 -26.62 -4.83
C GLU A 3 -22.96 -26.46 -3.57
N TYR A 4 -22.49 -27.58 -3.04
CA TYR A 4 -21.58 -27.58 -1.89
C TYR A 4 -20.16 -27.41 -2.38
N ILE A 5 -19.52 -26.31 -1.98
CA ILE A 5 -18.13 -26.05 -2.34
C ILE A 5 -17.22 -26.79 -1.36
N LYS A 6 -16.43 -27.72 -1.89
CA LYS A 6 -15.61 -28.58 -1.02
C LYS A 6 -14.38 -27.84 -0.50
N TYR A 7 -13.72 -27.05 -1.33
CA TYR A 7 -12.54 -26.30 -0.93
C TYR A 7 -12.72 -24.84 -1.34
N ARG A 8 -12.51 -23.94 -0.38
CA ARG A 8 -12.66 -22.52 -0.63
C ARG A 8 -11.34 -21.93 -1.15
N VAL A 9 -11.46 -20.90 -1.96
CA VAL A 9 -10.32 -20.30 -2.66
C VAL A 9 -9.86 -19.09 -1.84
N PRO A 10 -8.63 -19.08 -1.32
CA PRO A 10 -8.13 -17.86 -0.65
C PRO A 10 -8.12 -16.68 -1.61
N ALA A 11 -9.14 -15.82 -1.49
CA ALA A 11 -9.42 -14.84 -2.52
C ALA A 11 -8.53 -13.61 -2.47
N LYS A 12 -7.96 -13.27 -1.31
CA LYS A 12 -7.19 -12.03 -1.22
C LYS A 12 -5.90 -12.09 -2.01
N GLY A 13 -5.37 -13.28 -2.29
CA GLY A 13 -4.16 -13.39 -3.07
C GLY A 13 -4.36 -14.19 -4.35
N VAL A 14 -5.61 -14.33 -4.78
CA VAL A 14 -5.90 -15.17 -5.94
C VAL A 14 -5.57 -14.45 -7.25
N SER A 15 -5.66 -13.12 -7.28
CA SER A 15 -5.57 -12.41 -8.54
C SER A 15 -4.86 -11.07 -8.35
N ALA A 16 -4.49 -10.46 -9.47
CA ALA A 16 -3.81 -9.18 -9.49
C ALA A 16 -4.67 -8.06 -10.06
N THR A 17 -5.90 -8.36 -10.48
CA THR A 17 -6.82 -7.35 -10.97
C THR A 17 -7.94 -7.15 -9.97
N LYS A 18 -8.27 -5.88 -9.71
CA LYS A 18 -9.25 -5.56 -8.68
C LYS A 18 -10.64 -6.03 -9.10
N GLY A 19 -11.35 -6.68 -8.18
CA GLY A 19 -12.69 -7.16 -8.40
C GLY A 19 -12.82 -8.67 -8.49
N VAL A 20 -11.74 -9.37 -8.79
CA VAL A 20 -11.80 -10.82 -8.93
C VAL A 20 -12.07 -11.48 -7.60
N ALA A 21 -11.41 -11.01 -6.54
CA ALA A 21 -11.59 -11.59 -5.21
C ALA A 21 -13.04 -11.46 -4.74
N GLU A 22 -13.61 -10.26 -4.86
CA GLU A 22 -14.99 -10.04 -4.42
C GLU A 22 -15.94 -11.01 -5.10
N LEU A 23 -15.75 -11.25 -6.39
CA LEU A 23 -16.67 -12.10 -7.14
C LEU A 23 -16.44 -13.57 -6.86
N ILE A 24 -15.20 -13.99 -6.58
CA ILE A 24 -14.97 -15.36 -6.14
C ILE A 24 -15.68 -15.60 -4.80
N GLU A 25 -15.61 -14.62 -3.90
CA GLU A 25 -16.30 -14.78 -2.62
C GLU A 25 -17.82 -14.78 -2.80
N LYS A 26 -18.32 -13.96 -3.71
CA LYS A 26 -19.76 -13.97 -4.00
C LYS A 26 -20.19 -15.32 -4.54
N ALA A 27 -19.39 -15.90 -5.44
CA ALA A 27 -19.67 -17.25 -5.94
C ALA A 27 -19.69 -18.26 -4.81
N GLU A 28 -18.74 -18.14 -3.88
CA GLU A 28 -18.70 -19.07 -2.74
C GLU A 28 -19.95 -18.95 -1.88
N GLU A 29 -20.34 -17.72 -1.54
CA GLU A 29 -21.52 -17.55 -0.69
C GLU A 29 -22.80 -17.94 -1.42
N GLU A 30 -22.80 -17.89 -2.75
CA GLU A 30 -23.93 -18.38 -3.52
C GLU A 30 -23.81 -19.87 -3.86
N GLY A 31 -22.68 -20.49 -3.55
CA GLY A 31 -22.50 -21.90 -3.86
C GLY A 31 -22.24 -22.19 -5.32
N ILE A 32 -21.57 -21.28 -6.02
CA ILE A 32 -21.30 -21.41 -7.44
C ILE A 32 -19.81 -21.67 -7.62
N LYS A 33 -19.47 -22.79 -8.27
CA LYS A 33 -18.08 -23.16 -8.46
C LYS A 33 -17.49 -22.37 -9.63
N THR A 34 -16.28 -21.86 -9.43
CA THR A 34 -15.50 -21.24 -10.49
C THR A 34 -14.37 -22.17 -10.91
N ALA A 35 -13.56 -21.71 -11.86
CA ALA A 35 -12.43 -22.51 -12.32
C ALA A 35 -11.44 -22.80 -11.21
N TRP A 36 -11.30 -21.87 -10.25
CA TRP A 36 -10.37 -22.08 -9.14
C TRP A 36 -10.83 -23.21 -8.23
N HIS A 37 -12.13 -23.24 -7.89
CA HIS A 37 -12.65 -24.30 -7.04
C HIS A 37 -12.47 -25.67 -7.69
N ARG A 38 -12.73 -25.77 -8.99
CA ARG A 38 -12.59 -27.05 -9.67
C ARG A 38 -11.12 -27.44 -9.84
N LEU A 39 -10.24 -26.46 -10.04
CA LEU A 39 -8.81 -26.75 -9.99
C LEU A 39 -8.41 -27.34 -8.64
N LEU A 40 -8.93 -26.76 -7.55
CA LEU A 40 -8.67 -27.32 -6.23
C LEU A 40 -9.22 -28.74 -6.11
N GLU A 41 -10.39 -28.98 -6.71
CA GLU A 41 -10.96 -30.32 -6.68
C GLU A 41 -10.12 -31.32 -7.48
N GLN A 42 -9.37 -30.84 -8.47
CA GLN A 42 -8.54 -31.74 -9.28
C GLN A 42 -7.24 -32.14 -8.58
N GLN A 43 -6.85 -31.43 -7.53
CA GLN A 43 -5.50 -31.66 -7.00
C GLN A 43 -5.51 -32.76 -5.94
N PRO A 44 -4.47 -33.61 -5.89
CA PRO A 44 -3.29 -33.55 -6.75
C PRO A 44 -3.53 -34.05 -8.18
N GLN A 45 -3.11 -33.26 -9.16
CA GLN A 45 -3.24 -33.68 -10.55
C GLN A 45 -2.17 -34.70 -10.90
N CYS A 46 -2.52 -35.59 -11.83
CA CYS A 46 -1.65 -36.72 -12.13
C CYS A 46 -0.28 -36.26 -12.61
N ALA A 47 0.76 -36.77 -11.96
CA ALA A 47 2.13 -36.38 -12.29
C ALA A 47 2.53 -36.85 -13.68
N PHE A 48 2.07 -38.04 -14.07
CA PHE A 48 2.43 -38.59 -15.37
C PHE A 48 1.91 -37.70 -16.50
N GLY A 49 0.63 -37.31 -16.42
CA GLY A 49 0.10 -36.38 -17.40
C GLY A 49 0.74 -35.01 -17.32
N GLN A 50 1.10 -34.56 -16.11
CA GLN A 50 1.72 -33.25 -15.95
C GLN A 50 3.09 -33.20 -16.60
N LEU A 51 3.82 -34.33 -16.60
CA LEU A 51 5.14 -34.39 -17.23
C LEU A 51 5.07 -34.88 -18.66
N GLY A 52 3.89 -35.16 -19.18
CA GLY A 52 3.71 -35.58 -20.56
C GLY A 52 4.11 -37.01 -20.84
N VAL A 53 4.34 -37.83 -19.82
CA VAL A 53 4.83 -39.19 -20.01
C VAL A 53 3.69 -40.19 -19.86
N CYS A 54 2.53 -39.87 -20.41
CA CYS A 54 1.42 -40.81 -20.44
C CYS A 54 0.70 -40.68 -21.78
N CYS A 55 0.53 -41.80 -22.46
CA CYS A 55 0.03 -41.82 -23.83
C CYS A 55 -1.23 -42.67 -23.94
N ARG A 56 -2.18 -42.19 -24.71
CA ARG A 56 -3.42 -42.84 -24.90
C ARG A 56 -3.70 -42.87 -26.37
N ASN A 57 -2.68 -43.04 -27.17
CA ASN A 57 -2.84 -43.02 -28.61
C ASN A 57 -3.35 -44.30 -29.23
N CYS A 58 -3.48 -45.35 -28.45
CA CYS A 58 -4.01 -46.58 -28.97
C CYS A 58 -4.69 -47.35 -27.87
N ALA A 59 -5.43 -48.37 -28.24
CA ALA A 59 -6.17 -49.18 -27.30
C ALA A 59 -5.33 -50.12 -26.46
N MET A 60 -4.06 -50.27 -26.77
CA MET A 60 -3.20 -51.05 -25.89
C MET A 60 -2.78 -50.27 -24.66
N GLY A 61 -3.02 -48.96 -24.64
CA GLY A 61 -2.78 -48.14 -23.48
C GLY A 61 -3.98 -48.11 -22.56
N PRO A 62 -4.02 -47.13 -21.64
CA PRO A 62 -3.05 -46.05 -21.46
C PRO A 62 -1.71 -46.56 -20.93
N CYS A 63 -0.62 -45.92 -21.32
CA CYS A 63 0.71 -46.30 -20.88
C CYS A 63 1.37 -45.14 -20.15
N ARG A 64 2.00 -45.45 -19.02
CA ARG A 64 2.77 -44.53 -18.22
C ARG A 64 4.25 -44.85 -18.33
N ILE A 65 5.09 -43.82 -18.43
CA ILE A 65 6.53 -43.99 -18.33
C ILE A 65 6.98 -43.37 -17.02
N ASP A 66 7.65 -44.18 -16.19
CA ASP A 66 8.11 -43.71 -14.90
C ASP A 66 9.45 -43.01 -15.05
N PRO A 67 9.52 -41.69 -14.94
CA PRO A 67 10.81 -41.00 -15.06
C PRO A 67 11.72 -41.23 -13.86
N PHE A 68 11.16 -41.61 -12.72
CA PHE A 68 11.98 -42.07 -11.60
C PHE A 68 12.87 -43.24 -12.00
N GLY A 69 12.38 -44.11 -12.89
CA GLY A 69 13.00 -45.38 -13.12
C GLY A 69 12.45 -46.50 -12.26
N SER A 70 11.50 -46.20 -11.38
CA SER A 70 10.90 -47.21 -10.52
C SER A 70 10.23 -48.31 -11.34
N GLY A 71 9.28 -47.95 -12.18
CA GLY A 71 8.50 -48.91 -12.92
C GLY A 71 8.82 -48.92 -14.40
N PRO A 72 7.78 -48.98 -15.22
CA PRO A 72 7.98 -49.20 -16.66
C PRO A 72 8.67 -48.02 -17.33
N THR A 73 9.61 -48.34 -18.21
CA THR A 73 10.33 -47.34 -18.98
C THR A 73 9.85 -47.23 -20.42
N LYS A 74 9.01 -48.15 -20.88
CA LYS A 74 8.52 -48.15 -22.26
C LYS A 74 7.07 -48.58 -22.29
N GLY A 75 6.32 -47.99 -23.22
CA GLY A 75 4.92 -48.35 -23.41
C GLY A 75 4.78 -49.72 -24.07
N VAL A 76 3.52 -50.14 -24.21
CA VAL A 76 3.24 -51.44 -24.81
C VAL A 76 3.82 -51.54 -26.21
N CYS A 77 3.72 -50.45 -26.98
CA CYS A 77 4.29 -50.38 -28.32
C CYS A 77 5.80 -50.30 -28.34
N GLY A 78 6.43 -50.01 -27.20
CA GLY A 78 7.85 -49.76 -27.14
C GLY A 78 8.25 -48.30 -27.13
N ALA A 79 7.29 -47.38 -27.06
CA ALA A 79 7.61 -45.95 -27.09
C ALA A 79 8.25 -45.52 -25.79
N GLY A 80 9.43 -44.90 -25.90
CA GLY A 80 10.07 -44.30 -24.75
C GLY A 80 9.42 -42.99 -24.36
N ALA A 81 9.99 -42.37 -23.32
CA ALA A 81 9.43 -41.12 -22.81
C ALA A 81 9.60 -39.99 -23.81
N ASP A 82 10.75 -39.94 -24.49
CA ASP A 82 10.98 -38.90 -25.49
C ASP A 82 9.90 -38.92 -26.56
N THR A 83 9.61 -40.11 -27.10
CA THR A 83 8.60 -40.24 -28.14
C THR A 83 7.24 -39.78 -27.66
N ILE A 84 6.83 -40.23 -26.47
CA ILE A 84 5.48 -39.93 -25.98
C ILE A 84 5.33 -38.44 -25.71
N VAL A 85 6.33 -37.83 -25.07
CA VAL A 85 6.27 -36.40 -24.80
C VAL A 85 6.20 -35.61 -26.10
N ALA A 86 7.07 -35.96 -27.06
CA ALA A 86 7.10 -35.23 -28.32
C ALA A 86 5.78 -35.36 -29.08
N ARG A 87 5.19 -36.57 -29.07
CA ARG A 87 3.93 -36.78 -29.77
C ARG A 87 2.80 -35.98 -29.14
N ASN A 88 2.71 -36.00 -27.80
CA ASN A 88 1.65 -35.24 -27.14
C ASN A 88 1.79 -33.75 -27.41
N LEU A 89 3.02 -33.23 -27.37
CA LEU A 89 3.23 -31.83 -27.70
C LEU A 89 2.88 -31.53 -29.15
N LEU A 90 3.19 -32.48 -30.05
CA LEU A 90 2.82 -32.30 -31.46
C LEU A 90 1.32 -32.20 -31.62
N ARG A 91 0.55 -32.99 -30.86
CA ARG A 91 -0.90 -32.90 -30.96
C ARG A 91 -1.41 -31.58 -30.38
N MET A 92 -0.75 -31.06 -29.35
CA MET A 92 -1.11 -29.73 -28.86
C MET A 92 -0.91 -28.67 -29.96
N ILE A 93 0.24 -28.73 -30.64
CA ILE A 93 0.50 -27.79 -31.73
C ILE A 93 -0.54 -27.96 -32.83
N ALA A 94 -0.89 -29.20 -33.16
CA ALA A 94 -1.89 -29.47 -34.18
C ALA A 94 -3.23 -28.83 -33.81
N ALA A 95 -3.65 -28.98 -32.55
CA ALA A 95 -4.95 -28.43 -32.15
C ALA A 95 -4.96 -26.90 -32.17
N GLY A 96 -3.86 -26.28 -31.72
CA GLY A 96 -3.80 -24.81 -31.76
C GLY A 96 -3.80 -24.28 -33.18
N ALA A 97 -2.97 -24.87 -34.04
CA ALA A 97 -2.96 -24.49 -35.45
C ALA A 97 -4.33 -24.69 -36.07
N ALA A 98 -5.02 -25.78 -35.69
CA ALA A 98 -6.34 -26.05 -36.26
C ALA A 98 -7.37 -25.02 -35.82
N ALA A 99 -7.34 -24.61 -34.55
CA ALA A 99 -8.26 -23.57 -34.09
C ALA A 99 -8.04 -22.28 -34.88
N HIS A 100 -6.78 -21.84 -34.98
CA HIS A 100 -6.52 -20.60 -35.72
C HIS A 100 -6.88 -20.75 -37.19
N SER A 101 -6.69 -21.95 -37.75
CA SER A 101 -6.99 -22.16 -39.16
C SER A 101 -8.49 -22.14 -39.43
N ASP A 102 -9.30 -22.71 -38.54
CA ASP A 102 -10.75 -22.66 -38.73
C ASP A 102 -11.26 -21.24 -38.57
N HIS A 103 -10.69 -20.49 -37.61
CA HIS A 103 -10.98 -19.06 -37.51
C HIS A 103 -10.73 -18.35 -38.84
N ALA A 104 -9.50 -18.53 -39.37
CA ALA A 104 -9.15 -17.93 -40.65
C ALA A 104 -10.07 -18.40 -41.77
N ARG A 105 -10.50 -19.66 -41.72
CA ARG A 105 -11.34 -20.21 -42.78
C ARG A 105 -12.72 -19.56 -42.79
N ASP A 106 -13.29 -19.33 -41.60
CA ASP A 106 -14.56 -18.62 -41.54
C ASP A 106 -14.44 -17.20 -42.08
N VAL A 107 -13.36 -16.50 -41.69
CA VAL A 107 -13.22 -15.15 -42.22
C VAL A 107 -12.97 -15.17 -43.72
N VAL A 108 -12.27 -16.19 -44.23
CA VAL A 108 -12.04 -16.32 -45.67
C VAL A 108 -13.37 -16.53 -46.39
N GLU A 109 -14.25 -17.36 -45.81
CA GLU A 109 -15.57 -17.58 -46.41
C GLU A 109 -16.33 -16.27 -46.52
N VAL A 110 -16.37 -15.49 -45.43
CA VAL A 110 -17.10 -14.22 -45.50
C VAL A 110 -16.46 -13.26 -46.50
N PHE A 111 -15.13 -13.20 -46.54
CA PHE A 111 -14.43 -12.31 -47.45
C PHE A 111 -14.69 -12.69 -48.90
N LYS A 112 -14.72 -13.99 -49.20
CA LYS A 112 -15.01 -14.45 -50.55
C LYS A 112 -16.46 -14.16 -50.93
N GLY A 113 -17.38 -14.32 -49.98
CA GLY A 113 -18.77 -13.96 -50.24
C GLY A 113 -18.93 -12.48 -50.54
N VAL A 114 -18.13 -11.63 -49.89
CA VAL A 114 -18.17 -10.20 -50.20
C VAL A 114 -17.52 -9.91 -51.56
N ALA A 115 -16.47 -10.66 -51.91
CA ALA A 115 -15.83 -10.47 -53.21
C ALA A 115 -16.77 -10.81 -54.35
N GLU A 116 -17.67 -11.77 -54.15
CA GLU A 116 -18.64 -12.17 -55.16
C GLU A 116 -19.92 -11.34 -55.09
N GLY A 117 -20.02 -10.41 -54.15
CA GLY A 117 -21.22 -9.60 -54.01
C GLY A 117 -22.38 -10.30 -53.34
N ARG A 118 -22.12 -11.23 -52.43
CA ARG A 118 -23.16 -12.03 -51.80
C ARG A 118 -23.54 -11.54 -50.41
N PHE A 119 -22.54 -11.26 -49.56
CA PHE A 119 -22.79 -10.80 -48.19
C PHE A 119 -22.74 -9.29 -48.15
N GLN A 120 -23.83 -8.66 -48.57
CA GLN A 120 -23.86 -7.20 -48.63
C GLN A 120 -23.89 -6.54 -47.26
N TYR A 121 -23.96 -7.31 -46.17
CA TYR A 121 -23.81 -6.74 -44.85
C TYR A 121 -22.35 -6.53 -44.48
N TYR A 122 -21.42 -6.87 -45.35
CA TYR A 122 -19.99 -6.72 -45.11
C TYR A 122 -19.34 -6.01 -46.28
N LYS A 123 -18.40 -5.12 -45.96
CA LYS A 123 -17.76 -4.24 -46.93
C LYS A 123 -16.31 -4.64 -47.15
N LEU A 124 -15.71 -4.08 -48.19
CA LEU A 124 -14.27 -4.00 -48.33
C LEU A 124 -13.88 -2.59 -47.88
N THR A 125 -13.49 -2.45 -46.62
CA THR A 125 -13.26 -1.14 -46.05
C THR A 125 -11.82 -0.67 -46.19
N ASP A 126 -10.85 -1.58 -46.16
CA ASP A 126 -9.44 -1.25 -46.34
C ASP A 126 -9.01 -1.76 -47.71
N VAL A 127 -9.30 -0.97 -48.73
CA VAL A 127 -8.91 -1.35 -50.10
C VAL A 127 -7.40 -1.27 -50.27
N GLU A 128 -6.74 -0.40 -49.50
CA GLU A 128 -5.29 -0.28 -49.58
C GLU A 128 -4.60 -1.55 -49.09
N LYS A 129 -5.05 -2.07 -47.94
CA LYS A 129 -4.52 -3.33 -47.44
C LYS A 129 -4.79 -4.47 -48.41
N LEU A 130 -6.00 -4.50 -48.99
CA LEU A 130 -6.34 -5.54 -49.96
C LEU A 130 -5.40 -5.50 -51.16
N LYS A 131 -5.20 -4.32 -51.74
CA LYS A 131 -4.34 -4.20 -52.92
C LYS A 131 -2.89 -4.55 -52.58
N SER A 132 -2.40 -4.09 -51.43
CA SER A 132 -1.00 -4.36 -51.08
C SER A 132 -0.78 -5.84 -50.80
N LEU A 133 -1.71 -6.48 -50.07
CA LEU A 133 -1.59 -7.91 -49.82
C LEU A 133 -1.69 -8.71 -51.11
N ALA A 134 -2.56 -8.29 -52.03
CA ALA A 134 -2.66 -8.99 -53.31
C ALA A 134 -1.39 -8.85 -54.13
N GLU A 135 -0.78 -7.65 -54.11
CA GLU A 135 0.49 -7.46 -54.82
C GLU A 135 1.59 -8.31 -54.19
N THR A 136 1.59 -8.41 -52.86
CA THR A 136 2.62 -9.18 -52.16
C THR A 136 2.59 -10.66 -52.55
N LEU A 137 1.43 -11.18 -52.92
CA LEU A 137 1.31 -12.58 -53.30
C LEU A 137 1.29 -12.79 -54.81
N GLY A 138 1.62 -11.77 -55.59
CA GLY A 138 1.79 -11.92 -57.02
C GLY A 138 0.59 -11.59 -57.87
N ILE A 139 -0.36 -10.81 -57.36
CA ILE A 139 -1.58 -10.46 -58.09
C ILE A 139 -1.48 -9.00 -58.51
N SER A 140 -1.55 -8.77 -59.81
CA SER A 140 -1.54 -7.40 -60.33
C SER A 140 -2.86 -6.72 -60.03
N THR A 141 -2.79 -5.47 -59.55
CA THR A 141 -3.98 -4.75 -59.11
C THR A 141 -4.50 -3.74 -60.11
N GLU A 142 -3.64 -3.20 -60.98
CA GLU A 142 -4.06 -2.08 -61.80
C GLU A 142 -5.01 -2.52 -62.90
N GLY A 143 -5.99 -1.66 -63.19
CA GLY A 143 -7.02 -1.96 -64.16
C GLY A 143 -8.15 -2.81 -63.65
N LYS A 144 -8.15 -3.18 -62.37
CA LYS A 144 -9.13 -4.11 -61.81
C LYS A 144 -9.99 -3.42 -60.76
N ASP A 145 -11.25 -3.83 -60.70
CA ASP A 145 -12.15 -3.40 -59.64
C ASP A 145 -11.69 -3.95 -58.30
N GLU A 146 -12.14 -3.31 -57.23
CA GLU A 146 -11.82 -3.79 -55.88
C GLU A 146 -12.30 -5.22 -55.67
N HIS A 147 -13.52 -5.52 -56.12
CA HIS A 147 -14.10 -6.84 -55.87
C HIS A 147 -13.40 -7.93 -56.69
N GLU A 148 -12.91 -7.61 -57.89
CA GLU A 148 -12.18 -8.61 -58.67
C GLU A 148 -10.83 -8.93 -58.03
N ILE A 149 -10.12 -7.88 -57.58
CA ILE A 149 -8.89 -8.10 -56.79
C ILE A 149 -9.19 -8.98 -55.60
N ALA A 150 -10.29 -8.68 -54.89
CA ALA A 150 -10.67 -9.48 -53.74
C ALA A 150 -10.97 -10.92 -54.12
N ARG A 151 -11.56 -11.14 -55.29
CA ARG A 151 -11.86 -12.51 -55.73
C ARG A 151 -10.58 -13.30 -55.96
N GLU A 152 -9.63 -12.72 -56.70
CA GLU A 152 -8.37 -13.42 -56.94
C GLU A 152 -7.62 -13.68 -55.63
N LEU A 153 -7.56 -12.68 -54.76
CA LEU A 153 -6.93 -12.86 -53.47
C LEU A 153 -7.60 -13.96 -52.68
N ALA A 154 -8.93 -13.99 -52.67
CA ALA A 154 -9.65 -15.03 -51.94
C ALA A 154 -9.33 -16.41 -52.51
N GLU A 155 -9.21 -16.51 -53.84
CA GLU A 155 -8.87 -17.80 -54.43
C GLU A 155 -7.51 -18.30 -53.90
N VAL A 156 -6.53 -17.40 -53.84
CA VAL A 156 -5.23 -17.80 -53.31
C VAL A 156 -5.32 -18.17 -51.82
N LEU A 157 -6.10 -17.41 -51.05
CA LEU A 157 -6.17 -17.65 -49.61
C LEU A 157 -6.89 -18.96 -49.29
N GLU A 158 -8.01 -19.23 -49.98
CA GLU A 158 -8.68 -20.51 -49.87
C GLU A 158 -7.73 -21.64 -50.10
N TRP A 159 -6.82 -21.48 -51.03
CA TRP A 159 -5.89 -22.53 -51.35
C TRP A 159 -4.80 -22.68 -50.34
N GLU A 160 -4.56 -21.66 -49.55
CA GLU A 160 -3.59 -21.90 -48.45
C GLU A 160 -3.96 -23.09 -47.57
N PHE A 161 -5.25 -23.41 -47.44
CA PHE A 161 -5.63 -24.50 -46.53
C PHE A 161 -5.32 -25.87 -47.12
N GLY A 162 -5.41 -26.04 -48.44
CA GLY A 162 -5.29 -27.39 -48.95
C GLY A 162 -4.62 -27.61 -50.31
N LYS A 163 -3.75 -26.69 -50.73
CA LYS A 163 -3.09 -26.85 -52.02
C LYS A 163 -2.31 -28.15 -52.06
N PRO A 164 -2.25 -28.84 -53.20
CA PRO A 164 -1.73 -30.20 -53.24
C PRO A 164 -0.23 -30.34 -53.43
N GLY A 165 0.47 -29.28 -53.80
CA GLY A 165 1.88 -29.38 -54.05
C GLY A 165 2.73 -29.26 -52.80
N ASP A 166 4.00 -29.59 -52.95
CA ASP A 166 4.98 -29.38 -51.90
C ASP A 166 5.59 -27.98 -51.96
N GLU A 167 5.00 -27.09 -52.76
CA GLU A 167 5.43 -25.70 -52.78
C GLU A 167 5.06 -25.04 -51.45
N PRO A 168 5.83 -24.05 -51.00
CA PRO A 168 5.55 -23.40 -49.73
C PRO A 168 4.27 -22.58 -49.79
N LEU A 169 3.72 -22.31 -48.60
CA LEU A 169 2.52 -21.49 -48.49
C LEU A 169 2.74 -20.12 -49.13
N ARG A 170 1.72 -19.64 -49.84
CA ARG A 170 1.84 -18.35 -50.52
C ARG A 170 2.07 -17.21 -49.54
N MET A 171 1.38 -17.22 -48.41
CA MET A 171 1.49 -16.12 -47.45
C MET A 171 2.90 -15.96 -46.91
N LEU A 172 3.76 -16.97 -47.07
CA LEU A 172 5.17 -16.84 -46.69
C LEU A 172 5.87 -15.70 -47.43
N ALA A 173 5.25 -15.17 -48.49
CA ALA A 173 5.80 -13.97 -49.14
C ALA A 173 5.89 -12.80 -48.18
N LEU A 174 5.20 -12.85 -47.04
CA LEU A 174 5.31 -11.80 -46.04
C LEU A 174 6.51 -11.98 -45.11
N ALA A 175 7.16 -13.14 -45.15
CA ALA A 175 8.30 -13.41 -44.28
C ALA A 175 9.60 -13.03 -44.96
N PRO A 176 10.57 -12.49 -44.21
CA PRO A 176 11.85 -12.08 -44.82
C PRO A 176 12.60 -13.25 -45.42
N LYS A 177 13.43 -12.95 -46.42
CA LYS A 177 14.17 -14.00 -47.12
C LYS A 177 15.10 -14.76 -46.19
N LYS A 178 15.57 -14.13 -45.11
CA LYS A 178 16.44 -14.82 -44.18
C LYS A 178 15.69 -15.92 -43.44
N ARG A 179 14.49 -15.63 -42.95
CA ARG A 179 13.65 -16.67 -42.36
C ARG A 179 13.33 -17.76 -43.39
N ILE A 180 13.09 -17.34 -44.63
CA ILE A 180 12.84 -18.27 -45.73
C ILE A 180 13.98 -19.26 -45.87
N LYS A 181 15.21 -18.75 -45.92
CA LYS A 181 16.38 -19.59 -46.09
C LYS A 181 16.61 -20.48 -44.88
N VAL A 182 16.38 -19.94 -43.67
CA VAL A 182 16.50 -20.73 -42.45
C VAL A 182 15.55 -21.91 -42.49
N TRP A 183 14.26 -21.64 -42.74
CA TRP A 183 13.26 -22.70 -42.79
C TRP A 183 13.54 -23.69 -43.91
N GLU A 184 14.10 -23.21 -45.03
CA GLU A 184 14.42 -24.11 -46.13
C GLU A 184 15.55 -25.05 -45.75
N LYS A 185 16.61 -24.53 -45.13
CA LYS A 185 17.70 -25.38 -44.67
C LYS A 185 17.21 -26.38 -43.62
N ALA A 186 16.34 -25.94 -42.72
CA ALA A 186 15.77 -26.84 -41.73
C ALA A 186 14.73 -27.78 -42.33
N GLY A 187 14.16 -27.44 -43.49
CA GLY A 187 13.15 -28.27 -44.10
C GLY A 187 11.80 -28.21 -43.42
N VAL A 188 11.43 -27.05 -42.88
CA VAL A 188 10.20 -26.89 -42.13
C VAL A 188 9.23 -25.92 -42.83
N LEU A 189 9.45 -25.65 -44.11
CA LEU A 189 8.58 -24.76 -44.85
C LEU A 189 7.18 -25.37 -44.95
N PRO A 190 6.14 -24.71 -44.47
CA PRO A 190 4.79 -25.28 -44.55
C PRO A 190 4.24 -25.20 -45.96
N ARG A 191 3.45 -26.21 -46.32
CA ARG A 191 2.91 -26.36 -47.67
C ARG A 191 1.43 -26.06 -47.76
N ALA A 192 0.61 -26.70 -46.92
CA ALA A 192 -0.82 -26.40 -46.84
C ALA A 192 -1.25 -26.66 -45.40
N ILE A 193 -2.03 -25.73 -44.84
CA ILE A 193 -2.24 -25.70 -43.39
C ILE A 193 -2.93 -26.97 -42.91
N ASP A 194 -4.11 -27.26 -43.46
CA ASP A 194 -4.85 -28.46 -43.08
C ASP A 194 -4.01 -29.71 -43.28
N ARG A 195 -3.16 -29.73 -44.31
CA ARG A 195 -2.27 -30.87 -44.49
C ARG A 195 -1.26 -30.97 -43.35
N GLU A 196 -0.76 -29.83 -42.86
CA GLU A 196 0.17 -29.88 -41.74
C GLU A 196 -0.49 -30.43 -40.49
N VAL A 197 -1.71 -29.96 -40.19
CA VAL A 197 -2.45 -30.48 -39.04
C VAL A 197 -2.67 -31.98 -39.17
N CYS A 198 -3.14 -32.40 -40.35
CA CYS A 198 -3.43 -33.82 -40.55
C CYS A 198 -2.17 -34.67 -40.49
N GLU A 199 -1.04 -34.14 -40.97
CA GLU A 199 0.21 -34.88 -40.89
C GLU A 199 0.69 -35.00 -39.45
N CYS A 200 0.45 -34.01 -38.60
CA CYS A 200 0.75 -34.20 -37.20
C CYS A 200 -0.11 -35.31 -36.61
N MET A 201 -1.41 -35.29 -36.92
CA MET A 201 -2.29 -36.36 -36.42
C MET A 201 -1.86 -37.73 -36.93
N HIS A 202 -1.24 -37.77 -38.11
CA HIS A 202 -0.74 -39.05 -38.63
C HIS A 202 0.58 -39.46 -37.97
N ARG A 203 1.50 -38.52 -37.77
CA ARG A 203 2.80 -38.84 -37.21
C ARG A 203 2.69 -39.38 -35.78
N THR A 204 1.78 -38.80 -34.99
CA THR A 204 1.58 -39.24 -33.61
C THR A 204 0.77 -40.52 -33.50
N HIS A 205 0.14 -40.96 -34.60
CA HIS A 205 -0.53 -42.26 -34.61
C HIS A 205 0.46 -43.35 -34.21
N ILE A 206 -0.06 -44.42 -33.60
CA ILE A 206 0.82 -45.47 -33.11
C ILE A 206 1.62 -46.05 -34.26
N GLY A 207 2.92 -46.19 -34.05
CA GLY A 207 3.78 -46.83 -35.03
C GLY A 207 4.07 -46.02 -36.27
N VAL A 208 4.09 -44.69 -36.17
CA VAL A 208 4.47 -43.87 -37.31
C VAL A 208 5.80 -43.16 -37.02
N ASP A 209 5.75 -41.97 -36.44
CA ASP A 209 6.97 -41.20 -36.15
C ASP A 209 7.29 -41.31 -34.68
N ALA A 210 8.40 -41.99 -34.36
CA ALA A 210 8.85 -42.14 -32.99
C ALA A 210 10.07 -41.29 -32.64
N ASP A 211 10.65 -40.61 -33.61
CA ASP A 211 11.83 -39.78 -33.36
C ASP A 211 11.40 -38.41 -32.84
N PRO A 212 11.92 -37.98 -31.69
CA PRO A 212 11.53 -36.65 -31.18
C PRO A 212 11.93 -35.51 -32.10
N VAL A 213 13.08 -35.64 -32.78
CA VAL A 213 13.56 -34.55 -33.62
C VAL A 213 12.63 -34.31 -34.79
N SER A 214 12.28 -35.37 -35.52
CA SER A 214 11.40 -35.20 -36.67
C SER A 214 10.00 -34.77 -36.24
N LEU A 215 9.49 -35.32 -35.14
CA LEU A 215 8.20 -34.91 -34.61
C LEU A 215 8.18 -33.41 -34.33
N LEU A 216 9.20 -32.92 -33.63
CA LEU A 216 9.21 -31.51 -33.25
C LEU A 216 9.53 -30.60 -34.44
N LEU A 217 10.27 -31.10 -35.43
CA LEU A 217 10.49 -30.31 -36.64
C LEU A 217 9.21 -30.16 -37.44
N HIS A 218 8.41 -31.22 -37.53
CA HIS A 218 7.11 -31.06 -38.16
C HIS A 218 6.18 -30.18 -37.34
N GLY A 219 6.31 -30.22 -36.00
CA GLY A 219 5.60 -29.27 -35.18
C GLY A 219 5.97 -27.83 -35.51
N ILE A 220 7.26 -27.60 -35.76
CA ILE A 220 7.72 -26.28 -36.19
C ILE A 220 7.07 -25.91 -37.51
N ARG A 221 7.04 -26.84 -38.46
CA ARG A 221 6.42 -26.58 -39.76
C ARG A 221 4.94 -26.23 -39.61
N THR A 222 4.23 -26.96 -38.74
CA THR A 222 2.81 -26.71 -38.54
C THR A 222 2.57 -25.36 -37.86
N SER A 223 3.38 -25.04 -36.85
CA SER A 223 3.29 -23.73 -36.21
C SER A 223 3.55 -22.62 -37.22
N LEU A 224 4.47 -22.83 -38.15
CA LEU A 224 4.71 -21.83 -39.18
C LEU A 224 3.51 -21.70 -40.12
N ALA A 225 2.88 -22.82 -40.46
CA ALA A 225 1.62 -22.76 -41.21
C ALA A 225 0.57 -21.95 -40.47
N ASP A 226 0.57 -22.01 -39.14
CA ASP A 226 -0.36 -21.18 -38.37
C ASP A 226 0.04 -19.70 -38.45
N GLY A 227 1.22 -19.36 -37.95
CA GLY A 227 1.53 -17.97 -37.68
C GLY A 227 1.68 -17.14 -38.94
N TRP A 228 2.43 -17.64 -39.91
CA TRP A 228 2.74 -16.88 -41.12
C TRP A 228 1.73 -17.09 -42.24
N SER A 229 0.60 -17.73 -41.96
CA SER A 229 -0.42 -17.95 -42.99
C SER A 229 -1.82 -17.86 -42.41
N GLY A 230 -2.22 -18.88 -41.65
CA GLY A 230 -3.56 -18.94 -41.09
C GLY A 230 -3.93 -17.76 -40.20
N SER A 231 -3.17 -17.58 -39.12
CA SER A 231 -3.38 -16.41 -38.26
C SER A 231 -3.13 -15.12 -39.03
N MET A 232 -2.14 -15.14 -39.93
CA MET A 232 -1.85 -13.97 -40.76
C MET A 232 -3.03 -13.63 -41.66
N MET A 233 -3.61 -14.65 -42.31
CA MET A 233 -4.79 -14.42 -43.13
C MET A 233 -5.95 -13.90 -42.29
N ALA A 234 -6.15 -14.48 -41.10
CA ALA A 234 -7.21 -14.01 -40.22
C ALA A 234 -7.06 -12.52 -39.94
N THR A 235 -5.85 -12.09 -39.54
CA THR A 235 -5.62 -10.69 -39.21
C THR A 235 -5.81 -9.80 -40.43
N TYR A 236 -5.19 -10.17 -41.55
CA TYR A 236 -5.24 -9.31 -42.74
C TYR A 236 -6.67 -9.18 -43.26
N LEU A 237 -7.43 -10.27 -43.28
CA LEU A 237 -8.80 -10.21 -43.78
C LEU A 237 -9.73 -9.51 -42.80
N SER A 238 -9.51 -9.68 -41.50
CA SER A 238 -10.30 -8.91 -40.53
C SER A 238 -10.06 -7.42 -40.68
N ASP A 239 -8.81 -7.03 -40.96
CA ASP A 239 -8.51 -5.63 -41.21
C ASP A 239 -9.17 -5.15 -42.50
N ILE A 240 -9.09 -5.96 -43.57
CA ILE A 240 -9.68 -5.57 -44.85
C ILE A 240 -11.19 -5.41 -44.72
N LEU A 241 -11.83 -6.28 -43.93
CA LEU A 241 -13.29 -6.26 -43.84
C LEU A 241 -13.80 -5.21 -42.86
N PHE A 242 -13.13 -5.05 -41.71
CA PHE A 242 -13.64 -4.19 -40.64
C PHE A 242 -12.73 -3.01 -40.32
N GLY A 243 -11.66 -2.81 -41.08
CA GLY A 243 -10.79 -1.67 -40.85
C GLY A 243 -9.53 -2.02 -40.10
N THR A 244 -8.41 -1.45 -40.53
CA THR A 244 -7.15 -1.64 -39.81
C THR A 244 -7.19 -0.82 -38.52
N PRO A 245 -6.90 -1.42 -37.37
CA PRO A 245 -6.98 -0.68 -36.11
C PRO A 245 -6.06 0.53 -36.07
N LYS A 246 -6.58 1.62 -35.53
CA LYS A 246 -5.86 2.85 -35.29
C LYS A 246 -6.01 3.22 -33.82
N PRO A 247 -5.08 3.99 -33.27
CA PRO A 247 -5.11 4.26 -31.82
C PRO A 247 -6.42 4.89 -31.38
N LEU A 248 -6.94 4.41 -30.26
CA LEU A 248 -8.16 4.93 -29.65
C LEU A 248 -8.08 4.65 -28.15
N LYS A 249 -9.09 5.13 -27.43
CA LYS A 249 -9.17 4.94 -25.98
C LYS A 249 -10.49 4.28 -25.62
N ALA A 250 -10.45 3.47 -24.57
CA ALA A 250 -11.65 2.79 -24.09
C ALA A 250 -11.43 2.39 -22.63
N GLU A 251 -12.39 1.64 -22.08
CA GLU A 251 -12.38 1.24 -20.68
C GLU A 251 -12.17 -0.26 -20.54
N ALA A 252 -11.67 -0.65 -19.38
CA ALA A 252 -11.29 -2.02 -19.10
C ALA A 252 -11.70 -2.38 -17.68
N ASN A 253 -11.80 -3.69 -17.45
CA ASN A 253 -12.22 -4.36 -16.21
C ASN A 253 -13.73 -4.35 -16.06
N LEU A 254 -14.24 -5.08 -15.07
CA LEU A 254 -15.66 -5.36 -14.94
C LEU A 254 -16.47 -4.15 -14.52
N GLY A 255 -15.85 -3.01 -14.25
CA GLY A 255 -16.60 -1.79 -13.97
C GLY A 255 -17.32 -1.21 -15.17
N VAL A 256 -17.12 -1.80 -16.36
CA VAL A 256 -17.78 -1.32 -17.56
C VAL A 256 -19.21 -1.85 -17.69
N LEU A 257 -19.60 -2.79 -16.84
CA LEU A 257 -20.99 -3.25 -16.83
C LEU A 257 -21.84 -2.28 -16.03
N LYS A 258 -23.01 -1.95 -16.57
CA LYS A 258 -23.85 -0.88 -16.06
C LYS A 258 -25.03 -1.42 -15.26
N GLU A 259 -25.52 -0.61 -14.33
CA GLU A 259 -26.67 -1.02 -13.52
C GLU A 259 -27.99 -0.72 -14.21
N ASP A 260 -28.10 0.42 -14.89
CA ASP A 260 -29.34 0.85 -15.51
C ASP A 260 -29.36 0.59 -17.01
N TYR A 261 -28.40 -0.16 -17.53
CA TYR A 261 -28.35 -0.51 -18.93
C TYR A 261 -28.41 -2.03 -19.08
N VAL A 262 -29.06 -2.48 -20.15
CA VAL A 262 -28.91 -3.87 -20.58
C VAL A 262 -27.43 -4.13 -20.81
N ASN A 263 -26.93 -5.23 -20.28
CA ASN A 263 -25.52 -5.59 -20.43
C ASN A 263 -25.42 -6.81 -21.34
N ILE A 264 -24.73 -6.67 -22.45
CA ILE A 264 -24.53 -7.76 -23.41
C ILE A 264 -23.04 -8.01 -23.53
N VAL A 265 -22.61 -9.24 -23.23
CA VAL A 265 -21.21 -9.63 -23.33
C VAL A 265 -21.01 -10.37 -24.65
N VAL A 266 -19.93 -10.04 -25.36
CA VAL A 266 -19.50 -10.78 -26.54
C VAL A 266 -18.21 -11.51 -26.18
N HIS A 267 -18.26 -12.84 -26.26
CA HIS A 267 -17.20 -13.70 -25.76
C HIS A 267 -16.83 -14.70 -26.85
N GLY A 268 -15.53 -14.88 -27.08
CA GLY A 268 -15.11 -15.80 -28.13
C GLY A 268 -13.93 -15.30 -28.94
N HIS A 269 -14.02 -15.37 -30.27
CA HIS A 269 -12.83 -15.10 -31.08
C HIS A 269 -13.11 -14.47 -32.44
N ASN A 270 -14.15 -14.91 -33.15
CA ASN A 270 -14.38 -14.46 -34.51
C ASN A 270 -15.16 -13.15 -34.53
N PRO A 271 -14.61 -12.07 -35.10
CA PRO A 271 -15.33 -10.78 -35.09
C PRO A 271 -16.46 -10.68 -36.10
N ILE A 272 -16.59 -11.65 -37.01
CA ILE A 272 -17.71 -11.65 -37.97
C ILE A 272 -19.03 -11.50 -37.23
N LEU A 273 -19.12 -12.10 -36.05
CA LEU A 273 -20.31 -12.03 -35.22
C LEU A 273 -20.30 -10.83 -34.28
N SER A 274 -19.17 -10.56 -33.63
CA SER A 274 -19.13 -9.56 -32.57
C SER A 274 -19.25 -8.14 -33.11
N THR A 275 -18.67 -7.86 -34.28
CA THR A 275 -18.82 -6.53 -34.86
C THR A 275 -20.28 -6.24 -35.17
N LYS A 276 -20.98 -7.22 -35.76
CA LYS A 276 -22.40 -7.04 -36.05
C LYS A 276 -23.20 -6.87 -34.76
N ILE A 277 -22.92 -7.70 -33.76
CA ILE A 277 -23.66 -7.60 -32.50
C ILE A 277 -23.46 -6.22 -31.87
N ALA A 278 -22.22 -5.75 -31.82
CA ALA A 278 -21.93 -4.46 -31.20
C ALA A 278 -22.60 -3.32 -31.96
N GLU A 279 -22.47 -3.32 -33.30
CA GLU A 279 -23.06 -2.25 -34.09
C GLU A 279 -24.59 -2.25 -33.96
N ILE A 280 -25.21 -3.43 -33.97
CA ILE A 280 -26.66 -3.51 -33.86
C ILE A 280 -27.11 -3.03 -32.48
N ALA A 281 -26.43 -3.48 -31.43
CA ALA A 281 -26.90 -3.16 -30.08
C ALA A 281 -26.63 -1.72 -29.71
N MET A 282 -25.58 -1.11 -30.23
CA MET A 282 -25.36 0.31 -30.00
C MET A 282 -26.05 1.18 -31.03
N SER A 283 -26.81 0.59 -31.96
CA SER A 283 -27.71 1.36 -32.78
C SER A 283 -28.85 1.92 -31.92
N GLU A 284 -29.44 3.01 -32.39
CA GLU A 284 -30.45 3.69 -31.61
C GLU A 284 -31.76 2.92 -31.52
N GLU A 285 -32.03 2.03 -32.49
CA GLU A 285 -33.23 1.20 -32.42
C GLU A 285 -33.24 0.36 -31.14
N MET A 286 -32.14 -0.34 -30.87
CA MET A 286 -32.05 -1.13 -29.65
C MET A 286 -31.99 -0.25 -28.41
N GLN A 287 -31.45 0.96 -28.53
CA GLN A 287 -31.46 1.88 -27.39
C GLN A 287 -32.88 2.20 -26.96
N LYS A 288 -33.75 2.54 -27.93
CA LYS A 288 -35.12 2.85 -27.55
C LYS A 288 -35.91 1.58 -27.20
N PHE A 289 -35.54 0.42 -27.77
CA PHE A 289 -36.14 -0.83 -27.33
C PHE A 289 -35.85 -1.07 -25.85
N ALA A 290 -34.59 -0.90 -25.45
CA ALA A 290 -34.22 -1.07 -24.04
C ALA A 290 -34.90 -0.03 -23.16
N LYS A 291 -35.08 1.20 -23.66
CA LYS A 291 -35.84 2.16 -22.88
C LYS A 291 -37.28 1.69 -22.70
N LYS A 292 -37.88 1.16 -23.77
CA LYS A 292 -39.22 0.58 -23.63
C LYS A 292 -39.26 -0.54 -22.60
N TYR A 293 -38.17 -1.27 -22.43
CA TYR A 293 -38.12 -2.35 -21.46
C TYR A 293 -37.64 -1.90 -20.09
N GLY A 294 -37.47 -0.60 -19.87
CA GLY A 294 -37.15 -0.08 -18.56
C GLY A 294 -35.70 0.18 -18.26
N ALA A 295 -34.85 0.25 -19.28
CA ALA A 295 -33.42 0.50 -19.09
C ALA A 295 -33.05 1.83 -19.75
N LYS A 296 -31.87 2.34 -19.36
CA LYS A 296 -31.38 3.57 -19.98
C LYS A 296 -30.87 3.33 -21.39
N GLY A 297 -30.47 2.11 -21.72
CA GLY A 297 -29.95 1.81 -23.04
C GLY A 297 -29.35 0.41 -23.06
N VAL A 298 -28.46 0.18 -24.02
CA VAL A 298 -27.79 -1.09 -24.17
C VAL A 298 -26.28 -0.86 -24.17
N ASN A 299 -25.58 -1.55 -23.27
CA ASN A 299 -24.13 -1.49 -23.12
C ASN A 299 -23.56 -2.85 -23.51
N VAL A 300 -22.76 -2.87 -24.56
CA VAL A 300 -22.11 -4.10 -25.03
C VAL A 300 -20.65 -4.06 -24.60
N VAL A 301 -20.22 -5.09 -23.90
CA VAL A 301 -18.85 -5.25 -23.46
C VAL A 301 -18.30 -6.52 -24.08
N GLY A 302 -16.97 -6.60 -24.14
CA GLY A 302 -16.33 -7.75 -24.73
C GLY A 302 -15.46 -8.51 -23.76
N MET A 303 -15.23 -9.79 -24.05
CA MET A 303 -14.33 -10.62 -23.26
C MET A 303 -13.47 -11.44 -24.20
N CYS A 304 -12.23 -11.67 -23.79
CA CYS A 304 -11.26 -12.49 -24.52
C CYS A 304 -11.03 -11.87 -25.91
N CYS A 305 -10.72 -12.71 -26.91
CA CYS A 305 -10.15 -12.18 -28.14
C CYS A 305 -11.18 -11.48 -29.02
N THR A 306 -12.42 -11.96 -29.05
CA THR A 306 -13.43 -11.21 -29.79
C THR A 306 -13.71 -9.86 -29.13
N GLY A 307 -13.63 -9.81 -27.80
CA GLY A 307 -13.66 -8.53 -27.12
C GLY A 307 -12.50 -7.64 -27.52
N ASN A 308 -11.31 -8.24 -27.69
CA ASN A 308 -10.17 -7.46 -28.15
C ASN A 308 -10.38 -6.94 -29.56
N GLU A 309 -11.02 -7.73 -30.42
CA GLU A 309 -11.30 -7.28 -31.78
C GLU A 309 -12.22 -6.05 -31.76
N VAL A 310 -13.34 -6.16 -31.05
CA VAL A 310 -14.26 -5.02 -31.01
C VAL A 310 -13.65 -3.84 -30.27
N LEU A 311 -12.73 -4.10 -29.34
CA LEU A 311 -12.04 -3.01 -28.64
C LEU A 311 -11.09 -2.27 -29.58
N MET A 312 -10.30 -3.02 -30.34
CA MET A 312 -9.33 -2.41 -31.25
C MET A 312 -10.01 -1.65 -32.37
N ARG A 313 -11.16 -2.14 -32.84
CA ARG A 313 -11.78 -1.50 -34.00
C ARG A 313 -12.83 -0.46 -33.64
N LEU A 314 -13.67 -0.69 -32.63
CA LEU A 314 -14.79 0.18 -32.34
C LEU A 314 -14.68 0.92 -31.01
N GLY A 315 -13.74 0.53 -30.14
CA GLY A 315 -13.69 1.12 -28.82
C GLY A 315 -14.62 0.49 -27.83
N VAL A 316 -15.11 -0.71 -28.10
CA VAL A 316 -16.01 -1.40 -27.17
C VAL A 316 -15.25 -1.68 -25.87
N PRO A 317 -15.81 -1.36 -24.70
CA PRO A 317 -15.10 -1.65 -23.45
C PRO A 317 -14.93 -3.16 -23.26
N ILE A 318 -13.77 -3.54 -22.75
CA ILE A 318 -13.46 -4.95 -22.50
C ILE A 318 -13.64 -5.22 -21.01
N ALA A 319 -14.40 -6.26 -20.69
CA ALA A 319 -14.82 -6.50 -19.31
C ALA A 319 -13.84 -7.38 -18.53
N GLY A 320 -13.08 -8.23 -19.21
CA GLY A 320 -12.15 -9.09 -18.50
C GLY A 320 -11.56 -10.13 -19.43
N SER A 321 -10.65 -10.92 -18.87
CA SER A 321 -9.91 -11.92 -19.61
C SER A 321 -10.52 -13.31 -19.37
N PHE A 322 -9.77 -14.35 -19.73
CA PHE A 322 -10.22 -15.73 -19.70
C PHE A 322 -10.88 -16.11 -18.38
N LEU A 323 -10.08 -16.21 -17.32
CA LEU A 323 -10.55 -16.69 -16.03
C LEU A 323 -11.63 -15.82 -15.41
N MET A 324 -11.97 -14.71 -16.06
CA MET A 324 -12.99 -13.81 -15.55
C MET A 324 -14.37 -14.03 -16.17
N GLN A 325 -14.47 -14.86 -17.22
CA GLN A 325 -15.75 -15.03 -17.89
C GLN A 325 -16.84 -15.47 -16.91
N GLU A 326 -16.59 -16.56 -16.16
CA GLU A 326 -17.49 -16.97 -15.10
C GLU A 326 -17.85 -15.79 -14.19
N LEU A 327 -16.83 -15.08 -13.71
CA LEU A 327 -17.06 -13.99 -12.76
C LEU A 327 -17.99 -12.94 -13.35
N ALA A 328 -17.97 -12.74 -14.67
CA ALA A 328 -18.83 -11.73 -15.28
C ALA A 328 -20.30 -12.09 -15.08
N ILE A 329 -20.63 -13.38 -15.12
CA ILE A 329 -22.00 -13.81 -14.88
C ILE A 329 -22.33 -13.67 -13.39
N ILE A 330 -21.32 -13.76 -12.52
CA ILE A 330 -21.57 -13.69 -11.08
C ILE A 330 -21.78 -12.26 -10.60
N THR A 331 -21.53 -11.26 -11.46
CA THR A 331 -21.95 -9.90 -11.13
C THR A 331 -23.47 -9.81 -11.03
N GLY A 332 -24.19 -10.69 -11.72
CA GLY A 332 -25.63 -10.69 -11.69
C GLY A 332 -26.28 -9.73 -12.65
N ALA A 333 -25.51 -9.05 -13.50
CA ALA A 333 -26.04 -8.02 -14.37
C ALA A 333 -25.89 -8.34 -15.85
N VAL A 334 -25.51 -9.56 -16.20
CA VAL A 334 -25.33 -9.95 -17.59
C VAL A 334 -26.65 -10.52 -18.11
N GLU A 335 -27.31 -9.78 -19.00
CA GLU A 335 -28.54 -10.28 -19.60
C GLU A 335 -28.26 -11.42 -20.58
N ALA A 336 -27.17 -11.33 -21.31
CA ALA A 336 -26.82 -12.35 -22.29
C ALA A 336 -25.32 -12.31 -22.57
N ILE A 337 -24.74 -13.49 -22.72
CA ILE A 337 -23.38 -13.64 -23.21
C ILE A 337 -23.43 -14.42 -24.52
N ILE A 338 -22.89 -13.82 -25.57
CA ILE A 338 -22.96 -14.34 -26.93
C ILE A 338 -21.60 -14.90 -27.28
N VAL A 339 -21.54 -16.20 -27.55
CA VAL A 339 -20.27 -16.88 -27.79
C VAL A 339 -20.27 -17.53 -29.16
N ASP A 340 -19.08 -17.67 -29.74
CA ASP A 340 -18.92 -18.44 -30.97
C ASP A 340 -18.11 -19.69 -30.70
N TYR A 341 -16.78 -19.58 -30.57
CA TYR A 341 -15.98 -20.74 -30.24
C TYR A 341 -14.67 -20.30 -29.60
N GLN A 342 -13.94 -21.29 -29.06
CA GLN A 342 -12.60 -21.16 -28.48
C GLN A 342 -12.62 -20.48 -27.12
N CYS A 343 -12.18 -21.22 -26.09
CA CYS A 343 -12.02 -20.74 -24.72
C CYS A 343 -13.34 -20.29 -24.11
N ILE A 344 -14.46 -20.85 -24.59
CA ILE A 344 -15.75 -20.68 -23.95
C ILE A 344 -15.89 -21.81 -22.94
N MET A 345 -15.68 -21.48 -21.67
CA MET A 345 -15.84 -22.47 -20.60
C MET A 345 -17.25 -23.03 -20.65
N PRO A 346 -17.43 -24.35 -20.77
CA PRO A 346 -18.78 -24.92 -20.64
C PRO A 346 -19.44 -24.54 -19.33
N ALA A 347 -18.64 -24.37 -18.27
CA ALA A 347 -19.16 -24.03 -16.95
C ALA A 347 -19.98 -22.75 -16.97
N ILE A 348 -19.72 -21.84 -17.93
CA ILE A 348 -20.48 -20.60 -17.96
C ILE A 348 -21.97 -20.85 -18.12
N VAL A 349 -22.35 -22.01 -18.66
CA VAL A 349 -23.77 -22.36 -18.68
C VAL A 349 -24.26 -22.64 -17.26
N ASP A 350 -23.56 -23.54 -16.56
CA ASP A 350 -23.90 -23.83 -15.17
C ASP A 350 -24.09 -22.56 -14.36
N VAL A 351 -23.05 -21.71 -14.33
CA VAL A 351 -23.13 -20.45 -13.61
C VAL A 351 -24.35 -19.65 -14.05
N ALA A 352 -24.55 -19.54 -15.37
CA ALA A 352 -25.65 -18.72 -15.88
C ALA A 352 -27.00 -19.27 -15.46
N GLN A 353 -27.08 -20.56 -15.13
CA GLN A 353 -28.36 -21.13 -14.71
C GLN A 353 -28.73 -20.74 -13.28
N CYS A 354 -27.82 -20.16 -12.53
CA CYS A 354 -28.16 -19.63 -11.21
C CYS A 354 -28.54 -18.15 -11.26
N TYR A 355 -28.65 -17.59 -12.46
CA TYR A 355 -29.14 -16.23 -12.65
C TYR A 355 -30.19 -16.27 -13.76
N HIS A 356 -30.46 -15.10 -14.34
CA HIS A 356 -31.29 -14.99 -15.53
C HIS A 356 -30.48 -15.07 -16.82
N THR A 357 -29.15 -15.01 -16.71
CA THR A 357 -28.28 -14.85 -17.87
C THR A 357 -28.50 -15.94 -18.90
N LYS A 358 -28.57 -15.54 -20.17
CA LYS A 358 -28.70 -16.45 -21.30
C LYS A 358 -27.36 -16.60 -22.01
N VAL A 359 -26.92 -17.85 -22.14
CA VAL A 359 -25.71 -18.18 -22.89
C VAL A 359 -26.13 -18.53 -24.32
N ILE A 360 -25.88 -17.62 -25.25
CA ILE A 360 -26.28 -17.80 -26.65
C ILE A 360 -25.08 -18.30 -27.43
N THR A 361 -25.15 -19.54 -27.90
CA THR A 361 -24.20 -20.06 -28.88
C THR A 361 -24.70 -19.74 -30.28
N THR A 362 -23.76 -19.47 -31.19
CA THR A 362 -24.10 -18.96 -32.52
C THR A 362 -23.39 -19.66 -33.66
N GLU A 363 -22.45 -20.56 -33.40
CA GLU A 363 -21.67 -21.18 -34.47
C GLU A 363 -21.85 -22.69 -34.44
N PRO A 364 -21.95 -23.34 -35.60
CA PRO A 364 -22.16 -24.81 -35.62
C PRO A 364 -21.02 -25.61 -35.00
N LYS A 365 -19.85 -25.01 -34.80
CA LYS A 365 -18.74 -25.70 -34.17
C LYS A 365 -18.64 -25.42 -32.68
N GLY A 366 -19.50 -24.57 -32.14
CA GLY A 366 -19.45 -24.25 -30.73
C GLY A 366 -20.76 -24.50 -30.01
N HIS A 367 -21.07 -25.77 -29.75
CA HIS A 367 -22.27 -26.14 -29.03
C HIS A 367 -21.93 -26.41 -27.57
N ILE A 368 -22.81 -25.98 -26.67
CA ILE A 368 -22.69 -26.22 -25.25
C ILE A 368 -24.06 -26.67 -24.74
N PRO A 369 -24.19 -27.88 -24.20
CA PRO A 369 -25.50 -28.35 -23.72
C PRO A 369 -26.06 -27.43 -22.64
N GLY A 370 -27.33 -27.08 -22.79
CA GLY A 370 -28.00 -26.15 -21.90
C GLY A 370 -28.07 -24.73 -22.42
N ALA A 371 -27.21 -24.37 -23.36
CA ALA A 371 -27.24 -23.05 -23.95
C ALA A 371 -28.40 -22.94 -24.94
N VAL A 372 -28.66 -21.71 -25.40
CA VAL A 372 -29.64 -21.44 -26.43
C VAL A 372 -28.88 -21.12 -27.72
N HIS A 373 -29.10 -21.95 -28.75
CA HIS A 373 -28.35 -21.83 -30.00
C HIS A 373 -29.16 -21.02 -31.00
N ILE A 374 -28.64 -19.84 -31.34
CA ILE A 374 -29.18 -19.02 -32.42
C ILE A 374 -28.06 -18.91 -33.46
N GLU A 375 -28.10 -19.79 -34.45
CA GLU A 375 -26.98 -19.95 -35.37
C GLU A 375 -26.81 -18.72 -36.24
N PHE A 376 -25.57 -18.22 -36.30
CA PHE A 376 -25.25 -17.04 -37.07
C PHE A 376 -24.78 -17.42 -38.46
N ASN A 377 -25.22 -16.65 -39.45
CA ASN A 377 -24.76 -16.81 -40.83
C ASN A 377 -24.62 -15.43 -41.45
N ALA A 378 -23.71 -15.33 -42.43
CA ALA A 378 -23.33 -14.01 -42.95
C ALA A 378 -24.48 -13.35 -43.71
N GLU A 379 -25.26 -14.13 -44.46
CA GLU A 379 -26.23 -13.53 -45.36
C GLU A 379 -27.36 -12.83 -44.63
N LYS A 380 -27.77 -13.34 -43.48
CA LYS A 380 -28.83 -12.73 -42.66
C LYS A 380 -28.25 -12.15 -41.37
N ALA A 381 -27.02 -11.61 -41.45
CA ALA A 381 -26.28 -11.24 -40.25
C ALA A 381 -27.03 -10.21 -39.41
N ASP A 382 -27.51 -9.14 -40.04
CA ASP A 382 -28.15 -8.08 -39.28
C ASP A 382 -29.44 -8.55 -38.62
N GLU A 383 -30.20 -9.42 -39.28
CA GLU A 383 -31.43 -9.94 -38.70
C GLU A 383 -31.15 -10.80 -37.47
N ILE A 384 -30.16 -11.69 -37.56
CA ILE A 384 -29.81 -12.52 -36.42
C ILE A 384 -29.29 -11.66 -35.27
N ALA A 385 -28.47 -10.66 -35.59
CA ALA A 385 -27.95 -9.77 -34.54
C ALA A 385 -29.08 -9.01 -33.85
N LYS A 386 -30.04 -8.50 -34.64
CA LYS A 386 -31.21 -7.84 -34.06
C LYS A 386 -31.96 -8.78 -33.13
N GLU A 387 -32.21 -10.01 -33.59
CA GLU A 387 -32.93 -10.98 -32.77
C GLU A 387 -32.20 -11.24 -31.45
N ILE A 388 -30.88 -11.39 -31.52
CA ILE A 388 -30.08 -11.70 -30.32
C ILE A 388 -30.15 -10.53 -29.33
N VAL A 389 -29.89 -9.31 -29.82
CA VAL A 389 -29.94 -8.14 -28.94
C VAL A 389 -31.32 -7.97 -28.35
N ARG A 390 -32.36 -8.29 -29.14
CA ARG A 390 -33.73 -8.20 -28.63
C ARG A 390 -33.96 -9.19 -27.49
N ILE A 391 -33.43 -10.41 -27.64
CA ILE A 391 -33.60 -11.39 -26.57
C ILE A 391 -32.91 -10.90 -25.29
N ALA A 392 -31.72 -10.31 -25.42
CA ALA A 392 -31.05 -9.76 -24.24
C ALA A 392 -31.88 -8.64 -23.60
N ILE A 393 -32.36 -7.71 -24.42
CA ILE A 393 -33.13 -6.58 -23.91
C ILE A 393 -34.41 -7.05 -23.23
N GLU A 394 -35.03 -8.10 -23.78
CA GLU A 394 -36.25 -8.63 -23.18
C GLU A 394 -35.96 -9.41 -21.91
N ASN A 395 -34.74 -9.94 -21.77
CA ASN A 395 -34.37 -10.57 -20.51
C ASN A 395 -34.00 -9.57 -19.43
N TYR A 396 -33.69 -8.33 -19.81
CA TYR A 396 -33.36 -7.29 -18.82
C TYR A 396 -34.29 -7.22 -17.62
N PRO A 397 -35.63 -7.28 -17.75
CA PRO A 397 -36.48 -7.21 -16.55
C PRO A 397 -36.26 -8.33 -15.55
N ASN A 398 -35.59 -9.42 -15.94
CA ASN A 398 -35.39 -10.56 -15.06
C ASN A 398 -34.12 -10.46 -14.23
N ARG A 399 -33.41 -9.35 -14.30
CA ARG A 399 -32.16 -9.22 -13.56
C ARG A 399 -32.42 -9.18 -12.07
N PRO A 400 -31.94 -10.16 -11.30
CA PRO A 400 -32.12 -10.09 -9.84
C PRO A 400 -31.28 -8.97 -9.23
N ARG A 401 -31.86 -7.76 -9.16
CA ARG A 401 -31.12 -6.60 -8.67
C ARG A 401 -30.68 -6.79 -7.22
N ASP A 402 -31.34 -7.66 -6.47
CA ASP A 402 -30.93 -7.95 -5.10
C ASP A 402 -29.60 -8.68 -5.04
N ARG A 403 -29.21 -9.38 -6.11
CA ARG A 403 -27.98 -10.17 -6.15
C ARG A 403 -26.95 -9.59 -7.11
N VAL A 404 -27.01 -8.27 -7.34
CA VAL A 404 -26.11 -7.62 -8.29
C VAL A 404 -24.95 -6.99 -7.52
N HIS A 405 -23.73 -7.29 -7.94
CA HIS A 405 -22.53 -6.68 -7.38
C HIS A 405 -21.52 -6.51 -8.51
N ILE A 406 -21.48 -5.32 -9.08
CA ILE A 406 -20.50 -4.96 -10.12
C ILE A 406 -19.33 -4.28 -9.42
N PRO A 407 -18.11 -4.78 -9.55
CA PRO A 407 -16.98 -4.07 -8.96
C PRO A 407 -16.76 -2.71 -9.64
N LYS A 408 -16.60 -1.68 -8.81
CA LYS A 408 -16.38 -0.32 -9.32
C LYS A 408 -15.19 -0.23 -10.25
N HIS A 409 -14.22 -1.11 -10.07
CA HIS A 409 -12.90 -0.93 -10.67
C HIS A 409 -12.97 -0.89 -12.18
N LYS A 410 -12.50 0.22 -12.75
CA LYS A 410 -12.53 0.51 -14.17
C LYS A 410 -11.24 1.22 -14.50
N MET A 411 -10.70 0.97 -15.69
CA MET A 411 -9.41 1.54 -16.05
C MET A 411 -9.43 2.04 -17.49
N GLU A 412 -8.75 3.14 -17.75
CA GLU A 412 -8.64 3.64 -19.12
C GLU A 412 -7.48 2.95 -19.83
N ALA A 413 -7.66 2.69 -21.12
CA ALA A 413 -6.64 2.01 -21.91
C ALA A 413 -6.64 2.57 -23.32
N ILE A 414 -5.44 2.84 -23.84
CA ILE A 414 -5.25 3.23 -25.22
C ILE A 414 -4.89 1.97 -26.00
N ALA A 415 -5.74 1.59 -26.93
CA ALA A 415 -5.56 0.38 -27.73
C ALA A 415 -5.54 0.75 -29.21
N GLY A 416 -5.43 -0.27 -30.05
CA GLY A 416 -5.47 -0.08 -31.49
C GLY A 416 -4.14 0.15 -32.16
N PHE A 417 -3.07 -0.48 -31.67
CA PHE A 417 -1.73 -0.26 -32.21
C PHE A 417 -1.37 -1.42 -33.14
N SER A 418 -1.94 -1.37 -34.34
CA SER A 418 -1.49 -2.26 -35.40
C SER A 418 -0.14 -1.77 -35.94
N VAL A 419 0.48 -2.59 -36.79
CA VAL A 419 1.76 -2.21 -37.38
C VAL A 419 1.60 -0.93 -38.19
N GLU A 420 0.49 -0.81 -38.93
CA GLU A 420 0.24 0.42 -39.67
C GLU A 420 0.10 1.62 -38.75
N ALA A 421 -0.63 1.45 -37.64
CA ALA A 421 -0.79 2.55 -36.69
C ALA A 421 0.55 2.93 -36.07
N ILE A 422 1.38 1.94 -35.76
CA ILE A 422 2.69 2.22 -35.18
C ILE A 422 3.57 2.99 -36.16
N VAL A 423 3.59 2.55 -37.42
CA VAL A 423 4.39 3.25 -38.42
C VAL A 423 3.88 4.67 -38.64
N GLU A 424 2.55 4.85 -38.60
CA GLU A 424 1.98 6.18 -38.67
C GLU A 424 2.40 7.03 -37.47
N ALA A 425 2.55 6.41 -36.30
CA ALA A 425 2.99 7.14 -35.13
C ALA A 425 4.43 7.62 -35.26
N LEU A 426 5.26 6.89 -36.00
CA LEU A 426 6.65 7.25 -36.20
C LEU A 426 6.85 8.17 -37.40
N GLY A 427 5.79 8.76 -37.93
CA GLY A 427 5.90 9.65 -39.07
C GLY A 427 5.94 8.96 -40.41
N GLY A 428 5.46 7.71 -40.50
CA GLY A 428 5.43 6.99 -41.75
C GLY A 428 6.66 6.18 -42.05
N THR A 429 7.70 6.26 -41.22
CA THR A 429 8.94 5.53 -41.42
C THR A 429 9.33 4.82 -40.13
N LEU A 430 10.10 3.75 -40.26
CA LEU A 430 10.60 3.01 -39.11
C LEU A 430 11.86 3.64 -38.51
N GLU A 431 12.35 4.74 -39.07
CA GLU A 431 13.67 5.25 -38.68
C GLU A 431 13.75 5.74 -37.24
N PRO A 432 12.78 6.47 -36.68
CA PRO A 432 12.96 6.96 -35.29
C PRO A 432 13.08 5.84 -34.27
N LEU A 433 12.25 4.80 -34.34
CA LEU A 433 12.39 3.71 -33.38
C LEU A 433 13.67 2.92 -33.60
N ILE A 434 14.11 2.77 -34.85
CA ILE A 434 15.38 2.11 -35.11
C ILE A 434 16.52 2.91 -34.50
N ASN A 435 16.47 4.24 -34.60
CA ASN A 435 17.48 5.07 -33.97
C ASN A 435 17.42 4.94 -32.45
N ALA A 436 16.21 4.86 -31.89
CA ALA A 436 16.08 4.69 -30.44
C ALA A 436 16.64 3.35 -29.99
N LEU A 437 16.51 2.30 -30.81
CA LEU A 437 17.09 1.01 -30.48
C LEU A 437 18.61 1.05 -30.60
N ARG A 438 19.13 1.75 -31.61
CA ARG A 438 20.57 1.82 -31.81
C ARG A 438 21.24 2.65 -30.72
N ASP A 439 20.60 3.73 -30.27
CA ASP A 439 21.18 4.56 -29.23
C ASP A 439 21.23 3.84 -27.89
N GLY A 440 20.26 2.97 -27.62
CA GLY A 440 20.02 2.49 -26.28
C GLY A 440 18.86 3.17 -25.59
N THR A 441 18.23 4.16 -26.24
CA THR A 441 17.04 4.77 -25.67
C THR A 441 15.95 3.74 -25.41
N ILE A 442 15.83 2.76 -26.30
CA ILE A 442 14.99 1.59 -26.09
C ILE A 442 15.90 0.36 -26.18
N LYS A 443 15.94 -0.43 -25.10
CA LYS A 443 16.81 -1.60 -25.09
C LYS A 443 16.33 -2.65 -26.08
N GLY A 444 15.04 -2.87 -26.15
CA GLY A 444 14.49 -3.84 -27.09
C GLY A 444 12.98 -3.80 -27.06
N ILE A 445 12.39 -4.78 -27.74
CA ILE A 445 10.94 -4.94 -27.79
C ILE A 445 10.61 -6.37 -27.34
N VAL A 446 9.54 -6.50 -26.56
CA VAL A 446 9.10 -7.81 -26.11
C VAL A 446 7.60 -7.94 -26.34
N GLY A 447 7.19 -9.01 -27.02
CA GLY A 447 5.79 -9.33 -27.18
C GLY A 447 5.30 -10.29 -26.11
N ILE A 448 4.29 -9.86 -25.36
CA ILE A 448 3.66 -10.66 -24.33
C ILE A 448 2.27 -11.06 -24.78
N VAL A 449 1.99 -12.36 -24.73
CA VAL A 449 0.77 -12.95 -25.24
C VAL A 449 0.33 -14.04 -24.28
N GLY A 450 -0.81 -14.65 -24.57
CA GLY A 450 -1.18 -15.89 -23.91
C GLY A 450 -2.46 -15.78 -23.11
N CYS A 451 -2.75 -16.86 -22.41
CA CYS A 451 -4.01 -17.14 -21.75
C CYS A 451 -3.97 -16.74 -20.27
N ASN A 452 -4.93 -17.22 -19.50
CA ASN A 452 -4.87 -17.24 -18.05
C ASN A 452 -4.90 -18.70 -17.60
N ASN A 453 -4.23 -18.96 -16.49
CA ASN A 453 -4.17 -20.31 -15.92
C ASN A 453 -4.26 -20.20 -14.40
N PRO A 454 -5.29 -20.76 -13.77
CA PRO A 454 -5.43 -20.64 -12.31
C PRO A 454 -4.33 -21.32 -11.51
N LYS A 455 -3.40 -22.02 -12.17
CA LYS A 455 -2.25 -22.57 -11.45
C LYS A 455 -1.28 -21.47 -11.02
N VAL A 456 -1.25 -20.36 -11.75
CA VAL A 456 -0.46 -19.20 -11.37
C VAL A 456 -1.41 -18.08 -10.99
N LYS A 457 -0.89 -17.11 -10.23
CA LYS A 457 -1.71 -15.99 -9.77
C LYS A 457 -2.28 -15.24 -10.96
N HIS A 458 -3.57 -14.91 -10.87
CA HIS A 458 -4.32 -14.41 -12.03
C HIS A 458 -3.82 -13.04 -12.45
N ASN A 459 -3.31 -12.96 -13.68
CA ASN A 459 -2.82 -11.74 -14.31
C ASN A 459 -1.58 -11.16 -13.61
N TYR A 460 -1.11 -11.83 -12.55
CA TYR A 460 0.05 -11.30 -11.83
C TYR A 460 1.32 -11.33 -12.69
N SER A 461 1.56 -12.44 -13.38
CA SER A 461 2.78 -12.54 -14.18
C SER A 461 2.74 -11.61 -15.38
N HIS A 462 1.58 -11.50 -16.04
CA HIS A 462 1.42 -10.55 -17.13
C HIS A 462 1.90 -9.15 -16.72
N VAL A 463 1.27 -8.60 -15.69
CA VAL A 463 1.53 -7.21 -15.30
C VAL A 463 2.92 -7.07 -14.71
N THR A 464 3.37 -8.04 -13.91
CA THR A 464 4.69 -7.91 -13.29
C THR A 464 5.80 -7.96 -14.34
N LEU A 465 5.68 -8.87 -15.31
CA LEU A 465 6.67 -8.91 -16.39
C LEU A 465 6.65 -7.63 -17.21
N ALA A 466 5.45 -7.14 -17.55
CA ALA A 466 5.37 -5.89 -18.31
C ALA A 466 6.02 -4.74 -17.55
N LYS A 467 5.75 -4.64 -16.25
CA LYS A 467 6.32 -3.58 -15.42
C LYS A 467 7.84 -3.67 -15.38
N GLU A 468 8.35 -4.87 -15.06
CA GLU A 468 9.79 -5.05 -14.93
C GLU A 468 10.50 -4.78 -16.25
N LEU A 469 9.83 -5.03 -17.38
CA LEU A 469 10.46 -4.75 -18.67
C LEU A 469 10.44 -3.27 -18.99
N ILE A 470 9.30 -2.60 -18.80
CA ILE A 470 9.23 -1.19 -19.17
C ILE A 470 10.07 -0.33 -18.23
N LYS A 471 10.29 -0.78 -16.99
CA LYS A 471 11.15 -0.01 -16.10
C LYS A 471 12.63 -0.11 -16.49
N ARG A 472 13.00 -1.14 -17.26
CA ARG A 472 14.35 -1.27 -17.79
C ARG A 472 14.46 -0.76 -19.23
N ASP A 473 13.53 0.11 -19.65
CA ASP A 473 13.53 0.71 -20.97
C ASP A 473 13.41 -0.35 -22.08
N VAL A 474 12.40 -1.20 -21.94
CA VAL A 474 12.08 -2.22 -22.94
C VAL A 474 10.65 -1.99 -23.39
N LEU A 475 10.48 -1.69 -24.68
CA LEU A 475 9.14 -1.48 -25.24
C LEU A 475 8.36 -2.78 -25.22
N VAL A 476 7.23 -2.77 -24.55
CA VAL A 476 6.35 -3.92 -24.38
C VAL A 476 5.20 -3.81 -25.35
N VAL A 477 5.05 -4.79 -26.23
CA VAL A 477 3.84 -4.93 -27.03
C VAL A 477 3.23 -6.28 -26.68
N GLY A 478 1.98 -6.48 -27.04
CA GLY A 478 1.38 -7.77 -26.75
C GLY A 478 -0.06 -7.89 -27.20
N THR A 479 -0.56 -9.12 -27.10
CA THR A 479 -1.89 -9.47 -27.57
C THR A 479 -2.65 -10.26 -26.51
N GLY A 480 -3.95 -10.45 -26.77
CA GLY A 480 -4.77 -11.40 -26.06
C GLY A 480 -5.07 -11.01 -24.62
N CYS A 481 -5.19 -12.04 -23.78
CA CYS A 481 -5.53 -11.80 -22.39
C CYS A 481 -4.40 -11.11 -21.63
N TRP A 482 -3.16 -11.18 -22.11
CA TRP A 482 -2.14 -10.28 -21.57
C TRP A 482 -2.53 -8.84 -21.80
N SER A 483 -3.04 -8.52 -22.99
CA SER A 483 -3.41 -7.14 -23.26
C SER A 483 -4.62 -6.73 -22.43
N ILE A 484 -5.56 -7.66 -22.22
CA ILE A 484 -6.68 -7.35 -21.33
C ILE A 484 -6.16 -7.08 -19.91
N ALA A 485 -5.20 -7.87 -19.45
CA ALA A 485 -4.64 -7.67 -18.10
C ALA A 485 -3.93 -6.33 -18.01
N ALA A 486 -3.10 -6.02 -19.00
CA ALA A 486 -2.37 -4.74 -19.00
C ALA A 486 -3.34 -3.56 -19.06
N ALA A 487 -4.42 -3.70 -19.82
CA ALA A 487 -5.40 -2.63 -19.91
C ALA A 487 -6.14 -2.44 -18.59
N MET A 488 -6.49 -3.55 -17.92
CA MET A 488 -7.19 -3.43 -16.64
C MET A 488 -6.29 -2.90 -15.54
N GLU A 489 -4.98 -3.16 -15.63
CA GLU A 489 -4.08 -2.68 -14.59
C GLU A 489 -3.83 -1.17 -14.71
N GLY A 490 -3.69 -0.68 -15.94
CA GLY A 490 -3.40 0.73 -16.15
C GLY A 490 -2.12 0.92 -16.93
N LEU A 491 -1.55 -0.18 -17.41
CA LEU A 491 -0.31 -0.13 -18.19
C LEU A 491 -0.52 0.38 -19.60
N MET A 492 -1.77 0.63 -20.01
CA MET A 492 -2.06 1.19 -21.32
C MET A 492 -2.78 2.53 -21.21
N SER A 493 -2.86 3.11 -20.02
CA SER A 493 -3.43 4.42 -19.83
C SER A 493 -2.38 5.50 -20.12
N PRO A 494 -2.81 6.73 -20.41
CA PRO A 494 -1.83 7.78 -20.73
C PRO A 494 -0.80 8.04 -19.64
N LYS A 495 -1.13 7.74 -18.38
CA LYS A 495 -0.18 7.91 -17.28
C LYS A 495 0.74 6.71 -17.11
N ALA A 496 0.55 5.63 -17.86
CA ALA A 496 1.38 4.44 -17.69
C ALA A 496 2.84 4.75 -17.93
N VAL A 497 3.15 5.76 -18.74
CA VAL A 497 4.52 6.18 -19.01
C VAL A 497 5.27 6.48 -17.71
N ASP A 498 4.53 6.82 -16.64
CA ASP A 498 5.16 7.06 -15.34
C ASP A 498 6.01 5.89 -14.89
N LEU A 499 5.61 4.66 -15.21
CA LEU A 499 6.33 3.47 -14.77
C LEU A 499 7.45 3.06 -15.70
N ALA A 500 7.62 3.76 -16.82
CA ALA A 500 8.68 3.42 -17.76
C ALA A 500 10.01 4.04 -17.35
N GLY A 501 11.09 3.48 -17.88
CA GLY A 501 12.40 4.04 -17.69
C GLY A 501 12.56 5.33 -18.45
N PRO A 502 13.73 5.97 -18.28
CA PRO A 502 13.91 7.31 -18.87
C PRO A 502 13.79 7.34 -20.38
N GLY A 503 14.44 6.42 -21.09
CA GLY A 503 14.39 6.46 -22.55
C GLY A 503 13.01 6.16 -23.09
N LEU A 504 12.36 5.11 -22.55
CA LEU A 504 11.01 4.79 -22.98
C LEU A 504 10.04 5.90 -22.63
N LYS A 505 10.20 6.51 -21.45
CA LYS A 505 9.37 7.64 -21.07
C LYS A 505 9.51 8.79 -22.07
N LYS A 506 10.75 9.14 -22.41
CA LYS A 506 10.98 10.23 -23.35
C LYS A 506 10.37 9.92 -24.70
N ILE A 507 10.55 8.70 -25.21
CA ILE A 507 10.06 8.42 -26.56
C ILE A 507 8.54 8.28 -26.59
N CYS A 508 7.94 7.73 -25.52
CA CYS A 508 6.48 7.64 -25.49
C CYS A 508 5.84 9.02 -25.35
N GLU A 509 6.51 9.95 -24.68
CA GLU A 509 6.00 11.32 -24.67
C GLU A 509 6.29 12.03 -25.99
N ALA A 510 7.34 11.62 -26.70
CA ALA A 510 7.63 12.21 -28.00
C ALA A 510 6.68 11.72 -29.10
N LEU A 511 6.07 10.55 -28.92
CA LEU A 511 5.13 10.02 -29.90
C LEU A 511 3.70 9.91 -29.35
N ASN A 512 3.49 10.28 -28.08
CA ASN A 512 2.17 10.22 -27.44
C ASN A 512 1.56 8.81 -27.53
N ILE A 513 2.34 7.83 -27.12
CA ILE A 513 1.86 6.44 -27.02
C ILE A 513 2.16 5.95 -25.61
N PRO A 514 1.47 4.91 -25.16
CA PRO A 514 1.80 4.32 -23.86
C PRO A 514 3.04 3.46 -23.97
N PRO A 515 3.66 3.08 -22.84
CA PRO A 515 4.79 2.16 -22.90
C PRO A 515 4.40 0.71 -23.16
N CYS A 516 3.10 0.40 -23.20
CA CYS A 516 2.62 -0.94 -23.50
C CYS A 516 1.63 -0.85 -24.66
N LEU A 517 1.90 -1.59 -25.73
CA LEU A 517 1.16 -1.48 -26.98
C LEU A 517 0.25 -2.69 -27.16
N HIS A 518 -1.06 -2.43 -27.10
CA HIS A 518 -2.08 -3.45 -27.40
C HIS A 518 -2.14 -3.65 -28.90
N MET A 519 -1.69 -4.82 -29.36
CA MET A 519 -1.63 -5.11 -30.79
C MET A 519 -2.76 -6.02 -31.27
N GLY A 520 -3.71 -6.37 -30.39
CA GLY A 520 -4.94 -7.00 -30.80
C GLY A 520 -5.13 -8.37 -30.13
N SER A 521 -5.67 -9.31 -30.91
CA SER A 521 -6.11 -10.60 -30.40
C SER A 521 -5.05 -11.67 -30.63
N CYS A 522 -5.42 -12.93 -30.36
CA CYS A 522 -4.46 -14.02 -30.45
C CYS A 522 -3.98 -14.24 -31.87
N VAL A 523 -4.87 -14.10 -32.86
CA VAL A 523 -4.41 -14.17 -34.24
C VAL A 523 -3.57 -12.94 -34.59
N ASP A 524 -3.82 -11.82 -33.92
CA ASP A 524 -3.05 -10.61 -34.16
C ASP A 524 -1.63 -10.70 -33.65
N CYS A 525 -1.22 -11.82 -33.04
CA CYS A 525 0.20 -12.05 -32.86
C CYS A 525 0.92 -12.05 -34.20
N SER A 526 0.21 -12.36 -35.29
CA SER A 526 0.79 -12.21 -36.62
C SER A 526 1.33 -10.80 -36.82
N ARG A 527 0.63 -9.79 -36.28
CA ARG A 527 1.13 -8.42 -36.33
C ARG A 527 2.54 -8.34 -35.78
N ILE A 528 2.77 -8.94 -34.61
CA ILE A 528 4.10 -8.99 -34.03
C ILE A 528 5.10 -9.52 -35.05
N LEU A 529 4.77 -10.64 -35.69
CA LEU A 529 5.67 -11.23 -36.68
C LEU A 529 5.95 -10.27 -37.83
N ILE A 530 4.96 -9.45 -38.19
CA ILE A 530 5.21 -8.42 -39.20
C ILE A 530 6.18 -7.38 -38.67
N ALA A 531 5.92 -6.87 -37.45
CA ALA A 531 6.73 -5.81 -36.89
C ALA A 531 8.21 -6.21 -36.87
N LEU A 532 8.52 -7.29 -36.15
CA LEU A 532 9.88 -7.83 -36.16
C LEU A 532 10.37 -8.01 -37.59
N GLY A 533 9.54 -8.63 -38.44
CA GLY A 533 9.95 -8.84 -39.82
C GLY A 533 10.34 -7.55 -40.52
N ALA A 534 9.59 -6.47 -40.26
CA ALA A 534 9.98 -5.17 -40.79
C ALA A 534 11.31 -4.73 -40.21
N LEU A 535 11.43 -4.76 -38.88
CA LEU A 535 12.65 -4.31 -38.21
C LEU A 535 13.86 -5.03 -38.76
N ALA A 536 13.85 -6.37 -38.67
CA ALA A 536 14.94 -7.18 -39.20
C ALA A 536 15.26 -6.81 -40.64
N ASP A 537 14.23 -6.53 -41.45
CA ASP A 537 14.48 -6.22 -42.85
C ASP A 537 15.06 -4.81 -43.00
N ALA A 538 14.61 -3.87 -42.16
CA ALA A 538 15.12 -2.51 -42.27
C ALA A 538 16.60 -2.44 -41.88
N LEU A 539 17.03 -3.28 -40.95
CA LEU A 539 18.41 -3.31 -40.47
C LEU A 539 19.30 -4.25 -41.26
N GLY A 540 18.77 -4.92 -42.29
CA GLY A 540 19.53 -5.88 -43.07
C GLY A 540 19.95 -7.07 -42.22
N VAL A 541 18.99 -7.60 -41.46
CA VAL A 541 19.27 -8.45 -40.31
C VAL A 541 18.18 -9.51 -40.24
N ASP A 542 18.50 -10.66 -39.64
CA ASP A 542 17.47 -11.65 -39.41
C ASP A 542 16.68 -11.33 -38.13
N ILE A 543 15.47 -11.88 -38.03
CA ILE A 543 14.66 -11.69 -36.84
C ILE A 543 15.42 -12.18 -35.60
N SER A 544 16.22 -13.23 -35.76
CA SER A 544 16.94 -13.81 -34.62
C SER A 544 18.01 -12.87 -34.07
N ASP A 545 18.49 -11.90 -34.84
CA ASP A 545 19.50 -10.98 -34.36
C ASP A 545 18.91 -9.77 -33.63
N LEU A 546 17.60 -9.55 -33.73
CA LEU A 546 17.00 -8.38 -33.09
C LEU A 546 17.10 -8.48 -31.58
N PRO A 547 17.29 -7.34 -30.89
CA PRO A 547 17.18 -7.34 -29.41
C PRO A 547 15.71 -7.40 -29.00
N ALA A 548 15.17 -8.62 -28.98
CA ALA A 548 13.75 -8.81 -28.76
C ALA A 548 13.50 -10.16 -28.10
N ALA A 549 12.30 -10.31 -27.54
CA ALA A 549 11.88 -11.54 -26.92
C ALA A 549 10.36 -11.63 -26.96
N GLY A 550 9.85 -12.82 -26.69
CA GLY A 550 8.43 -13.02 -26.53
C GLY A 550 8.16 -13.77 -25.24
N SER A 551 6.90 -13.70 -24.78
CA SER A 551 6.59 -14.37 -23.53
C SER A 551 5.11 -14.72 -23.47
N ALA A 552 4.81 -15.90 -22.92
CA ALA A 552 3.46 -16.33 -22.57
C ALA A 552 3.46 -16.65 -21.08
N PRO A 553 3.19 -15.66 -20.22
CA PRO A 553 3.41 -15.87 -18.78
C PRO A 553 2.40 -16.81 -18.13
N GLU A 554 1.17 -16.89 -18.63
CA GLU A 554 0.12 -17.63 -17.94
C GLU A 554 -0.70 -18.47 -18.94
N TRP A 555 -0.02 -19.03 -19.93
CA TRP A 555 -0.70 -19.73 -21.01
C TRP A 555 -1.40 -20.99 -20.51
N MET A 556 -2.43 -21.41 -21.25
CA MET A 556 -3.10 -22.68 -20.98
C MET A 556 -3.57 -23.41 -22.24
N SER A 557 -3.80 -22.73 -23.36
CA SER A 557 -4.43 -23.33 -24.52
C SER A 557 -3.41 -23.95 -25.46
N GLU A 558 -3.89 -24.89 -26.29
CA GLU A 558 -3.05 -25.44 -27.35
C GLU A 558 -2.72 -24.39 -28.41
N LYS A 559 -3.63 -23.41 -28.59
CA LYS A 559 -3.31 -22.25 -29.43
C LYS A 559 -2.07 -21.54 -28.92
N ALA A 560 -1.92 -21.40 -27.61
CA ALA A 560 -0.73 -20.77 -27.05
C ALA A 560 0.52 -21.58 -27.36
N VAL A 561 0.40 -22.91 -27.38
CA VAL A 561 1.53 -23.75 -27.72
C VAL A 561 1.94 -23.52 -29.18
N SER A 562 0.95 -23.47 -30.08
CA SER A 562 1.27 -23.19 -31.48
C SER A 562 1.91 -21.81 -31.63
N ILE A 563 1.39 -20.82 -30.90
CA ILE A 563 1.92 -19.45 -31.01
C ILE A 563 3.37 -19.40 -30.52
N GLY A 564 3.63 -20.00 -29.36
CA GLY A 564 4.99 -20.02 -28.85
C GLY A 564 5.94 -20.77 -29.78
N THR A 565 5.46 -21.87 -30.37
CA THR A 565 6.31 -22.63 -31.27
C THR A 565 6.65 -21.85 -32.52
N TYR A 566 5.67 -21.12 -33.09
CA TYR A 566 6.01 -20.37 -34.29
C TYR A 566 6.74 -19.07 -33.98
N PHE A 567 6.64 -18.57 -32.74
CA PHE A 567 7.56 -17.52 -32.32
C PHE A 567 8.99 -18.05 -32.31
N VAL A 568 9.22 -19.16 -31.62
CA VAL A 568 10.54 -19.79 -31.63
C VAL A 568 11.03 -19.98 -33.05
N ALA A 569 10.19 -20.61 -33.89
CA ALA A 569 10.57 -20.90 -35.27
C ALA A 569 10.84 -19.62 -36.07
N SER A 570 10.18 -18.52 -35.71
CA SER A 570 10.48 -17.24 -36.33
C SER A 570 11.77 -16.63 -35.81
N GLY A 571 12.42 -17.25 -34.84
CA GLY A 571 13.73 -16.83 -34.37
C GLY A 571 13.76 -16.00 -33.11
N VAL A 572 12.64 -15.86 -32.39
CA VAL A 572 12.59 -15.06 -31.18
C VAL A 572 12.70 -15.96 -29.96
N PHE A 573 13.59 -15.58 -29.05
CA PHE A 573 13.66 -16.18 -27.71
C PHE A 573 12.32 -16.04 -27.01
N THR A 574 11.71 -17.17 -26.63
CA THR A 574 10.33 -17.21 -26.19
C THR A 574 10.24 -17.81 -24.78
N HIS A 575 9.77 -17.02 -23.83
CA HIS A 575 9.64 -17.44 -22.44
C HIS A 575 8.25 -17.99 -22.17
N LEU A 576 8.18 -19.03 -21.35
CA LEU A 576 6.93 -19.61 -20.89
C LEU A 576 6.85 -19.46 -19.38
N GLY A 577 5.71 -18.96 -18.90
CA GLY A 577 5.51 -18.79 -17.47
C GLY A 577 4.75 -19.94 -16.86
N VAL A 578 4.25 -20.83 -17.70
CA VAL A 578 3.63 -22.09 -17.28
C VAL A 578 4.44 -23.23 -17.89
N VAL A 579 4.77 -24.22 -17.08
CA VAL A 579 5.66 -25.31 -17.50
C VAL A 579 4.92 -26.22 -18.48
N PRO A 580 5.39 -26.34 -19.72
CA PRO A 580 4.75 -27.27 -20.64
C PRO A 580 4.94 -28.69 -20.18
N PRO A 581 4.03 -29.60 -20.54
CA PRO A 581 4.12 -31.00 -20.07
C PRO A 581 5.19 -31.79 -20.81
N VAL A 582 6.45 -31.41 -20.60
CA VAL A 582 7.55 -32.00 -21.35
C VAL A 582 8.67 -32.46 -20.43
N MET A 583 8.60 -32.08 -19.14
CA MET A 583 9.71 -32.33 -18.23
C MET A 583 9.92 -33.82 -17.93
N GLY A 584 9.03 -34.69 -18.39
CA GLY A 584 9.26 -36.11 -18.25
C GLY A 584 10.33 -36.67 -19.17
N SER A 585 10.86 -35.85 -20.07
CA SER A 585 11.88 -36.27 -21.03
C SER A 585 13.00 -35.25 -21.05
N GLN A 586 14.23 -35.70 -20.80
CA GLN A 586 15.37 -34.81 -20.85
C GLN A 586 15.69 -34.41 -22.29
N LYS A 587 15.57 -35.37 -23.21
CA LYS A 587 15.91 -35.09 -24.61
C LYS A 587 14.99 -34.04 -25.20
N VAL A 588 13.68 -34.18 -25.00
CA VAL A 588 12.73 -33.20 -25.55
C VAL A 588 12.91 -31.85 -24.87
N ALA A 589 13.16 -31.84 -23.56
CA ALA A 589 13.37 -30.58 -22.86
C ALA A 589 14.58 -29.84 -23.42
N LYS A 590 15.67 -30.55 -23.66
CA LYS A 590 16.84 -29.85 -24.19
C LYS A 590 16.67 -29.47 -25.65
N ILE A 591 15.93 -30.27 -26.45
CA ILE A 591 15.60 -29.82 -27.79
C ILE A 591 14.84 -28.49 -27.73
N LEU A 592 13.85 -28.42 -26.84
CA LEU A 592 13.00 -27.23 -26.76
C LEU A 592 13.78 -26.01 -26.29
N THR A 593 14.61 -26.17 -25.26
CA THR A 593 15.26 -25.04 -24.61
C THR A 593 16.70 -24.85 -25.03
N GLU A 594 17.19 -25.61 -26.00
CA GLU A 594 18.61 -25.57 -26.32
C GLU A 594 18.91 -25.95 -27.77
N ASP A 595 18.73 -27.22 -28.11
CA ASP A 595 19.16 -27.74 -29.40
C ASP A 595 18.52 -27.02 -30.58
N VAL A 596 17.35 -26.41 -30.40
CA VAL A 596 16.63 -25.82 -31.52
C VAL A 596 17.13 -24.43 -31.89
N GLU A 597 17.99 -23.81 -31.07
CA GLU A 597 18.55 -22.51 -31.43
C GLU A 597 19.44 -22.63 -32.65
N ASP A 598 20.23 -23.70 -32.75
CA ASP A 598 21.09 -23.89 -33.90
C ASP A 598 20.29 -24.08 -35.18
N ILE A 599 19.06 -24.58 -35.07
CA ILE A 599 18.29 -24.93 -36.27
C ILE A 599 17.61 -23.69 -36.84
N ILE A 600 16.92 -22.91 -36.00
CA ILE A 600 16.04 -21.87 -36.51
C ILE A 600 16.37 -20.50 -35.90
N GLY A 601 17.16 -20.49 -34.83
CA GLY A 601 17.63 -19.24 -34.25
C GLY A 601 16.88 -18.75 -33.02
N GLY A 602 15.85 -19.46 -32.58
CA GLY A 602 15.17 -19.14 -31.34
C GLY A 602 15.11 -20.38 -30.45
N LYS A 603 14.49 -20.20 -29.29
CA LYS A 603 14.39 -21.31 -28.33
C LYS A 603 13.39 -20.96 -27.25
N PHE A 604 12.97 -21.98 -26.52
CA PHE A 604 12.08 -21.83 -25.38
C PHE A 604 12.88 -21.64 -24.08
N TYR A 605 12.23 -21.03 -23.10
CA TYR A 605 12.83 -20.84 -21.79
C TYR A 605 11.71 -20.83 -20.76
N VAL A 606 11.71 -21.81 -19.86
CA VAL A 606 10.64 -21.98 -18.89
C VAL A 606 11.05 -21.31 -17.58
N GLU A 607 10.18 -20.42 -17.08
CA GLU A 607 10.39 -19.77 -15.80
C GLU A 607 9.08 -19.22 -15.25
N PRO A 608 8.46 -19.90 -14.29
CA PRO A 608 7.18 -19.43 -13.75
C PRO A 608 7.27 -18.15 -12.93
N ASP A 609 8.47 -17.66 -12.61
CA ASP A 609 8.61 -16.43 -11.84
C ASP A 609 8.69 -15.24 -12.78
N PRO A 610 7.82 -14.23 -12.64
CA PRO A 610 7.85 -13.09 -13.58
C PRO A 610 9.11 -12.25 -13.47
N VAL A 611 9.64 -12.07 -12.26
CA VAL A 611 10.83 -11.22 -12.10
C VAL A 611 12.07 -11.92 -12.63
N LYS A 612 12.21 -13.22 -12.32
CA LYS A 612 13.29 -14.01 -12.90
C LYS A 612 13.22 -13.99 -14.42
N ALA A 613 12.03 -14.21 -14.97
CA ALA A 613 11.86 -14.20 -16.42
C ALA A 613 12.18 -12.84 -17.01
N ALA A 614 11.83 -11.77 -16.30
CA ALA A 614 12.18 -10.43 -16.76
C ALA A 614 13.69 -10.25 -16.83
N GLU A 615 14.40 -10.72 -15.79
CA GLU A 615 15.86 -10.59 -15.79
C GLU A 615 16.48 -11.41 -16.92
N THR A 616 15.97 -12.62 -17.16
CA THR A 616 16.51 -13.44 -18.24
C THR A 616 16.24 -12.83 -19.61
N ILE A 617 15.02 -12.32 -19.82
CA ILE A 617 14.68 -11.70 -21.09
C ILE A 617 15.54 -10.46 -21.32
N TYR A 618 15.73 -9.66 -20.27
CA TYR A 618 16.56 -8.47 -20.40
C TYR A 618 18.01 -8.84 -20.71
N ASN A 619 18.51 -9.91 -20.09
CA ASN A 619 19.89 -10.33 -20.36
C ASN A 619 20.03 -10.84 -21.79
N VAL A 620 19.03 -11.55 -22.29
CA VAL A 620 19.06 -12.00 -23.68
C VAL A 620 19.04 -10.80 -24.63
N ILE A 621 18.24 -9.79 -24.29
CA ILE A 621 18.20 -8.57 -25.10
C ILE A 621 19.56 -7.88 -25.10
N LEU A 622 20.20 -7.79 -23.92
CA LEU A 622 21.52 -7.19 -23.84
C LEU A 622 22.54 -7.99 -24.65
N GLU A 623 22.41 -9.32 -24.66
CA GLU A 623 23.27 -10.16 -25.47
C GLU A 623 23.10 -9.84 -26.95
N LYS A 624 21.84 -9.72 -27.41
CA LYS A 624 21.58 -9.39 -28.80
C LYS A 624 22.09 -7.98 -29.15
N ARG A 625 22.06 -7.07 -28.18
CA ARG A 625 22.63 -5.75 -28.39
C ARG A 625 24.14 -5.82 -28.56
N LYS A 626 24.81 -6.60 -27.70
CA LYS A 626 26.25 -6.75 -27.80
C LYS A 626 26.65 -7.38 -29.13
N LYS A 627 25.87 -8.37 -29.59
CA LYS A 627 26.18 -8.99 -30.88
C LYS A 627 25.95 -8.05 -32.05
N LEU A 628 25.14 -7.01 -31.88
CA LEU A 628 24.86 -6.05 -32.93
C LEU A 628 25.85 -4.88 -32.96
N GLY A 629 26.86 -4.89 -32.10
CA GLY A 629 27.78 -3.78 -32.02
C GLY A 629 27.17 -2.49 -31.51
N TRP A 630 26.02 -2.57 -30.85
CA TRP A 630 25.33 -1.41 -30.33
C TRP A 630 25.76 -1.12 -28.91
N PRO A 631 25.56 0.12 -28.43
CA PRO A 631 25.83 0.45 -27.04
C PRO A 631 24.94 -0.32 -26.07
N LEU A 632 25.90 -0.25 -22.25
CA LEU A 632 24.86 -1.03 -22.89
C LEU A 632 23.49 -0.36 -22.76
N ALA B 2 -43.72 2.63 9.55
CA ALA B 2 -43.17 3.28 10.74
C ALA B 2 -43.66 4.71 10.87
N GLU B 3 -43.83 5.40 9.74
CA GLU B 3 -44.37 6.74 9.69
C GLU B 3 -45.37 6.81 8.55
N TYR B 4 -46.33 7.74 8.66
CA TYR B 4 -47.37 7.92 7.65
C TYR B 4 -46.96 9.07 6.73
N ILE B 5 -46.56 8.72 5.51
CA ILE B 5 -46.11 9.71 4.54
C ILE B 5 -47.32 10.25 3.79
N LYS B 6 -47.56 11.56 3.93
CA LYS B 6 -48.73 12.17 3.32
C LYS B 6 -48.49 12.55 1.86
N TYR B 7 -47.25 12.82 1.49
CA TYR B 7 -46.92 13.26 0.14
C TYR B 7 -45.73 12.45 -0.38
N ARG B 8 -45.96 11.71 -1.45
CA ARG B 8 -44.87 11.00 -2.11
C ARG B 8 -43.96 11.99 -2.83
N VAL B 9 -42.65 11.84 -2.66
CA VAL B 9 -41.67 12.72 -3.25
C VAL B 9 -41.19 12.10 -4.56
N PRO B 10 -41.29 12.79 -5.69
CA PRO B 10 -40.76 12.25 -6.95
C PRO B 10 -39.26 12.09 -6.90
N ALA B 11 -38.78 10.85 -6.75
CA ALA B 11 -37.40 10.63 -6.34
C ALA B 11 -36.42 10.71 -7.50
N LYS B 12 -36.81 10.33 -8.72
CA LYS B 12 -35.82 10.18 -9.78
C LYS B 12 -35.27 11.50 -10.30
N GLY B 13 -35.89 12.63 -9.95
CA GLY B 13 -35.41 13.91 -10.45
C GLY B 13 -35.05 14.93 -9.38
N VAL B 14 -34.91 14.50 -8.13
CA VAL B 14 -34.66 15.44 -7.05
C VAL B 14 -33.19 15.88 -6.98
N SER B 15 -32.26 15.00 -7.33
CA SER B 15 -30.87 15.22 -7.00
C SER B 15 -29.97 14.91 -8.18
N ALA B 16 -28.95 15.75 -8.38
CA ALA B 16 -27.90 15.53 -9.35
C ALA B 16 -26.81 14.61 -8.84
N THR B 17 -27.03 13.92 -7.73
CA THR B 17 -26.04 13.03 -7.12
C THR B 17 -26.58 11.61 -7.16
N LYS B 18 -25.89 10.74 -7.88
CA LYS B 18 -26.34 9.36 -8.04
C LYS B 18 -26.39 8.65 -6.69
N GLY B 19 -27.43 7.84 -6.49
CA GLY B 19 -27.62 7.12 -5.26
C GLY B 19 -28.67 7.72 -4.34
N VAL B 20 -29.00 8.99 -4.52
CA VAL B 20 -29.94 9.65 -3.62
C VAL B 20 -31.38 9.23 -3.91
N ALA B 21 -31.72 9.06 -5.20
CA ALA B 21 -33.09 8.72 -5.57
C ALA B 21 -33.49 7.36 -5.01
N GLU B 22 -32.62 6.36 -5.11
CA GLU B 22 -32.94 5.04 -4.57
C GLU B 22 -33.20 5.11 -3.08
N LEU B 23 -32.37 5.88 -2.35
CA LEU B 23 -32.53 5.94 -0.90
C LEU B 23 -33.78 6.69 -0.51
N ILE B 24 -34.16 7.72 -1.28
CA ILE B 24 -35.45 8.37 -1.05
C ILE B 24 -36.59 7.38 -1.27
N GLU B 25 -36.50 6.60 -2.37
CA GLU B 25 -37.52 5.59 -2.64
C GLU B 25 -37.60 4.56 -1.52
N LYS B 26 -36.44 4.13 -1.01
CA LYS B 26 -36.42 3.11 0.04
C LYS B 26 -36.96 3.66 1.35
N ALA B 27 -36.66 4.92 1.65
CA ALA B 27 -37.26 5.56 2.82
C ALA B 27 -38.77 5.62 2.68
N GLU B 28 -39.27 5.96 1.50
CA GLU B 28 -40.71 6.00 1.28
C GLU B 28 -41.33 4.62 1.43
N GLU B 29 -40.66 3.59 0.92
CA GLU B 29 -41.19 2.23 1.01
C GLU B 29 -41.18 1.72 2.44
N GLU B 30 -40.19 2.12 3.24
CA GLU B 30 -40.14 1.72 4.64
C GLU B 30 -40.98 2.60 5.56
N GLY B 31 -41.54 3.68 5.03
CA GLY B 31 -42.33 4.58 5.85
C GLY B 31 -41.48 5.46 6.74
N ILE B 32 -40.44 6.07 6.16
CA ILE B 32 -39.54 6.96 6.88
C ILE B 32 -39.52 8.29 6.15
N LYS B 33 -39.85 9.36 6.86
CA LYS B 33 -39.83 10.69 6.27
C LYS B 33 -38.41 11.21 6.15
N THR B 34 -38.12 11.89 5.05
CA THR B 34 -36.87 12.60 4.84
C THR B 34 -37.13 14.10 4.82
N ALA B 35 -36.07 14.87 4.61
CA ALA B 35 -36.21 16.32 4.55
C ALA B 35 -37.13 16.74 3.42
N TRP B 36 -37.08 16.03 2.29
CA TRP B 36 -37.97 16.33 1.17
C TRP B 36 -39.44 16.13 1.55
N HIS B 37 -39.74 15.05 2.29
CA HIS B 37 -41.11 14.77 2.69
C HIS B 37 -41.64 15.87 3.61
N ARG B 38 -40.85 16.25 4.62
CA ARG B 38 -41.31 17.27 5.55
C ARG B 38 -41.40 18.63 4.88
N LEU B 39 -40.51 18.91 3.92
CA LEU B 39 -40.64 20.11 3.11
C LEU B 39 -41.99 20.11 2.38
N LEU B 40 -42.36 18.98 1.77
CA LEU B 40 -43.65 18.89 1.11
C LEU B 40 -44.79 19.13 2.11
N GLU B 41 -44.67 18.56 3.32
CA GLU B 41 -45.68 18.76 4.35
C GLU B 41 -45.80 20.23 4.73
N GLN B 42 -44.72 20.99 4.64
CA GLN B 42 -44.73 22.39 5.04
C GLN B 42 -45.24 23.32 3.94
N GLN B 43 -45.50 22.81 2.73
CA GLN B 43 -45.88 23.72 1.66
C GLN B 43 -47.40 23.90 1.59
N PRO B 44 -47.88 25.09 1.23
CA PRO B 44 -47.05 26.27 0.94
C PRO B 44 -46.65 27.03 2.19
N GLN B 45 -45.33 27.19 2.39
CA GLN B 45 -44.84 27.90 3.56
C GLN B 45 -45.28 29.36 3.51
N CYS B 46 -45.12 30.04 4.65
CA CYS B 46 -45.56 31.42 4.79
C CYS B 46 -44.98 32.29 3.69
N ALA B 47 -45.80 33.22 3.19
CA ALA B 47 -45.28 34.22 2.27
C ALA B 47 -44.59 35.36 3.00
N PHE B 48 -45.16 35.78 4.13
CA PHE B 48 -44.61 36.94 4.85
C PHE B 48 -43.18 36.70 5.30
N GLY B 49 -42.82 35.47 5.64
CA GLY B 49 -41.47 35.23 6.08
C GLY B 49 -40.52 34.85 4.96
N GLN B 50 -41.04 34.20 3.92
CA GLN B 50 -40.19 34.01 2.73
C GLN B 50 -39.72 35.35 2.19
N LEU B 51 -40.51 36.39 2.39
CA LEU B 51 -40.09 37.76 2.10
C LEU B 51 -39.49 38.45 3.32
N GLY B 52 -39.41 37.76 4.47
CA GLY B 52 -38.82 38.32 5.66
C GLY B 52 -39.60 39.46 6.28
N VAL B 53 -40.91 39.52 6.04
CA VAL B 53 -41.69 40.69 6.39
C VAL B 53 -42.61 40.35 7.58
N CYS B 54 -42.16 39.42 8.41
CA CYS B 54 -42.82 39.11 9.67
C CYS B 54 -41.85 39.26 10.84
N CYS B 55 -42.35 39.85 11.93
CA CYS B 55 -41.55 40.15 13.11
C CYS B 55 -42.17 39.51 14.34
N ARG B 56 -41.34 38.99 15.23
CA ARG B 56 -41.77 38.38 16.49
C ARG B 56 -40.91 38.84 17.65
N ASN B 57 -40.34 40.04 17.56
CA ASN B 57 -39.33 40.47 18.51
C ASN B 57 -39.90 41.00 19.83
N CYS B 58 -41.22 41.10 19.96
CA CYS B 58 -41.85 41.51 21.20
C CYS B 58 -43.11 40.68 21.40
N ALA B 59 -43.85 40.97 22.47
CA ALA B 59 -45.10 40.29 22.74
C ALA B 59 -46.32 41.07 22.25
N MET B 60 -46.11 42.26 21.68
CA MET B 60 -47.19 42.94 20.97
C MET B 60 -47.45 42.32 19.61
N GLY B 61 -46.48 41.59 19.06
CA GLY B 61 -46.65 40.87 17.83
C GLY B 61 -47.27 39.51 18.06
N PRO B 62 -47.16 38.60 17.07
CA PRO B 62 -46.47 38.72 15.79
C PRO B 62 -47.10 39.74 14.84
N CYS B 63 -46.29 40.49 14.11
CA CYS B 63 -46.77 41.52 13.20
C CYS B 63 -46.35 41.21 11.78
N ARG B 64 -47.26 41.48 10.84
CA ARG B 64 -47.05 41.27 9.42
C ARG B 64 -47.16 42.59 8.68
N ILE B 65 -46.51 42.67 7.53
CA ILE B 65 -46.60 43.83 6.64
C ILE B 65 -47.05 43.36 5.28
N ASP B 66 -47.89 44.17 4.63
CA ASP B 66 -48.32 43.91 3.26
C ASP B 66 -47.50 44.77 2.32
N PRO B 67 -46.69 44.19 1.43
CA PRO B 67 -45.83 45.03 0.57
C PRO B 67 -46.61 45.89 -0.40
N PHE B 68 -47.71 45.40 -0.97
CA PHE B 68 -48.50 46.23 -1.87
C PHE B 68 -49.20 47.35 -1.12
N GLY B 69 -49.60 47.11 0.12
CA GLY B 69 -50.02 48.17 1.02
C GLY B 69 -51.50 48.29 1.32
N SER B 70 -52.31 47.27 1.05
CA SER B 70 -53.72 47.32 1.41
C SER B 70 -54.02 46.57 2.71
N GLY B 71 -53.07 45.80 3.22
CA GLY B 71 -53.16 45.27 4.56
C GLY B 71 -52.48 46.21 5.55
N PRO B 72 -52.00 45.67 6.66
CA PRO B 72 -51.26 46.51 7.61
C PRO B 72 -49.93 46.97 7.03
N THR B 73 -49.64 48.25 7.19
CA THR B 73 -48.41 48.84 6.67
C THR B 73 -47.28 48.81 7.66
N LYS B 74 -47.58 48.91 8.93
CA LYS B 74 -46.56 48.98 9.96
C LYS B 74 -46.92 48.01 11.06
N GLY B 75 -45.93 47.71 11.88
CA GLY B 75 -46.14 46.85 13.02
C GLY B 75 -46.65 47.66 14.20
N VAL B 76 -46.87 46.96 15.30
CA VAL B 76 -47.46 47.63 16.46
C VAL B 76 -46.58 48.77 16.96
N CYS B 77 -45.25 48.59 16.92
CA CYS B 77 -44.22 49.55 17.29
C CYS B 77 -44.11 50.72 16.32
N GLY B 78 -44.66 50.59 15.13
CA GLY B 78 -44.48 51.56 14.09
C GLY B 78 -43.39 51.18 13.12
N ALA B 79 -42.85 49.98 13.24
CA ALA B 79 -41.77 49.54 12.38
C ALA B 79 -42.28 49.17 11.01
N GLY B 80 -41.57 49.60 9.98
CA GLY B 80 -41.93 49.27 8.62
C GLY B 80 -41.19 48.05 8.10
N ALA B 81 -41.50 47.69 6.84
CA ALA B 81 -40.92 46.49 6.24
C ALA B 81 -39.40 46.59 6.18
N ASP B 82 -38.86 47.79 5.94
CA ASP B 82 -37.41 47.96 5.90
C ASP B 82 -36.78 47.54 7.21
N THR B 83 -37.30 48.08 8.33
CA THR B 83 -36.76 47.76 9.64
C THR B 83 -36.84 46.28 9.93
N ILE B 84 -38.01 45.67 9.69
CA ILE B 84 -38.22 44.27 10.04
C ILE B 84 -37.31 43.36 9.23
N VAL B 85 -37.23 43.61 7.91
CA VAL B 85 -36.35 42.79 7.07
C VAL B 85 -34.90 42.93 7.51
N ALA B 86 -34.46 44.16 7.76
CA ALA B 86 -33.07 44.37 8.17
C ALA B 86 -32.78 43.69 9.50
N ARG B 87 -33.70 43.77 10.46
CA ARG B 87 -33.48 43.14 11.76
C ARG B 87 -33.42 41.62 11.64
N ASN B 88 -34.32 41.03 10.85
CA ASN B 88 -34.31 39.57 10.70
C ASN B 88 -33.02 39.10 10.04
N LEU B 89 -32.57 39.84 9.02
CA LEU B 89 -31.30 39.48 8.39
C LEU B 89 -30.13 39.64 9.35
N LEU B 90 -30.17 40.70 10.17
CA LEU B 90 -29.10 40.92 11.13
C LEU B 90 -29.05 39.80 12.17
N ARG B 91 -30.21 39.28 12.56
CA ARG B 91 -30.22 38.16 13.50
C ARG B 91 -29.70 36.89 12.85
N MET B 92 -29.99 36.68 11.57
CA MET B 92 -29.38 35.56 10.86
C MET B 92 -27.85 35.69 10.85
N ILE B 93 -27.35 36.89 10.57
CA ILE B 93 -25.90 37.13 10.59
C ILE B 93 -25.33 36.86 11.98
N ALA B 94 -26.04 37.30 13.02
CA ALA B 94 -25.58 37.09 14.39
C ALA B 94 -25.50 35.60 14.71
N ALA B 95 -26.51 34.83 14.31
CA ALA B 95 -26.49 33.40 14.59
C ALA B 95 -25.36 32.70 13.84
N GLY B 96 -25.13 33.05 12.57
CA GLY B 96 -24.05 32.42 11.83
C GLY B 96 -22.68 32.74 12.42
N ALA B 97 -22.45 34.02 12.71
CA ALA B 97 -21.19 34.40 13.33
C ALA B 97 -21.03 33.75 14.70
N ALA B 98 -22.13 33.56 15.44
CA ALA B 98 -22.04 32.93 16.75
C ALA B 98 -21.68 31.46 16.64
N ALA B 99 -22.26 30.75 15.66
CA ALA B 99 -21.89 29.35 15.45
C ALA B 99 -20.41 29.22 15.13
N HIS B 100 -19.93 30.01 14.16
CA HIS B 100 -18.51 29.98 13.82
C HIS B 100 -17.64 30.35 15.03
N SER B 101 -18.10 31.32 15.83
CA SER B 101 -17.33 31.78 16.97
C SER B 101 -17.19 30.71 18.04
N ASP B 102 -18.27 29.97 18.31
CA ASP B 102 -18.20 28.91 19.32
C ASP B 102 -17.33 27.75 18.83
N HIS B 103 -17.45 27.40 17.54
CA HIS B 103 -16.50 26.49 16.90
C HIS B 103 -15.05 26.89 17.22
N ALA B 104 -14.71 28.13 16.85
CA ALA B 104 -13.35 28.63 17.07
C ALA B 104 -12.99 28.62 18.55
N ARG B 105 -13.97 28.91 19.43
CA ARG B 105 -13.69 28.98 20.86
C ARG B 105 -13.30 27.61 21.41
N ASP B 106 -14.03 26.57 21.02
CA ASP B 106 -13.66 25.22 21.46
C ASP B 106 -12.27 24.85 20.96
N VAL B 107 -11.98 25.17 19.69
CA VAL B 107 -10.65 24.83 19.19
C VAL B 107 -9.57 25.64 19.93
N VAL B 108 -9.87 26.89 20.30
CA VAL B 108 -8.90 27.70 21.03
C VAL B 108 -8.66 27.12 22.41
N GLU B 109 -9.70 26.62 23.06
CA GLU B 109 -9.54 25.95 24.35
C GLU B 109 -8.57 24.78 24.23
N VAL B 110 -8.79 23.93 23.21
CA VAL B 110 -7.89 22.79 23.02
C VAL B 110 -6.47 23.26 22.72
N PHE B 111 -6.34 24.29 21.90
CA PHE B 111 -5.01 24.79 21.52
C PHE B 111 -4.26 25.32 22.73
N LYS B 112 -4.95 26.05 23.60
CA LYS B 112 -4.32 26.55 24.82
C LYS B 112 -3.92 25.39 25.73
N GLY B 113 -4.78 24.37 25.84
CA GLY B 113 -4.41 23.20 26.61
C GLY B 113 -3.15 22.53 26.08
N VAL B 114 -3.00 22.51 24.76
CA VAL B 114 -1.78 21.96 24.17
C VAL B 114 -0.58 22.86 24.47
N ALA B 115 -0.77 24.18 24.35
CA ALA B 115 0.32 25.13 24.58
C ALA B 115 0.86 25.00 26.00
N GLU B 116 -0.04 24.86 26.97
CA GLU B 116 0.37 24.66 28.36
C GLU B 116 0.86 23.24 28.62
N GLY B 117 0.79 22.35 27.63
CA GLY B 117 1.24 20.98 27.81
C GLY B 117 0.37 20.15 28.72
N ARG B 118 -0.93 20.47 28.79
CA ARG B 118 -1.85 19.71 29.63
C ARG B 118 -2.58 18.61 28.87
N PHE B 119 -2.72 18.74 27.55
CA PHE B 119 -3.47 17.79 26.75
C PHE B 119 -2.48 16.89 26.01
N GLN B 120 -2.35 15.64 26.48
CA GLN B 120 -1.39 14.72 25.89
C GLN B 120 -1.84 14.18 24.53
N TYR B 121 -3.14 14.23 24.24
CA TYR B 121 -3.67 13.60 23.03
C TYR B 121 -3.73 14.55 21.85
N TYR B 122 -3.30 15.79 22.00
CA TYR B 122 -3.19 16.73 20.89
C TYR B 122 -1.83 17.40 20.95
N LYS B 123 -1.27 17.70 19.78
CA LYS B 123 0.08 18.21 19.68
C LYS B 123 0.15 19.36 18.71
N LEU B 124 1.25 20.10 18.76
CA LEU B 124 1.55 21.13 17.77
C LEU B 124 2.18 20.46 16.56
N THR B 125 1.46 20.46 15.44
CA THR B 125 1.89 19.76 14.24
C THR B 125 2.53 20.67 13.21
N ASP B 126 1.89 21.78 12.88
CA ASP B 126 2.44 22.75 11.93
C ASP B 126 3.03 23.92 12.72
N VAL B 127 4.26 23.71 13.20
CA VAL B 127 4.97 24.75 13.95
C VAL B 127 5.27 25.95 13.06
N GLU B 128 5.48 25.71 11.76
CA GLU B 128 5.79 26.82 10.85
C GLU B 128 4.62 27.79 10.74
N LYS B 129 3.41 27.26 10.52
CA LYS B 129 2.24 28.13 10.47
C LYS B 129 1.99 28.79 11.82
N LEU B 130 2.31 28.09 12.91
CA LEU B 130 2.22 28.68 14.24
C LEU B 130 3.08 29.94 14.33
N LYS B 131 4.35 29.85 13.90
CA LYS B 131 5.23 31.01 13.93
C LYS B 131 4.78 32.09 12.96
N SER B 132 4.29 31.68 11.78
CA SER B 132 3.80 32.64 10.80
C SER B 132 2.68 33.49 11.39
N LEU B 133 1.64 32.83 11.92
CA LEU B 133 0.52 33.54 12.52
C LEU B 133 0.97 34.38 13.71
N ALA B 134 1.84 33.83 14.57
CA ALA B 134 2.27 34.57 15.74
C ALA B 134 2.99 35.85 15.35
N GLU B 135 3.88 35.79 14.36
CA GLU B 135 4.58 36.98 13.90
C GLU B 135 3.62 37.97 13.26
N THR B 136 2.68 37.48 12.44
CA THR B 136 1.70 38.38 11.83
C THR B 136 0.90 39.14 12.88
N LEU B 137 0.60 38.48 14.01
CA LEU B 137 -0.18 39.10 15.07
C LEU B 137 0.65 39.99 15.99
N GLY B 138 1.96 40.05 15.79
CA GLY B 138 2.81 40.90 16.59
C GLY B 138 3.61 40.19 17.68
N ILE B 139 3.69 38.87 17.64
CA ILE B 139 4.41 38.10 18.65
C ILE B 139 5.73 37.66 18.06
N SER B 140 6.83 38.12 18.64
CA SER B 140 8.15 37.73 18.17
C SER B 140 8.45 36.30 18.61
N THR B 141 8.92 35.48 17.68
CA THR B 141 9.14 34.06 17.92
C THR B 141 10.59 33.71 18.19
N GLU B 142 11.51 34.66 18.07
CA GLU B 142 12.93 34.33 18.19
C GLU B 142 13.31 34.06 19.63
N GLY B 143 13.96 32.93 19.85
CA GLY B 143 14.43 32.57 21.17
C GLY B 143 13.37 32.03 22.11
N LYS B 144 12.32 31.42 21.57
CA LYS B 144 11.21 30.94 22.38
C LYS B 144 10.85 29.51 22.01
N ASP B 145 10.29 28.80 22.98
CA ASP B 145 9.78 27.45 22.76
C ASP B 145 8.68 27.45 21.71
N GLU B 146 8.43 26.27 21.14
CA GLU B 146 7.19 26.07 20.39
C GLU B 146 5.98 26.33 21.27
N HIS B 147 5.98 25.76 22.47
CA HIS B 147 4.86 25.92 23.39
C HIS B 147 4.80 27.33 23.95
N GLU B 148 5.93 28.02 24.07
CA GLU B 148 5.90 29.42 24.50
C GLU B 148 5.22 30.30 23.47
N ILE B 149 5.60 30.14 22.20
CA ILE B 149 4.92 30.87 21.12
C ILE B 149 3.44 30.52 21.10
N ALA B 150 3.12 29.24 21.31
CA ALA B 150 1.71 28.82 21.32
C ALA B 150 0.96 29.45 22.48
N ARG B 151 1.61 29.61 23.63
CA ARG B 151 0.95 30.20 24.79
C ARG B 151 0.67 31.69 24.57
N GLU B 152 1.64 32.42 24.02
CA GLU B 152 1.40 33.83 23.72
C GLU B 152 0.29 34.00 22.68
N LEU B 153 0.35 33.21 21.61
CA LEU B 153 -0.70 33.24 20.60
C LEU B 153 -2.05 32.91 21.21
N ALA B 154 -2.09 31.95 22.14
CA ALA B 154 -3.35 31.54 22.75
C ALA B 154 -3.91 32.65 23.63
N GLU B 155 -3.05 33.37 24.34
CA GLU B 155 -3.52 34.56 25.07
C GLU B 155 -4.24 35.52 24.13
N VAL B 156 -3.57 35.89 23.03
CA VAL B 156 -4.19 36.83 22.09
C VAL B 156 -5.51 36.29 21.57
N LEU B 157 -5.50 35.05 21.06
CA LEU B 157 -6.70 34.50 20.43
C LEU B 157 -7.84 34.34 21.43
N GLU B 158 -7.53 33.86 22.64
CA GLU B 158 -8.49 33.87 23.74
C GLU B 158 -9.16 35.22 23.88
N TRP B 159 -8.39 36.29 23.81
CA TRP B 159 -9.00 37.59 23.99
C TRP B 159 -9.65 38.15 22.72
N GLU B 160 -9.52 37.46 21.59
CA GLU B 160 -10.25 37.89 20.38
C GLU B 160 -11.76 37.85 20.58
N PHE B 161 -12.27 36.99 21.46
CA PHE B 161 -13.70 36.79 21.55
C PHE B 161 -14.42 37.90 22.31
N GLY B 162 -13.76 38.52 23.29
CA GLY B 162 -14.44 39.55 24.05
C GLY B 162 -13.55 40.55 24.77
N LYS B 163 -12.54 41.09 24.09
CA LYS B 163 -11.69 42.07 24.72
C LYS B 163 -12.45 43.39 24.89
N PRO B 164 -12.11 44.17 25.94
CA PRO B 164 -12.97 45.31 26.33
C PRO B 164 -13.08 46.47 25.34
N GLY B 165 -11.96 46.99 24.86
CA GLY B 165 -11.96 48.30 24.24
C GLY B 165 -12.64 48.38 22.88
N ASP B 166 -12.39 49.50 22.21
CA ASP B 166 -12.87 49.75 20.84
C ASP B 166 -11.82 49.42 19.79
N GLU B 167 -10.67 48.90 20.18
CA GLU B 167 -9.62 48.57 19.24
C GLU B 167 -10.05 47.44 18.32
N PRO B 168 -9.51 47.37 17.11
CA PRO B 168 -9.92 46.32 16.18
C PRO B 168 -9.40 44.95 16.61
N LEU B 169 -10.03 43.92 16.05
CA LEU B 169 -9.58 42.55 16.30
C LEU B 169 -8.16 42.36 15.82
N ARG B 170 -7.36 41.61 16.60
CA ARG B 170 -5.97 41.40 16.24
C ARG B 170 -5.84 40.61 14.95
N MET B 171 -6.74 39.62 14.74
CA MET B 171 -6.65 38.77 13.56
C MET B 171 -6.80 39.56 12.26
N LEU B 172 -7.39 40.76 12.32
CA LEU B 172 -7.47 41.61 11.14
C LEU B 172 -6.10 42.00 10.61
N ALA B 173 -5.02 41.73 11.34
CA ALA B 173 -3.68 41.93 10.80
C ALA B 173 -3.41 41.02 9.61
N LEU B 174 -4.24 39.98 9.41
CA LEU B 174 -4.11 39.13 8.23
C LEU B 174 -4.75 39.74 6.98
N ALA B 175 -5.53 40.81 7.14
CA ALA B 175 -6.22 41.44 6.03
C ALA B 175 -5.33 42.46 5.33
N PRO B 176 -5.60 42.75 4.06
CA PRO B 176 -4.79 43.76 3.37
C PRO B 176 -5.05 45.15 3.92
N LYS B 177 -4.03 46.01 3.81
CA LYS B 177 -4.15 47.37 4.30
C LYS B 177 -5.23 48.13 3.54
N LYS B 178 -5.48 47.77 2.28
CA LYS B 178 -6.57 48.40 1.53
C LYS B 178 -7.93 48.04 2.13
N ARG B 179 -8.13 46.75 2.45
CA ARG B 179 -9.34 46.34 3.13
C ARG B 179 -9.49 47.05 4.48
N ILE B 180 -8.39 47.19 5.21
CA ILE B 180 -8.46 47.83 6.52
C ILE B 180 -8.82 49.31 6.38
N LYS B 181 -8.27 49.98 5.37
CA LYS B 181 -8.62 51.38 5.13
C LYS B 181 -10.09 51.52 4.76
N VAL B 182 -10.59 50.67 3.87
CA VAL B 182 -11.99 50.72 3.48
C VAL B 182 -12.89 50.48 4.69
N TRP B 183 -12.56 49.45 5.49
CA TRP B 183 -13.37 49.12 6.65
C TRP B 183 -13.36 50.25 7.68
N GLU B 184 -12.19 50.87 7.88
CA GLU B 184 -12.10 52.03 8.76
C GLU B 184 -13.01 53.15 8.28
N LYS B 185 -12.95 53.45 6.98
CA LYS B 185 -13.75 54.53 6.43
C LYS B 185 -15.24 54.26 6.60
N ALA B 186 -15.66 53.00 6.40
CA ALA B 186 -17.07 52.67 6.57
C ALA B 186 -17.47 52.52 8.04
N GLY B 187 -16.49 52.38 8.93
CA GLY B 187 -16.79 52.20 10.34
C GLY B 187 -17.29 50.83 10.71
N VAL B 188 -16.76 49.79 10.09
CA VAL B 188 -17.23 48.42 10.28
C VAL B 188 -16.12 47.51 10.82
N LEU B 189 -15.06 48.09 11.36
CA LEU B 189 -13.97 47.30 11.91
C LEU B 189 -14.44 46.50 13.12
N PRO B 190 -14.43 45.18 13.07
CA PRO B 190 -14.84 44.41 14.25
C PRO B 190 -13.88 44.60 15.40
N ARG B 191 -14.43 44.49 16.61
CA ARG B 191 -13.68 44.75 17.84
C ARG B 191 -13.58 43.52 18.73
N ALA B 192 -14.67 42.80 18.93
CA ALA B 192 -14.68 41.55 19.69
C ALA B 192 -15.89 40.75 19.22
N ILE B 193 -15.66 39.47 18.93
CA ILE B 193 -16.66 38.66 18.21
C ILE B 193 -17.97 38.58 19.00
N ASP B 194 -17.88 38.11 20.25
CA ASP B 194 -19.09 37.97 21.08
C ASP B 194 -19.78 39.31 21.27
N ARG B 195 -19.00 40.39 21.39
CA ARG B 195 -19.60 41.72 21.52
C ARG B 195 -20.40 42.08 20.27
N GLU B 196 -19.89 41.74 19.08
CA GLU B 196 -20.62 42.07 17.86
C GLU B 196 -21.91 41.26 17.76
N VAL B 197 -21.86 39.97 18.10
CA VAL B 197 -23.07 39.15 18.08
C VAL B 197 -24.12 39.73 19.02
N CYS B 198 -23.72 39.99 20.27
CA CYS B 198 -24.68 40.49 21.23
C CYS B 198 -25.13 41.90 20.89
N GLU B 199 -24.31 42.68 20.17
CA GLU B 199 -24.77 43.99 19.72
C GLU B 199 -25.83 43.87 18.65
N CYS B 200 -25.72 42.87 17.75
CA CYS B 200 -26.84 42.62 16.85
C CYS B 200 -28.10 42.29 17.65
N MET B 201 -27.96 41.42 18.65
CA MET B 201 -29.13 41.07 19.46
C MET B 201 -29.68 42.29 20.20
N HIS B 202 -28.84 43.27 20.51
CA HIS B 202 -29.31 44.50 21.14
C HIS B 202 -30.03 45.39 20.14
N ARG B 203 -29.41 45.63 18.99
CA ARG B 203 -29.98 46.54 18.00
C ARG B 203 -31.30 46.02 17.46
N THR B 204 -31.47 44.70 17.40
CA THR B 204 -32.71 44.14 16.88
C THR B 204 -33.81 44.08 17.92
N HIS B 205 -33.50 44.28 19.20
CA HIS B 205 -34.52 44.40 20.23
C HIS B 205 -35.50 45.51 19.88
N ILE B 206 -36.73 45.38 20.40
CA ILE B 206 -37.77 46.36 20.06
C ILE B 206 -37.36 47.74 20.55
N GLY B 207 -37.55 48.74 19.69
CA GLY B 207 -37.31 50.12 20.08
C GLY B 207 -35.85 50.51 20.22
N VAL B 208 -34.96 49.84 19.48
CA VAL B 208 -33.55 50.20 19.50
C VAL B 208 -33.17 50.79 18.15
N ASP B 209 -32.68 49.95 17.23
CA ASP B 209 -32.21 50.39 15.93
C ASP B 209 -33.24 50.03 14.87
N ALA B 210 -33.73 51.02 14.14
CA ALA B 210 -34.72 50.81 13.09
C ALA B 210 -34.21 51.21 11.71
N ASP B 211 -33.00 51.74 11.61
CA ASP B 211 -32.44 52.18 10.35
C ASP B 211 -31.86 50.98 9.59
N PRO B 212 -32.33 50.69 8.37
CA PRO B 212 -31.75 49.57 7.62
C PRO B 212 -30.27 49.72 7.36
N VAL B 213 -29.80 50.92 7.02
CA VAL B 213 -28.37 51.12 6.79
C VAL B 213 -27.60 50.91 8.08
N SER B 214 -28.13 51.41 9.20
CA SER B 214 -27.52 51.18 10.51
C SER B 214 -27.35 49.69 10.81
N LEU B 215 -28.47 48.96 10.72
CA LEU B 215 -28.47 47.55 11.07
C LEU B 215 -27.59 46.74 10.14
N LEU B 216 -27.63 47.03 8.84
CA LEU B 216 -26.83 46.26 7.89
C LEU B 216 -25.36 46.63 7.97
N LEU B 217 -25.03 47.86 8.36
CA LEU B 217 -23.63 48.19 8.60
C LEU B 217 -23.09 47.41 9.79
N HIS B 218 -23.86 47.33 10.88
CA HIS B 218 -23.39 46.47 11.97
C HIS B 218 -23.35 45.01 11.55
N GLY B 219 -24.23 44.59 10.64
CA GLY B 219 -24.14 43.25 10.10
C GLY B 219 -22.84 42.99 9.36
N ILE B 220 -22.42 43.98 8.57
CA ILE B 220 -21.11 43.91 7.90
C ILE B 220 -20.00 43.75 8.93
N ARG B 221 -20.06 44.56 9.99
CA ARG B 221 -19.04 44.49 11.04
C ARG B 221 -19.02 43.11 11.71
N THR B 222 -20.19 42.55 11.99
CA THR B 222 -20.27 41.23 12.62
C THR B 222 -19.76 40.14 11.70
N SER B 223 -20.14 40.20 10.42
CA SER B 223 -19.62 39.24 9.45
C SER B 223 -18.11 39.32 9.35
N LEU B 224 -17.56 40.53 9.41
CA LEU B 224 -16.10 40.68 9.38
C LEU B 224 -15.46 40.06 10.62
N ALA B 225 -16.09 40.22 11.78
CA ALA B 225 -15.63 39.52 12.97
C ALA B 225 -15.62 38.02 12.76
N ASP B 226 -16.61 37.50 12.03
CA ASP B 226 -16.65 36.07 11.75
C ASP B 226 -15.51 35.66 10.82
N GLY B 227 -15.46 36.24 9.63
CA GLY B 227 -14.59 35.70 8.58
C GLY B 227 -13.12 35.93 8.87
N TRP B 228 -12.76 37.15 9.25
CA TRP B 228 -11.35 37.50 9.41
C TRP B 228 -10.83 37.24 10.81
N SER B 229 -11.57 36.50 11.64
CA SER B 229 -11.07 36.16 12.97
C SER B 229 -11.64 34.84 13.45
N GLY B 230 -12.95 34.74 13.62
CA GLY B 230 -13.56 33.51 14.11
C GLY B 230 -13.27 32.30 13.24
N SER B 231 -13.76 32.32 12.00
CA SER B 231 -13.48 31.24 11.07
C SER B 231 -11.98 31.18 10.76
N MET B 232 -11.33 32.35 10.67
CA MET B 232 -9.90 32.38 10.45
C MET B 232 -9.15 31.66 11.57
N MET B 233 -9.55 31.90 12.82
CA MET B 233 -8.92 31.20 13.93
C MET B 233 -9.18 29.70 13.87
N ALA B 234 -10.42 29.31 13.58
CA ALA B 234 -10.73 27.88 13.46
C ALA B 234 -9.81 27.22 12.42
N THR B 235 -9.67 27.85 11.26
CA THR B 235 -8.84 27.29 10.19
C THR B 235 -7.38 27.22 10.60
N TYR B 236 -6.83 28.33 11.09
CA TYR B 236 -5.41 28.37 11.44
C TYR B 236 -5.07 27.39 12.54
N LEU B 237 -5.89 27.33 13.60
CA LEU B 237 -5.59 26.45 14.72
C LEU B 237 -5.83 24.99 14.37
N SER B 238 -6.82 24.68 13.53
CA SER B 238 -6.97 23.30 13.07
C SER B 238 -5.77 22.88 12.22
N ASP B 239 -5.28 23.79 11.36
CA ASP B 239 -4.08 23.49 10.58
C ASP B 239 -2.89 23.27 11.49
N ILE B 240 -2.76 24.05 12.57
CA ILE B 240 -1.63 23.89 13.47
C ILE B 240 -1.73 22.57 14.23
N LEU B 241 -2.92 22.24 14.75
CA LEU B 241 -3.07 21.08 15.61
C LEU B 241 -3.00 19.77 14.82
N PHE B 242 -3.63 19.72 13.65
CA PHE B 242 -3.76 18.48 12.90
C PHE B 242 -3.00 18.48 11.58
N GLY B 243 -2.33 19.57 11.23
CA GLY B 243 -1.57 19.61 9.99
C GLY B 243 -2.27 20.39 8.89
N THR B 244 -1.51 21.19 8.15
CA THR B 244 -2.07 21.92 7.03
C THR B 244 -2.31 20.97 5.87
N PRO B 245 -3.51 20.96 5.27
CA PRO B 245 -3.80 20.00 4.20
C PRO B 245 -2.86 20.16 3.01
N LYS B 246 -2.50 19.04 2.42
CA LYS B 246 -1.73 18.93 1.20
C LYS B 246 -2.51 18.06 0.22
N PRO B 247 -2.21 18.16 -1.08
CA PRO B 247 -2.99 17.40 -2.07
C PRO B 247 -2.96 15.91 -1.77
N LEU B 248 -4.14 15.30 -1.77
CA LEU B 248 -4.28 13.87 -1.57
C LEU B 248 -5.49 13.39 -2.37
N LYS B 249 -5.68 12.07 -2.40
CA LYS B 249 -6.79 11.45 -3.11
C LYS B 249 -7.66 10.68 -2.15
N ALA B 250 -8.97 10.72 -2.38
CA ALA B 250 -9.91 10.00 -1.53
C ALA B 250 -11.14 9.65 -2.35
N GLU B 251 -12.11 9.02 -1.70
CA GLU B 251 -13.34 8.57 -2.34
C GLU B 251 -14.53 9.36 -1.81
N ALA B 252 -15.50 9.58 -2.68
CA ALA B 252 -16.69 10.34 -2.35
C ALA B 252 -17.94 9.55 -2.72
N ASN B 253 -19.06 10.00 -2.16
CA ASN B 253 -20.42 9.44 -2.29
C ASN B 253 -20.60 8.22 -1.39
N LEU B 254 -21.85 7.76 -1.26
CA LEU B 254 -22.19 6.78 -0.24
C LEU B 254 -21.66 5.38 -0.52
N GLY B 255 -21.14 5.13 -1.72
CA GLY B 255 -20.50 3.84 -2.00
C GLY B 255 -19.30 3.55 -1.12
N VAL B 256 -18.80 4.55 -0.38
CA VAL B 256 -17.70 4.33 0.54
C VAL B 256 -18.12 3.54 1.77
N LEU B 257 -19.43 3.38 1.99
CA LEU B 257 -19.89 2.47 3.03
C LEU B 257 -19.61 1.03 2.60
N LYS B 258 -19.05 0.24 3.52
CA LYS B 258 -18.63 -1.12 3.22
C LYS B 258 -19.60 -2.11 3.84
N GLU B 259 -19.90 -3.17 3.09
CA GLU B 259 -20.75 -4.24 3.62
C GLU B 259 -20.00 -5.15 4.58
N ASP B 260 -18.68 -5.17 4.52
CA ASP B 260 -17.87 -6.09 5.31
C ASP B 260 -17.16 -5.45 6.49
N TYR B 261 -17.17 -4.11 6.58
CA TYR B 261 -16.52 -3.41 7.68
C TYR B 261 -17.57 -2.70 8.54
N VAL B 262 -17.18 -2.45 9.80
CA VAL B 262 -18.00 -1.62 10.68
C VAL B 262 -17.91 -0.17 10.17
N ASN B 263 -19.03 0.36 9.70
CA ASN B 263 -19.05 1.72 9.13
C ASN B 263 -19.35 2.74 10.22
N ILE B 264 -18.44 3.69 10.41
CA ILE B 264 -18.59 4.74 11.41
C ILE B 264 -18.64 6.09 10.69
N VAL B 265 -19.70 6.85 10.91
CA VAL B 265 -19.90 8.15 10.29
C VAL B 265 -19.53 9.24 11.28
N VAL B 266 -18.58 10.11 10.92
CA VAL B 266 -18.28 11.31 11.68
C VAL B 266 -19.01 12.47 11.01
N HIS B 267 -19.87 13.13 11.77
CA HIS B 267 -20.76 14.17 11.27
C HIS B 267 -20.67 15.37 12.20
N GLY B 268 -20.87 16.56 11.65
CA GLY B 268 -20.76 17.76 12.47
C GLY B 268 -19.79 18.79 11.93
N HIS B 269 -18.89 19.30 12.77
CA HIS B 269 -18.05 20.40 12.33
C HIS B 269 -16.65 20.44 12.92
N ASN B 270 -16.50 20.09 14.20
CA ASN B 270 -15.25 20.34 14.88
C ASN B 270 -14.28 19.18 14.70
N PRO B 271 -13.12 19.40 14.05
CA PRO B 271 -12.16 18.30 13.86
C PRO B 271 -11.55 17.80 15.16
N ILE B 272 -11.68 18.53 16.28
CA ILE B 272 -11.18 18.05 17.56
C ILE B 272 -11.72 16.67 17.87
N LEU B 273 -12.97 16.42 17.48
CA LEU B 273 -13.63 15.13 17.70
C LEU B 273 -13.35 14.14 16.58
N SER B 274 -13.61 14.55 15.33
CA SER B 274 -13.54 13.62 14.21
C SER B 274 -12.13 13.11 13.97
N THR B 275 -11.12 13.97 14.19
CA THR B 275 -9.73 13.53 14.07
C THR B 275 -9.45 12.39 15.04
N LYS B 276 -9.89 12.54 16.29
CA LYS B 276 -9.67 11.50 17.29
C LYS B 276 -10.42 10.24 16.93
N ILE B 277 -11.67 10.38 16.47
CA ILE B 277 -12.45 9.19 16.12
C ILE B 277 -11.77 8.42 14.99
N ALA B 278 -11.31 9.14 13.96
CA ALA B 278 -10.64 8.50 12.84
C ALA B 278 -9.34 7.84 13.27
N GLU B 279 -8.54 8.53 14.08
CA GLU B 279 -7.25 7.99 14.51
C GLU B 279 -7.45 6.73 15.36
N ILE B 280 -8.35 6.81 16.34
CA ILE B 280 -8.59 5.65 17.21
C ILE B 280 -9.16 4.48 16.42
N ALA B 281 -10.13 4.75 15.55
CA ALA B 281 -10.76 3.67 14.80
C ALA B 281 -9.77 2.98 13.87
N MET B 282 -9.01 3.76 13.10
CA MET B 282 -8.02 3.18 12.20
C MET B 282 -6.84 2.56 12.93
N SER B 283 -6.82 2.58 14.26
CA SER B 283 -5.73 1.96 15.01
C SER B 283 -5.86 0.44 14.97
N GLU B 284 -4.72 -0.23 15.17
CA GLU B 284 -4.68 -1.69 15.06
C GLU B 284 -5.58 -2.36 16.10
N GLU B 285 -5.70 -1.77 17.29
CA GLU B 285 -6.52 -2.37 18.34
C GLU B 285 -7.98 -2.45 17.91
N MET B 286 -8.52 -1.34 17.38
CA MET B 286 -9.92 -1.35 16.96
C MET B 286 -10.13 -2.23 15.74
N GLN B 287 -9.16 -2.29 14.83
CA GLN B 287 -9.27 -3.19 13.69
C GLN B 287 -9.33 -4.64 14.16
N LYS B 288 -8.50 -5.01 15.13
CA LYS B 288 -8.55 -6.37 15.67
C LYS B 288 -9.84 -6.62 16.43
N PHE B 289 -10.39 -5.60 17.10
CA PHE B 289 -11.68 -5.75 17.77
C PHE B 289 -12.79 -6.05 16.76
N ALA B 290 -12.83 -5.27 15.67
CA ALA B 290 -13.80 -5.53 14.61
C ALA B 290 -13.60 -6.93 14.03
N LYS B 291 -12.36 -7.33 13.80
CA LYS B 291 -12.09 -8.67 13.27
C LYS B 291 -12.56 -9.75 14.24
N LYS B 292 -12.47 -9.49 15.55
CA LYS B 292 -13.00 -10.42 16.53
C LYS B 292 -14.52 -10.39 16.57
N TYR B 293 -15.14 -9.33 16.06
CA TYR B 293 -16.60 -9.30 15.93
C TYR B 293 -17.10 -9.80 14.58
N GLY B 294 -16.21 -10.25 13.69
CA GLY B 294 -16.60 -10.88 12.45
C GLY B 294 -16.41 -10.04 11.20
N ALA B 295 -16.06 -8.77 11.34
CA ALA B 295 -15.86 -7.91 10.19
C ALA B 295 -14.40 -7.94 9.74
N LYS B 296 -14.15 -7.33 8.58
CA LYS B 296 -12.78 -7.19 8.10
C LYS B 296 -12.04 -6.06 8.80
N GLY B 297 -12.76 -5.16 9.46
CA GLY B 297 -12.16 -4.03 10.13
C GLY B 297 -13.18 -2.93 10.31
N VAL B 298 -12.69 -1.73 10.59
CA VAL B 298 -13.54 -0.55 10.74
C VAL B 298 -13.24 0.43 9.62
N ASN B 299 -14.29 1.06 9.11
CA ASN B 299 -14.21 1.99 7.99
C ASN B 299 -14.88 3.28 8.45
N VAL B 300 -14.09 4.33 8.60
CA VAL B 300 -14.59 5.63 9.05
C VAL B 300 -14.81 6.50 7.83
N VAL B 301 -16.04 6.99 7.70
CA VAL B 301 -16.45 7.92 6.65
C VAL B 301 -16.85 9.22 7.32
N GLY B 302 -16.88 10.28 6.52
CA GLY B 302 -17.20 11.61 7.03
C GLY B 302 -18.38 12.21 6.28
N MET B 303 -19.08 13.11 6.95
CA MET B 303 -20.18 13.86 6.35
C MET B 303 -20.02 15.33 6.68
N CYS B 304 -20.52 16.17 5.77
CA CYS B 304 -20.47 17.63 5.88
C CYS B 304 -19.08 18.12 6.29
N CYS B 305 -19.02 19.14 7.13
CA CYS B 305 -17.77 19.90 7.27
C CYS B 305 -16.72 19.16 8.09
N THR B 306 -17.10 18.45 9.15
CA THR B 306 -16.09 17.66 9.87
C THR B 306 -15.57 16.52 8.99
N GLY B 307 -16.44 15.98 8.13
CA GLY B 307 -15.97 15.05 7.12
C GLY B 307 -15.00 15.70 6.15
N ASN B 308 -15.27 16.95 5.79
CA ASN B 308 -14.33 17.70 4.96
C ASN B 308 -12.99 17.85 5.66
N GLU B 309 -13.00 18.09 6.97
CA GLU B 309 -11.75 18.24 7.72
C GLU B 309 -10.93 16.95 7.66
N VAL B 310 -11.56 15.83 8.01
CA VAL B 310 -10.82 14.57 8.01
C VAL B 310 -10.51 14.09 6.59
N LEU B 311 -11.20 14.62 5.58
CA LEU B 311 -10.84 14.30 4.20
C LEU B 311 -9.66 15.14 3.72
N MET B 312 -9.61 16.40 4.14
CA MET B 312 -8.50 17.27 3.76
C MET B 312 -7.20 16.85 4.44
N ARG B 313 -7.29 16.32 5.67
CA ARG B 313 -6.06 16.04 6.41
C ARG B 313 -5.69 14.56 6.45
N LEU B 314 -6.65 13.66 6.63
CA LEU B 314 -6.36 12.26 6.86
C LEU B 314 -6.71 11.34 5.69
N GLY B 315 -7.29 11.87 4.62
CA GLY B 315 -7.72 11.05 3.51
C GLY B 315 -9.00 10.28 3.76
N VAL B 316 -9.70 10.57 4.86
CA VAL B 316 -10.93 9.84 5.20
C VAL B 316 -11.98 10.07 4.12
N PRO B 317 -12.64 9.03 3.60
CA PRO B 317 -13.59 9.25 2.51
C PRO B 317 -14.84 9.99 2.98
N ILE B 318 -15.37 10.84 2.10
CA ILE B 318 -16.53 11.68 2.41
C ILE B 318 -17.77 10.98 1.87
N ALA B 319 -18.69 10.61 2.77
CA ALA B 319 -19.82 9.79 2.37
C ALA B 319 -20.95 10.59 1.75
N GLY B 320 -21.10 11.86 2.11
CA GLY B 320 -22.16 12.67 1.56
C GLY B 320 -22.25 14.01 2.26
N SER B 321 -23.15 14.84 1.73
CA SER B 321 -23.32 16.21 2.19
C SER B 321 -24.53 16.31 3.12
N PHE B 322 -25.08 17.52 3.25
CA PHE B 322 -26.10 17.81 4.25
C PHE B 322 -27.36 16.96 4.03
N LEU B 323 -28.04 17.18 2.92
CA LEU B 323 -29.31 16.53 2.63
C LEU B 323 -29.20 15.01 2.54
N MET B 324 -28.00 14.47 2.67
CA MET B 324 -27.78 13.03 2.59
C MET B 324 -27.63 12.37 3.96
N GLN B 325 -27.57 13.17 5.04
CA GLN B 325 -27.28 12.60 6.35
C GLN B 325 -28.34 11.58 6.77
N GLU B 326 -29.60 11.82 6.43
CA GLU B 326 -30.63 10.82 6.68
C GLU B 326 -30.42 9.60 5.80
N LEU B 327 -30.18 9.82 4.50
CA LEU B 327 -30.12 8.71 3.56
C LEU B 327 -28.99 7.76 3.89
N ALA B 328 -27.88 8.28 4.42
CA ALA B 328 -26.77 7.42 4.83
C ALA B 328 -27.24 6.37 5.82
N ILE B 329 -28.11 6.74 6.74
CA ILE B 329 -28.62 5.77 7.71
C ILE B 329 -29.57 4.79 7.03
N ILE B 330 -30.32 5.27 6.04
CA ILE B 330 -31.33 4.44 5.38
C ILE B 330 -30.69 3.31 4.59
N THR B 331 -29.43 3.49 4.15
CA THR B 331 -28.69 2.38 3.56
C THR B 331 -28.61 1.18 4.49
N GLY B 332 -28.76 1.38 5.80
CA GLY B 332 -28.76 0.31 6.75
C GLY B 332 -27.40 -0.19 7.18
N ALA B 333 -26.32 0.41 6.68
CA ALA B 333 -24.97 -0.05 6.96
C ALA B 333 -24.24 0.80 8.00
N VAL B 334 -24.92 1.78 8.59
CA VAL B 334 -24.28 2.69 9.54
C VAL B 334 -24.48 2.14 10.95
N GLU B 335 -23.38 1.69 11.57
CA GLU B 335 -23.45 1.25 12.95
C GLU B 335 -23.60 2.43 13.90
N ALA B 336 -22.87 3.51 13.65
CA ALA B 336 -22.92 4.69 14.49
C ALA B 336 -22.64 5.92 13.66
N ILE B 337 -23.30 7.02 14.02
CA ILE B 337 -22.99 8.34 13.48
C ILE B 337 -22.67 9.26 14.65
N ILE B 338 -21.45 9.78 14.68
CA ILE B 338 -20.95 10.59 15.78
C ILE B 338 -21.07 12.06 15.40
N VAL B 339 -21.62 12.87 16.30
CA VAL B 339 -21.91 14.27 16.00
C VAL B 339 -21.47 15.13 17.18
N ASP B 340 -21.21 16.41 16.87
CA ASP B 340 -20.93 17.40 17.90
C ASP B 340 -21.94 18.55 17.81
N TYR B 341 -21.88 19.39 16.78
CA TYR B 341 -22.89 20.42 16.58
C TYR B 341 -22.86 20.92 15.15
N GLN B 342 -23.95 21.62 14.80
CA GLN B 342 -24.18 22.34 13.55
C GLN B 342 -24.61 21.44 12.40
N CYS B 343 -25.76 21.81 11.81
CA CYS B 343 -26.38 21.18 10.65
C CYS B 343 -26.59 19.68 10.84
N ILE B 344 -27.02 19.31 12.04
CA ILE B 344 -27.36 17.93 12.39
C ILE B 344 -28.87 17.86 12.53
N MET B 345 -29.54 17.41 11.48
CA MET B 345 -30.99 17.28 11.50
C MET B 345 -31.42 16.46 12.71
N PRO B 346 -32.24 17.01 13.60
CA PRO B 346 -32.82 16.17 14.67
C PRO B 346 -33.52 14.94 14.13
N ALA B 347 -34.12 15.06 12.95
CA ALA B 347 -34.74 13.91 12.29
C ALA B 347 -33.82 12.71 12.19
N ILE B 348 -32.51 12.94 12.21
CA ILE B 348 -31.55 11.83 12.17
C ILE B 348 -31.94 10.78 13.20
N VAL B 349 -32.25 11.21 14.42
CA VAL B 349 -32.60 10.26 15.48
C VAL B 349 -33.82 9.44 15.05
N ASP B 350 -34.86 10.13 14.60
CA ASP B 350 -36.06 9.43 14.13
C ASP B 350 -35.70 8.38 13.09
N VAL B 351 -34.84 8.74 12.14
CA VAL B 351 -34.46 7.78 11.10
C VAL B 351 -33.72 6.61 11.75
N ALA B 352 -32.74 6.92 12.60
CA ALA B 352 -32.01 5.86 13.27
C ALA B 352 -32.90 5.05 14.20
N GLN B 353 -34.10 5.57 14.52
CA GLN B 353 -35.03 4.80 15.34
C GLN B 353 -35.41 3.50 14.67
N CYS B 354 -35.37 3.45 13.34
CA CYS B 354 -35.83 2.28 12.60
C CYS B 354 -34.75 1.23 12.40
N TYR B 355 -33.48 1.62 12.47
CA TYR B 355 -32.37 0.73 12.19
C TYR B 355 -31.62 0.40 13.47
N HIS B 356 -30.46 -0.24 13.33
CA HIS B 356 -29.53 -0.45 14.43
C HIS B 356 -28.64 0.75 14.67
N THR B 357 -28.62 1.70 13.73
CA THR B 357 -27.75 2.86 13.79
C THR B 357 -27.86 3.56 15.14
N LYS B 358 -26.73 3.86 15.74
CA LYS B 358 -26.68 4.61 17.00
C LYS B 358 -26.19 6.02 16.70
N VAL B 359 -27.05 7.00 16.95
CA VAL B 359 -26.67 8.41 16.86
C VAL B 359 -26.04 8.81 18.19
N ILE B 360 -24.80 9.27 18.15
CA ILE B 360 -24.05 9.60 19.35
C ILE B 360 -23.74 11.08 19.34
N THR B 361 -24.45 11.83 20.18
CA THR B 361 -24.07 13.21 20.47
C THR B 361 -22.96 13.22 21.51
N THR B 362 -22.07 14.21 21.39
CA THR B 362 -20.86 14.25 22.21
C THR B 362 -20.59 15.60 22.85
N GLU B 363 -21.34 16.65 22.51
CA GLU B 363 -20.99 17.97 22.97
C GLU B 363 -22.14 18.61 23.75
N PRO B 364 -21.84 19.28 24.86
CA PRO B 364 -22.92 19.84 25.71
C PRO B 364 -23.79 20.87 25.02
N LYS B 365 -23.38 21.43 23.89
CA LYS B 365 -24.21 22.38 23.16
C LYS B 365 -25.01 21.73 22.04
N GLY B 366 -24.84 20.43 21.81
CA GLY B 366 -25.53 19.76 20.74
C GLY B 366 -26.25 18.50 21.16
N HIS B 367 -27.38 18.65 21.84
CA HIS B 367 -28.19 17.52 22.27
C HIS B 367 -29.37 17.31 21.34
N ILE B 368 -29.73 16.03 21.16
CA ILE B 368 -30.95 15.65 20.46
C ILE B 368 -31.70 14.67 21.35
N PRO B 369 -32.98 14.89 21.63
CA PRO B 369 -33.71 13.96 22.49
C PRO B 369 -33.78 12.57 21.87
N GLY B 370 -33.42 11.56 22.66
CA GLY B 370 -33.38 10.20 22.18
C GLY B 370 -32.03 9.72 21.68
N ALA B 371 -31.07 10.62 21.50
CA ALA B 371 -29.74 10.23 21.08
C ALA B 371 -28.94 9.69 22.26
N VAL B 372 -27.96 8.84 21.94
CA VAL B 372 -26.98 8.41 22.92
C VAL B 372 -25.97 9.53 23.12
N HIS B 373 -25.82 9.99 24.35
CA HIS B 373 -24.92 11.10 24.65
C HIS B 373 -23.71 10.58 25.39
N ILE B 374 -22.57 10.58 24.70
CA ILE B 374 -21.27 10.27 25.27
C ILE B 374 -20.48 11.57 25.26
N GLU B 375 -20.47 12.27 26.40
CA GLU B 375 -19.86 13.59 26.44
C GLU B 375 -18.36 13.50 26.18
N PHE B 376 -17.89 14.26 25.19
CA PHE B 376 -16.50 14.26 24.78
C PHE B 376 -15.76 15.45 25.40
N ASN B 377 -14.54 15.21 25.85
CA ASN B 377 -13.66 16.26 26.35
C ASN B 377 -12.23 15.94 25.94
N ALA B 378 -11.41 16.98 25.83
CA ALA B 378 -10.05 16.82 25.34
C ALA B 378 -9.16 16.09 26.34
N GLU B 379 -9.43 16.24 27.65
CA GLU B 379 -8.56 15.66 28.66
C GLU B 379 -8.49 14.14 28.55
N LYS B 380 -9.60 13.50 28.20
CA LYS B 380 -9.68 12.06 28.03
C LYS B 380 -10.13 11.71 26.61
N ALA B 381 -9.60 12.43 25.62
CA ALA B 381 -10.08 12.28 24.25
C ALA B 381 -9.90 10.85 23.75
N ASP B 382 -8.76 10.24 24.04
CA ASP B 382 -8.50 8.89 23.56
C ASP B 382 -9.45 7.87 24.20
N GLU B 383 -9.62 7.96 25.52
CA GLU B 383 -10.51 7.03 26.21
C GLU B 383 -11.94 7.14 25.66
N ILE B 384 -12.43 8.38 25.51
CA ILE B 384 -13.78 8.61 25.01
C ILE B 384 -13.93 8.08 23.58
N ALA B 385 -12.93 8.35 22.73
CA ALA B 385 -13.00 7.91 21.34
C ALA B 385 -13.01 6.39 21.23
N LYS B 386 -12.19 5.72 22.05
CA LYS B 386 -12.19 4.26 22.00
C LYS B 386 -13.49 3.68 22.55
N GLU B 387 -14.06 4.30 23.59
CA GLU B 387 -15.38 3.86 24.04
C GLU B 387 -16.41 4.00 22.93
N ILE B 388 -16.38 5.11 22.20
CA ILE B 388 -17.38 5.38 21.16
C ILE B 388 -17.25 4.37 20.01
N VAL B 389 -16.02 4.17 19.53
CA VAL B 389 -15.87 3.24 18.41
C VAL B 389 -16.03 1.80 18.86
N ARG B 390 -15.82 1.49 20.15
CA ARG B 390 -16.17 0.17 20.66
C ARG B 390 -17.68 -0.02 20.66
N ILE B 391 -18.44 1.00 21.03
CA ILE B 391 -19.90 0.93 20.92
C ILE B 391 -20.30 0.70 19.47
N ALA B 392 -19.59 1.33 18.54
CA ALA B 392 -19.91 1.16 17.12
C ALA B 392 -19.60 -0.25 16.64
N ILE B 393 -18.50 -0.83 17.14
CA ILE B 393 -18.11 -2.18 16.71
C ILE B 393 -19.06 -3.21 17.30
N GLU B 394 -19.34 -3.11 18.61
CA GLU B 394 -20.26 -4.03 19.27
C GLU B 394 -21.67 -3.95 18.71
N ASN B 395 -21.95 -2.98 17.84
CA ASN B 395 -23.23 -2.87 17.16
C ASN B 395 -23.26 -3.55 15.81
N TYR B 396 -22.10 -4.04 15.34
CA TYR B 396 -22.05 -4.69 14.03
C TYR B 396 -22.95 -5.90 13.90
N PRO B 397 -23.03 -6.83 14.86
CA PRO B 397 -23.91 -8.00 14.68
C PRO B 397 -25.37 -7.66 14.47
N ASN B 398 -25.81 -6.47 14.86
CA ASN B 398 -27.22 -6.09 14.78
C ASN B 398 -27.60 -5.44 13.46
N ARG B 399 -26.71 -5.44 12.47
CA ARG B 399 -27.03 -4.79 11.20
C ARG B 399 -28.17 -5.53 10.51
N PRO B 400 -29.30 -4.87 10.26
CA PRO B 400 -30.39 -5.54 9.53
C PRO B 400 -30.00 -5.82 8.08
N ARG B 401 -29.18 -6.85 7.88
CA ARG B 401 -28.69 -7.17 6.55
C ARG B 401 -29.81 -7.53 5.58
N ASP B 402 -31.02 -7.78 6.07
CA ASP B 402 -32.18 -7.94 5.20
C ASP B 402 -32.60 -6.63 4.56
N ARG B 403 -32.14 -5.49 5.09
CA ARG B 403 -32.54 -4.18 4.60
C ARG B 403 -31.36 -3.28 4.26
N VAL B 404 -30.19 -3.86 4.00
CA VAL B 404 -29.01 -3.08 3.65
C VAL B 404 -29.06 -2.77 2.17
N HIS B 405 -28.80 -1.50 1.80
CA HIS B 405 -28.75 -1.09 0.40
C HIS B 405 -27.76 0.08 0.28
N ILE B 406 -26.48 -0.26 0.17
CA ILE B 406 -25.44 0.73 -0.06
C ILE B 406 -25.36 1.02 -1.56
N PRO B 407 -25.72 2.22 -2.00
CA PRO B 407 -25.68 2.52 -3.45
C PRO B 407 -24.26 2.44 -3.98
N LYS B 408 -24.07 1.63 -5.01
CA LYS B 408 -22.76 1.36 -5.60
C LYS B 408 -22.29 2.59 -6.38
N HIS B 409 -21.84 3.61 -5.65
CA HIS B 409 -21.36 4.83 -6.29
C HIS B 409 -20.28 5.47 -5.43
N LYS B 410 -19.03 5.34 -5.87
CA LYS B 410 -17.90 6.10 -5.34
C LYS B 410 -17.36 7.00 -6.44
N MET B 411 -16.54 7.96 -6.05
CA MET B 411 -15.86 8.78 -7.04
C MET B 411 -14.54 9.27 -6.49
N GLU B 412 -13.49 9.17 -7.31
CA GLU B 412 -12.19 9.69 -6.93
C GLU B 412 -12.24 11.22 -6.83
N ALA B 413 -11.58 11.75 -5.80
CA ALA B 413 -11.51 13.19 -5.60
C ALA B 413 -10.14 13.57 -5.08
N ILE B 414 -9.58 14.63 -5.64
CA ILE B 414 -8.29 15.18 -5.22
C ILE B 414 -8.58 16.39 -4.34
N ALA B 415 -8.19 16.30 -3.07
CA ALA B 415 -8.48 17.36 -2.11
C ALA B 415 -7.21 17.81 -1.38
N GLY B 416 -7.39 18.63 -0.35
CA GLY B 416 -6.26 19.14 0.40
C GLY B 416 -5.64 20.40 -0.16
N PHE B 417 -6.43 21.23 -0.85
CA PHE B 417 -5.89 22.42 -1.50
C PHE B 417 -6.05 23.63 -0.60
N SER B 418 -5.24 23.64 0.45
CA SER B 418 -5.05 24.85 1.25
C SER B 418 -4.33 25.91 0.42
N VAL B 419 -4.31 27.13 0.93
CA VAL B 419 -3.52 28.18 0.30
C VAL B 419 -2.06 27.75 0.22
N GLU B 420 -1.58 27.06 1.25
CA GLU B 420 -0.20 26.57 1.25
C GLU B 420 0.02 25.55 0.14
N ALA B 421 -0.91 24.60 0.00
CA ALA B 421 -0.78 23.61 -1.07
C ALA B 421 -0.83 24.25 -2.44
N ILE B 422 -1.62 25.32 -2.60
CA ILE B 422 -1.75 25.98 -3.88
C ILE B 422 -0.48 26.74 -4.23
N VAL B 423 0.08 27.48 -3.27
CA VAL B 423 1.33 28.19 -3.55
C VAL B 423 2.46 27.20 -3.79
N GLU B 424 2.45 26.07 -3.07
CA GLU B 424 3.50 25.07 -3.24
C GLU B 424 3.40 24.39 -4.60
N ALA B 425 2.17 24.17 -5.09
CA ALA B 425 1.99 23.55 -6.40
C ALA B 425 2.40 24.49 -7.53
N LEU B 426 2.37 25.79 -7.30
CA LEU B 426 2.78 26.77 -8.30
C LEU B 426 4.28 27.01 -8.32
N GLY B 427 5.05 26.21 -7.57
CA GLY B 427 6.49 26.36 -7.53
C GLY B 427 7.03 27.11 -6.34
N GLY B 428 6.16 27.52 -5.41
CA GLY B 428 6.57 28.27 -4.24
C GLY B 428 6.14 29.72 -4.24
N THR B 429 5.51 30.20 -5.30
CA THR B 429 5.03 31.57 -5.37
C THR B 429 3.75 31.59 -6.19
N LEU B 430 3.12 32.76 -6.24
CA LEU B 430 1.90 32.95 -7.00
C LEU B 430 2.15 33.50 -8.39
N GLU B 431 3.42 33.78 -8.74
CA GLU B 431 3.76 34.31 -10.06
C GLU B 431 3.13 33.55 -11.22
N PRO B 432 3.17 32.21 -11.27
CA PRO B 432 2.50 31.52 -12.38
C PRO B 432 1.02 31.86 -12.48
N LEU B 433 0.32 31.88 -11.34
CA LEU B 433 -1.12 32.17 -11.36
C LEU B 433 -1.39 33.62 -11.74
N ILE B 434 -0.56 34.55 -11.22
CA ILE B 434 -0.71 35.96 -11.59
C ILE B 434 -0.54 36.14 -13.09
N ASN B 435 0.52 35.55 -13.65
CA ASN B 435 0.74 35.63 -15.09
C ASN B 435 -0.42 35.02 -15.85
N ALA B 436 -0.86 33.84 -15.43
CA ALA B 436 -1.97 33.16 -16.11
C ALA B 436 -3.23 33.99 -16.08
N LEU B 437 -3.48 34.70 -14.99
CA LEU B 437 -4.64 35.59 -14.92
C LEU B 437 -4.46 36.77 -15.85
N ARG B 438 -3.24 37.29 -15.98
CA ARG B 438 -3.03 38.45 -16.83
C ARG B 438 -3.17 38.09 -18.31
N ASP B 439 -2.71 36.91 -18.71
CA ASP B 439 -2.82 36.52 -20.12
C ASP B 439 -4.26 36.31 -20.53
N GLY B 440 -5.08 35.76 -19.64
CA GLY B 440 -6.39 35.25 -20.00
C GLY B 440 -6.45 33.74 -20.05
N THR B 441 -5.32 33.06 -19.90
CA THR B 441 -5.31 31.61 -19.74
C THR B 441 -6.33 31.20 -18.68
N ILE B 442 -6.32 31.89 -17.55
CA ILE B 442 -7.36 31.79 -16.53
C ILE B 442 -8.08 33.12 -16.51
N LYS B 443 -9.39 33.09 -16.81
CA LYS B 443 -10.16 34.33 -16.83
C LYS B 443 -10.34 34.91 -15.44
N GLY B 444 -10.55 34.05 -14.45
CA GLY B 444 -10.73 34.50 -13.08
C GLY B 444 -10.83 33.31 -12.15
N ILE B 445 -11.08 33.61 -10.88
CA ILE B 445 -11.26 32.61 -9.84
C ILE B 445 -12.61 32.82 -9.18
N VAL B 446 -13.30 31.73 -8.88
CA VAL B 446 -14.60 31.79 -8.22
C VAL B 446 -14.64 30.78 -7.09
N GLY B 447 -15.03 31.24 -5.90
CA GLY B 447 -15.20 30.39 -4.76
C GLY B 447 -16.66 30.03 -4.56
N ILE B 448 -16.93 28.73 -4.56
CA ILE B 448 -18.27 28.20 -4.40
C ILE B 448 -18.37 27.53 -3.03
N VAL B 449 -19.37 27.94 -2.26
CA VAL B 449 -19.52 27.57 -0.86
C VAL B 449 -20.98 27.22 -0.60
N GLY B 450 -21.29 26.89 0.63
CA GLY B 450 -22.66 26.87 1.09
C GLY B 450 -23.21 25.46 1.28
N CYS B 451 -24.51 25.43 1.57
CA CYS B 451 -25.21 24.29 2.11
C CYS B 451 -25.90 23.49 1.01
N ASN B 452 -26.86 22.65 1.40
CA ASN B 452 -27.89 22.11 0.53
C ASN B 452 -29.23 22.66 0.97
N ASN B 453 -30.16 22.78 0.02
CA ASN B 453 -31.51 23.24 0.33
C ASN B 453 -32.50 22.46 -0.52
N PRO B 454 -33.40 21.69 0.11
CA PRO B 454 -34.33 20.86 -0.68
C PRO B 454 -35.32 21.66 -1.51
N LYS B 455 -35.40 22.99 -1.34
CA LYS B 455 -36.21 23.80 -2.21
C LYS B 455 -35.66 23.90 -3.62
N VAL B 456 -34.40 23.51 -3.82
CA VAL B 456 -33.76 23.52 -5.13
C VAL B 456 -33.15 22.15 -5.37
N LYS B 457 -33.07 21.75 -6.64
CA LYS B 457 -32.60 20.43 -7.02
C LYS B 457 -31.25 20.13 -6.37
N HIS B 458 -31.21 19.04 -5.61
CA HIS B 458 -30.06 18.71 -4.78
C HIS B 458 -28.79 18.57 -5.61
N ASN B 459 -27.82 19.43 -5.34
CA ASN B 459 -26.48 19.47 -5.94
C ASN B 459 -26.49 19.85 -7.42
N TYR B 460 -27.65 20.16 -8.00
CA TYR B 460 -27.68 20.49 -9.42
C TYR B 460 -26.98 21.83 -9.69
N SER B 461 -27.25 22.84 -8.85
CA SER B 461 -26.69 24.15 -9.12
C SER B 461 -25.21 24.20 -8.78
N HIS B 462 -24.79 23.54 -7.70
CA HIS B 462 -23.37 23.39 -7.41
C HIS B 462 -22.61 22.90 -8.63
N VAL B 463 -22.98 21.70 -9.11
CA VAL B 463 -22.28 21.06 -10.22
C VAL B 463 -22.39 21.91 -11.49
N THR B 464 -23.60 22.40 -11.78
CA THR B 464 -23.83 23.12 -13.02
C THR B 464 -23.01 24.42 -13.06
N LEU B 465 -23.01 25.17 -11.96
CA LEU B 465 -22.24 26.40 -11.90
C LEU B 465 -20.75 26.10 -12.05
N ALA B 466 -20.25 25.08 -11.34
CA ALA B 466 -18.84 24.73 -11.47
C ALA B 466 -18.49 24.38 -12.90
N LYS B 467 -19.34 23.58 -13.57
CA LYS B 467 -19.08 23.19 -14.95
C LYS B 467 -19.05 24.39 -15.88
N GLU B 468 -20.09 25.23 -15.80
CA GLU B 468 -20.19 26.39 -16.68
C GLU B 468 -19.02 27.35 -16.46
N LEU B 469 -18.49 27.40 -15.24
CA LEU B 469 -17.35 28.27 -15.00
C LEU B 469 -16.06 27.66 -15.56
N ILE B 470 -15.76 26.40 -15.23
CA ILE B 470 -14.50 25.82 -15.68
C ILE B 470 -14.44 25.74 -17.20
N LYS B 471 -15.58 25.53 -17.87
CA LYS B 471 -15.57 25.43 -19.32
C LYS B 471 -15.21 26.75 -19.99
N ARG B 472 -15.30 27.87 -19.28
CA ARG B 472 -14.87 29.17 -19.79
C ARG B 472 -13.57 29.62 -19.14
N ASP B 473 -12.70 28.67 -18.78
CA ASP B 473 -11.37 28.96 -18.23
C ASP B 473 -11.45 29.74 -16.92
N VAL B 474 -12.50 29.51 -16.14
CA VAL B 474 -12.66 30.09 -14.82
C VAL B 474 -12.20 29.04 -13.80
N LEU B 475 -11.14 29.35 -13.06
CA LEU B 475 -10.68 28.45 -12.01
C LEU B 475 -11.68 28.46 -10.86
N VAL B 476 -12.19 27.28 -10.54
CA VAL B 476 -13.18 27.12 -9.49
C VAL B 476 -12.49 26.56 -8.26
N VAL B 477 -12.63 27.26 -7.13
CA VAL B 477 -12.25 26.72 -5.83
C VAL B 477 -13.50 26.78 -4.96
N GLY B 478 -13.51 26.01 -3.88
CA GLY B 478 -14.71 26.02 -3.06
C GLY B 478 -14.56 25.20 -1.80
N THR B 479 -15.56 25.36 -0.93
CA THR B 479 -15.58 24.73 0.39
C THR B 479 -16.94 24.09 0.66
N GLY B 480 -16.97 23.29 1.72
CA GLY B 480 -18.20 22.79 2.31
C GLY B 480 -18.93 21.75 1.48
N CYS B 481 -20.27 21.80 1.60
CA CYS B 481 -21.12 20.83 0.90
C CYS B 481 -21.07 21.01 -0.61
N TRP B 482 -20.70 22.20 -1.11
CA TRP B 482 -20.36 22.30 -2.53
C TRP B 482 -19.18 21.41 -2.85
N SER B 483 -18.15 21.43 -2.01
CA SER B 483 -17.00 20.58 -2.25
C SER B 483 -17.39 19.11 -2.23
N ILE B 484 -18.28 18.72 -1.32
CA ILE B 484 -18.74 17.34 -1.29
C ILE B 484 -19.49 17.01 -2.58
N ALA B 485 -20.34 17.93 -3.05
CA ALA B 485 -21.09 17.71 -4.29
C ALA B 485 -20.16 17.56 -5.48
N ALA B 486 -19.17 18.45 -5.59
CA ALA B 486 -18.24 18.40 -6.71
C ALA B 486 -17.37 17.14 -6.66
N ALA B 487 -17.01 16.70 -5.45
CA ALA B 487 -16.22 15.49 -5.32
C ALA B 487 -17.03 14.25 -5.70
N MET B 488 -18.33 14.25 -5.36
CA MET B 488 -19.16 13.10 -5.73
C MET B 488 -19.49 13.10 -7.20
N GLU B 489 -19.63 14.28 -7.81
CA GLU B 489 -19.93 14.36 -9.24
C GLU B 489 -18.74 13.92 -10.09
N GLY B 490 -17.52 14.17 -9.61
CA GLY B 490 -16.32 13.87 -10.37
C GLY B 490 -15.50 15.08 -10.76
N LEU B 491 -15.93 16.29 -10.37
CA LEU B 491 -15.23 17.51 -10.77
C LEU B 491 -13.88 17.68 -10.10
N MET B 492 -13.54 16.82 -9.13
CA MET B 492 -12.23 16.86 -8.47
C MET B 492 -11.38 15.65 -8.80
N SER B 493 -11.79 14.84 -9.79
CA SER B 493 -11.06 13.67 -10.23
C SER B 493 -10.00 14.05 -11.26
N PRO B 494 -9.01 13.18 -11.50
CA PRO B 494 -8.00 13.50 -12.51
C PRO B 494 -8.57 13.76 -13.90
N LYS B 495 -9.67 13.08 -14.28
CA LYS B 495 -10.25 13.28 -15.59
C LYS B 495 -11.13 14.52 -15.68
N ALA B 496 -11.44 15.17 -14.56
CA ALA B 496 -12.24 16.39 -14.59
C ALA B 496 -11.60 17.47 -15.43
N VAL B 497 -10.28 17.43 -15.61
CA VAL B 497 -9.56 18.35 -16.49
C VAL B 497 -10.19 18.40 -17.87
N ASP B 498 -10.83 17.30 -18.29
CA ASP B 498 -11.41 17.24 -19.62
C ASP B 498 -12.63 18.15 -19.78
N LEU B 499 -13.27 18.53 -18.68
CA LEU B 499 -14.38 19.47 -18.75
C LEU B 499 -13.93 20.92 -18.73
N ALA B 500 -12.65 21.18 -18.47
CA ALA B 500 -12.15 22.54 -18.40
C ALA B 500 -11.82 23.07 -19.79
N GLY B 501 -11.94 24.38 -19.94
CA GLY B 501 -11.62 25.05 -21.18
C GLY B 501 -10.16 24.92 -21.55
N PRO B 502 -9.76 25.54 -22.66
CA PRO B 502 -8.40 25.32 -23.19
C PRO B 502 -7.28 25.74 -22.25
N GLY B 503 -7.23 27.02 -21.89
CA GLY B 503 -6.15 27.50 -21.04
C GLY B 503 -6.16 26.87 -19.66
N LEU B 504 -7.35 26.73 -19.08
CA LEU B 504 -7.46 26.06 -17.78
C LEU B 504 -6.98 24.63 -17.86
N LYS B 505 -7.40 23.90 -18.91
CA LYS B 505 -6.90 22.55 -19.14
C LYS B 505 -5.38 22.51 -19.17
N LYS B 506 -4.78 23.42 -19.94
CA LYS B 506 -3.33 23.46 -20.07
C LYS B 506 -2.66 23.70 -18.72
N ILE B 507 -3.24 24.58 -17.90
CA ILE B 507 -2.54 24.91 -16.67
C ILE B 507 -2.70 23.81 -15.62
N CYS B 508 -3.91 23.24 -15.48
CA CYS B 508 -4.03 22.13 -14.54
C CYS B 508 -3.17 20.95 -14.97
N GLU B 509 -3.01 20.73 -16.28
CA GLU B 509 -2.08 19.68 -16.72
C GLU B 509 -0.64 20.05 -16.41
N ALA B 510 -0.30 21.33 -16.50
CA ALA B 510 1.03 21.77 -16.12
C ALA B 510 1.27 21.61 -14.62
N LEU B 511 0.21 21.67 -13.81
CA LEU B 511 0.33 21.63 -12.36
C LEU B 511 -0.17 20.33 -11.75
N ASN B 512 -0.72 19.42 -12.54
CA ASN B 512 -1.21 18.12 -12.05
C ASN B 512 -2.29 18.33 -10.98
N ILE B 513 -3.24 19.20 -11.28
CA ILE B 513 -4.32 19.52 -10.35
C ILE B 513 -5.64 19.41 -11.08
N PRO B 514 -6.75 19.30 -10.36
CA PRO B 514 -8.08 19.27 -11.01
C PRO B 514 -8.60 20.68 -11.24
N PRO B 515 -9.57 20.85 -12.14
CA PRO B 515 -10.06 22.20 -12.43
C PRO B 515 -10.82 22.86 -11.28
N CYS B 516 -11.25 22.10 -10.27
CA CYS B 516 -11.91 22.65 -9.10
C CYS B 516 -11.15 22.23 -7.85
N LEU B 517 -10.88 23.19 -6.97
CA LEU B 517 -10.00 23.01 -5.83
C LEU B 517 -10.80 22.94 -4.54
N HIS B 518 -10.67 21.82 -3.83
CA HIS B 518 -11.29 21.64 -2.52
C HIS B 518 -10.44 22.36 -1.48
N MET B 519 -10.99 23.41 -0.87
CA MET B 519 -10.26 24.20 0.12
C MET B 519 -10.75 23.98 1.54
N GLY B 520 -11.68 23.05 1.75
CA GLY B 520 -11.99 22.56 3.09
C GLY B 520 -13.44 22.79 3.46
N SER B 521 -13.65 23.04 4.76
CA SER B 521 -14.97 23.11 5.37
C SER B 521 -15.50 24.54 5.33
N CYS B 522 -16.60 24.79 6.05
CA CYS B 522 -17.22 26.11 6.03
CA CYS B 522 -17.22 26.11 6.02
C CYS B 522 -16.31 27.16 6.66
N VAL B 523 -15.66 26.81 7.77
CA VAL B 523 -14.72 27.74 8.38
C VAL B 523 -13.56 28.02 7.42
N ASP B 524 -13.21 27.03 6.61
CA ASP B 524 -12.12 27.16 5.64
C ASP B 524 -12.47 28.08 4.49
N CYS B 525 -13.69 28.64 4.45
CA CYS B 525 -13.93 29.79 3.59
C CYS B 525 -12.92 30.89 3.88
N SER B 526 -12.44 30.96 5.13
CA SER B 526 -11.39 31.91 5.47
C SER B 526 -10.19 31.76 4.55
N ARG B 527 -9.83 30.52 4.21
CA ARG B 527 -8.76 30.27 3.23
C ARG B 527 -8.96 31.12 1.98
N ILE B 528 -10.17 31.07 1.42
CA ILE B 528 -10.47 31.86 0.22
C ILE B 528 -10.10 33.31 0.46
N LEU B 529 -10.53 33.87 1.59
CA LEU B 529 -10.17 35.23 1.94
C LEU B 529 -8.65 35.43 1.84
N ILE B 530 -7.91 34.59 2.56
CA ILE B 530 -6.45 34.66 2.51
C ILE B 530 -5.98 34.65 1.06
N ALA B 531 -6.47 33.70 0.27
CA ALA B 531 -6.10 33.65 -1.14
C ALA B 531 -6.41 34.98 -1.81
N LEU B 532 -7.66 35.43 -1.70
CA LEU B 532 -8.05 36.68 -2.33
C LEU B 532 -7.24 37.84 -1.79
N GLY B 533 -6.78 37.74 -0.54
CA GLY B 533 -5.89 38.76 -0.02
C GLY B 533 -4.55 38.73 -0.73
N ALA B 534 -3.90 37.55 -0.77
CA ALA B 534 -2.56 37.44 -1.31
C ALA B 534 -2.50 37.99 -2.73
N LEU B 535 -3.30 37.41 -3.64
CA LEU B 535 -3.37 37.91 -5.01
C LEU B 535 -3.52 39.42 -5.04
N ALA B 536 -4.46 39.95 -4.23
CA ALA B 536 -4.74 41.38 -4.28
C ALA B 536 -3.50 42.20 -3.98
N ASP B 537 -2.69 41.76 -3.02
CA ASP B 537 -1.47 42.51 -2.73
C ASP B 537 -0.36 42.15 -3.70
N ALA B 538 -0.39 40.95 -4.27
CA ALA B 538 0.60 40.60 -5.28
C ALA B 538 0.49 41.50 -6.50
N LEU B 539 -0.73 41.94 -6.84
CA LEU B 539 -0.95 42.83 -7.96
C LEU B 539 -0.97 44.30 -7.56
N GLY B 540 -0.95 44.60 -6.25
CA GLY B 540 -1.05 45.98 -5.81
C GLY B 540 -2.42 46.59 -5.96
N VAL B 541 -3.48 45.77 -5.91
CA VAL B 541 -4.84 46.26 -6.02
C VAL B 541 -5.64 45.80 -4.81
N ASP B 542 -6.91 46.20 -4.75
CA ASP B 542 -7.81 45.75 -3.70
C ASP B 542 -8.48 44.44 -4.12
N ILE B 543 -9.04 43.74 -3.13
CA ILE B 543 -9.75 42.50 -3.40
C ILE B 543 -10.91 42.75 -4.37
N SER B 544 -11.56 43.90 -4.26
CA SER B 544 -12.69 44.20 -5.14
C SER B 544 -12.26 44.42 -6.59
N ASP B 545 -10.97 44.63 -6.84
CA ASP B 545 -10.48 44.75 -8.21
C ASP B 545 -10.27 43.41 -8.88
N LEU B 546 -10.11 42.34 -8.10
CA LEU B 546 -9.75 41.05 -8.68
C LEU B 546 -10.84 40.55 -9.62
N PRO B 547 -10.48 39.91 -10.73
CA PRO B 547 -11.49 39.17 -11.49
C PRO B 547 -11.96 37.95 -10.72
N ALA B 548 -12.81 38.17 -9.72
CA ALA B 548 -13.21 37.11 -8.81
C ALA B 548 -14.67 37.28 -8.42
N ALA B 549 -15.23 36.20 -7.86
CA ALA B 549 -16.61 36.21 -7.41
C ALA B 549 -16.80 35.09 -6.41
N GLY B 550 -17.88 35.19 -5.63
CA GLY B 550 -18.26 34.14 -4.71
C GLY B 550 -19.68 33.67 -4.97
N SER B 551 -20.03 32.48 -4.50
CA SER B 551 -21.35 31.93 -4.80
C SER B 551 -21.73 30.91 -3.73
N ALA B 552 -22.98 31.02 -3.26
CA ALA B 552 -23.63 30.00 -2.43
C ALA B 552 -24.87 29.54 -3.18
N PRO B 553 -24.74 28.54 -4.05
CA PRO B 553 -25.85 28.20 -4.95
C PRO B 553 -27.03 27.54 -4.26
N GLU B 554 -26.84 26.89 -3.12
CA GLU B 554 -27.91 26.14 -2.47
C GLU B 554 -27.87 26.36 -0.96
N TRP B 555 -27.67 27.61 -0.53
CA TRP B 555 -27.44 27.90 0.88
C TRP B 555 -28.73 27.75 1.69
N MET B 556 -28.55 27.49 2.99
CA MET B 556 -29.66 27.15 3.87
C MET B 556 -29.51 27.78 5.24
N SER B 557 -28.31 27.74 5.80
CA SER B 557 -28.09 28.07 7.21
C SER B 557 -27.79 29.56 7.40
N GLU B 558 -27.79 29.98 8.67
CA GLU B 558 -27.41 31.34 9.02
C GLU B 558 -25.89 31.53 8.95
N LYS B 559 -25.13 30.45 9.16
CA LYS B 559 -23.71 30.48 8.86
C LYS B 559 -23.47 30.89 7.40
N ALA B 560 -24.32 30.42 6.49
CA ALA B 560 -24.20 30.81 5.09
C ALA B 560 -24.47 32.30 4.92
N VAL B 561 -25.43 32.84 5.68
CA VAL B 561 -25.72 34.27 5.59
C VAL B 561 -24.50 35.08 6.03
N SER B 562 -23.87 34.68 7.14
CA SER B 562 -22.69 35.42 7.59
C SER B 562 -21.53 35.26 6.61
N ILE B 563 -21.35 34.06 6.05
CA ILE B 563 -20.29 33.85 5.07
C ILE B 563 -20.48 34.74 3.86
N GLY B 564 -21.70 34.74 3.30
CA GLY B 564 -21.97 35.61 2.16
C GLY B 564 -21.78 37.07 2.51
N THR B 565 -22.18 37.48 3.71
CA THR B 565 -22.04 38.88 4.09
C THR B 565 -20.58 39.29 4.21
N TYR B 566 -19.72 38.44 4.79
CA TYR B 566 -18.33 38.86 4.90
C TYR B 566 -17.56 38.68 3.59
N PHE B 567 -18.02 37.82 2.68
CA PHE B 567 -17.49 37.86 1.33
C PHE B 567 -17.83 39.18 0.65
N VAL B 568 -19.08 39.62 0.77
CA VAL B 568 -19.49 40.92 0.25
C VAL B 568 -18.63 42.03 0.87
N ALA B 569 -18.44 41.96 2.19
CA ALA B 569 -17.74 43.02 2.91
C ALA B 569 -16.25 43.04 2.61
N SER B 570 -15.66 41.93 2.21
CA SER B 570 -14.27 41.93 1.78
C SER B 570 -14.11 42.36 0.33
N GLY B 571 -15.20 42.74 -0.34
CA GLY B 571 -15.15 43.25 -1.69
C GLY B 571 -15.46 42.26 -2.79
N VAL B 572 -16.21 41.19 -2.50
CA VAL B 572 -16.41 40.10 -3.44
C VAL B 572 -17.86 40.14 -3.93
N PHE B 573 -18.02 40.23 -5.25
CA PHE B 573 -19.32 39.98 -5.88
C PHE B 573 -19.78 38.58 -5.49
N THR B 574 -20.91 38.52 -4.77
CA THR B 574 -21.35 37.31 -4.09
C THR B 574 -22.72 36.89 -4.60
N HIS B 575 -22.80 35.68 -5.16
CA HIS B 575 -24.01 35.16 -5.76
C HIS B 575 -24.75 34.27 -4.78
N LEU B 576 -26.07 34.42 -4.74
CA LEU B 576 -26.94 33.59 -3.91
C LEU B 576 -27.91 32.84 -4.82
N GLY B 577 -27.86 31.51 -4.76
CA GLY B 577 -28.77 30.68 -5.52
C GLY B 577 -30.10 30.43 -4.87
N VAL B 578 -30.23 30.80 -3.59
CA VAL B 578 -31.49 30.76 -2.86
C VAL B 578 -31.85 32.20 -2.50
N VAL B 579 -33.11 32.57 -2.74
CA VAL B 579 -33.56 33.94 -2.51
C VAL B 579 -33.61 34.21 -1.02
N PRO B 580 -32.81 35.14 -0.50
CA PRO B 580 -32.84 35.47 0.93
C PRO B 580 -34.15 36.14 1.28
N PRO B 581 -34.55 36.12 2.56
CA PRO B 581 -35.84 36.73 2.96
C PRO B 581 -35.75 38.24 3.04
N VAL B 582 -35.57 38.88 1.89
CA VAL B 582 -35.33 40.32 1.84
C VAL B 582 -36.24 40.98 0.81
N MET B 583 -36.94 40.17 0.00
CA MET B 583 -37.72 40.72 -1.09
C MET B 583 -39.00 41.43 -0.63
N GLY B 584 -39.33 41.35 0.65
CA GLY B 584 -40.44 42.14 1.17
C GLY B 584 -40.13 43.61 1.31
N SER B 585 -38.86 44.01 1.19
CA SER B 585 -38.45 45.40 1.31
C SER B 585 -37.54 45.73 0.13
N GLN B 586 -38.00 46.65 -0.72
CA GLN B 586 -37.19 47.03 -1.86
C GLN B 586 -35.97 47.84 -1.45
N LYS B 587 -36.07 48.63 -0.38
CA LYS B 587 -34.91 49.38 0.08
C LYS B 587 -33.80 48.44 0.54
N VAL B 588 -34.15 47.41 1.31
CA VAL B 588 -33.14 46.47 1.79
C VAL B 588 -32.55 45.69 0.61
N ALA B 589 -33.38 45.31 -0.35
CA ALA B 589 -32.88 44.58 -1.52
C ALA B 589 -31.92 45.45 -2.34
N LYS B 590 -32.26 46.73 -2.51
CA LYS B 590 -31.37 47.63 -3.24
C LYS B 590 -30.07 47.83 -2.48
N ILE B 591 -30.14 47.92 -1.15
CA ILE B 591 -28.93 48.05 -0.35
C ILE B 591 -28.05 46.82 -0.51
N LEU B 592 -28.67 45.63 -0.50
CA LEU B 592 -27.89 44.39 -0.54
C LEU B 592 -27.31 44.11 -1.92
N THR B 593 -28.02 44.48 -2.99
CA THR B 593 -27.61 44.11 -4.33
C THR B 593 -27.02 45.24 -5.14
N GLU B 594 -26.90 46.45 -4.58
CA GLU B 594 -26.33 47.56 -5.33
C GLU B 594 -25.60 48.55 -4.43
N ASP B 595 -26.32 49.11 -3.44
CA ASP B 595 -25.77 50.25 -2.70
C ASP B 595 -24.57 49.87 -1.84
N VAL B 596 -24.54 48.65 -1.31
CA VAL B 596 -23.45 48.24 -0.42
C VAL B 596 -22.11 48.31 -1.15
N GLU B 597 -22.11 48.10 -2.47
CA GLU B 597 -20.87 48.19 -3.24
C GLU B 597 -20.24 49.58 -3.14
N ASP B 598 -21.06 50.62 -3.02
CA ASP B 598 -20.53 51.97 -2.88
C ASP B 598 -19.78 52.18 -1.58
N ILE B 599 -19.97 51.30 -0.60
CA ILE B 599 -19.35 51.44 0.71
C ILE B 599 -18.21 50.44 0.89
N ILE B 600 -18.36 49.23 0.36
CA ILE B 600 -17.54 48.11 0.79
C ILE B 600 -16.93 47.36 -0.40
N GLY B 601 -17.37 47.68 -1.61
CA GLY B 601 -16.78 47.14 -2.81
C GLY B 601 -17.40 45.85 -3.33
N GLY B 602 -18.22 45.17 -2.54
CA GLY B 602 -18.91 43.98 -2.99
C GLY B 602 -20.41 44.15 -2.89
N LYS B 603 -21.14 43.17 -3.43
CA LYS B 603 -22.60 43.22 -3.40
C LYS B 603 -23.15 41.83 -3.66
N PHE B 604 -24.45 41.68 -3.39
CA PHE B 604 -25.15 40.42 -3.55
C PHE B 604 -25.82 40.35 -4.92
N TYR B 605 -25.93 39.13 -5.44
CA TYR B 605 -26.60 38.88 -6.71
C TYR B 605 -27.41 37.60 -6.58
N VAL B 606 -28.73 37.71 -6.69
CA VAL B 606 -29.63 36.61 -6.41
C VAL B 606 -30.11 36.00 -7.73
N GLU B 607 -29.84 34.72 -7.93
CA GLU B 607 -30.32 34.04 -9.12
C GLU B 607 -30.41 32.52 -8.89
N PRO B 608 -31.64 32.01 -8.79
CA PRO B 608 -31.83 30.56 -8.55
C PRO B 608 -31.60 29.69 -9.77
N ASP B 609 -31.15 30.23 -10.90
CA ASP B 609 -30.77 29.43 -12.05
C ASP B 609 -29.25 29.44 -12.18
N PRO B 610 -28.59 28.29 -12.12
CA PRO B 610 -27.12 28.28 -12.18
C PRO B 610 -26.54 28.68 -13.52
N VAL B 611 -27.27 28.51 -14.63
CA VAL B 611 -26.73 28.90 -15.93
C VAL B 611 -26.68 30.42 -16.06
N LYS B 612 -27.79 31.10 -15.74
CA LYS B 612 -27.77 32.56 -15.73
C LYS B 612 -26.79 33.08 -14.70
N ALA B 613 -26.65 32.38 -13.58
CA ALA B 613 -25.69 32.79 -12.56
C ALA B 613 -24.27 32.73 -13.10
N ALA B 614 -23.93 31.65 -13.81
CA ALA B 614 -22.61 31.55 -14.42
C ALA B 614 -22.40 32.63 -15.48
N GLU B 615 -23.43 32.91 -16.28
CA GLU B 615 -23.33 33.97 -17.28
C GLU B 615 -23.02 35.31 -16.62
N THR B 616 -23.76 35.65 -15.56
CA THR B 616 -23.55 36.92 -14.90
C THR B 616 -22.18 36.97 -14.21
N ILE B 617 -21.75 35.86 -13.60
CA ILE B 617 -20.45 35.84 -12.95
C ILE B 617 -19.34 36.00 -13.97
N TYR B 618 -19.48 35.37 -15.14
CA TYR B 618 -18.50 35.56 -16.21
C TYR B 618 -18.46 37.01 -16.69
N ASN B 619 -19.64 37.63 -16.83
CA ASN B 619 -19.66 39.04 -17.22
C ASN B 619 -18.98 39.91 -16.18
N VAL B 620 -19.20 39.59 -14.89
CA VAL B 620 -18.56 40.35 -13.82
C VAL B 620 -17.03 40.21 -13.90
N ILE B 621 -16.56 38.98 -14.10
CA ILE B 621 -15.12 38.75 -14.22
C ILE B 621 -14.55 39.51 -15.43
N LEU B 622 -15.31 39.55 -16.52
CA LEU B 622 -14.84 40.26 -17.71
C LEU B 622 -14.77 41.76 -17.48
N GLU B 623 -15.77 42.32 -16.78
CA GLU B 623 -15.70 43.75 -16.45
C GLU B 623 -14.53 44.05 -15.54
N LYS B 624 -14.27 43.17 -14.57
CA LYS B 624 -13.10 43.36 -13.70
C LYS B 624 -11.81 43.29 -14.49
N ARG B 625 -11.73 42.39 -15.48
CA ARG B 625 -10.55 42.33 -16.33
C ARG B 625 -10.40 43.61 -17.15
N LYS B 626 -11.51 44.13 -17.66
CA LYS B 626 -11.47 45.41 -18.38
C LYS B 626 -10.89 46.51 -17.50
N LYS B 627 -11.39 46.63 -16.27
CA LYS B 627 -10.93 47.69 -15.38
C LYS B 627 -9.45 47.57 -15.03
N LEU B 628 -8.87 46.38 -15.21
CA LEU B 628 -7.45 46.17 -14.94
C LEU B 628 -6.59 46.35 -16.18
N GLY B 629 -7.17 46.65 -17.33
CA GLY B 629 -6.41 46.75 -18.55
C GLY B 629 -5.85 45.42 -19.01
N TRP B 630 -6.58 44.32 -18.77
CA TRP B 630 -6.17 42.97 -19.09
C TRP B 630 -6.88 42.48 -20.35
N PRO B 631 -6.22 41.64 -21.15
CA PRO B 631 -6.91 41.00 -22.28
C PRO B 631 -8.03 40.12 -21.77
N LEU B 632 -9.13 40.11 -22.51
CA LEU B 632 -10.33 39.39 -22.10
C LEU B 632 -10.30 37.96 -22.61
N TYR C 4 16.36 -32.07 47.30
CA TYR C 4 14.96 -32.47 47.30
C TYR C 4 14.18 -31.68 46.25
N ILE C 5 13.65 -32.39 45.25
CA ILE C 5 12.87 -31.79 44.19
C ILE C 5 11.40 -32.10 44.44
N LYS C 6 10.61 -31.04 44.63
CA LYS C 6 9.19 -31.17 44.87
C LYS C 6 8.37 -30.65 43.71
N TYR C 7 8.90 -30.67 42.48
CA TYR C 7 8.08 -30.47 41.28
C TYR C 7 8.85 -31.04 40.10
N ARG C 8 8.37 -32.15 39.53
CA ARG C 8 9.06 -32.80 38.44
C ARG C 8 8.84 -32.04 37.13
N VAL C 9 9.89 -31.95 36.32
CA VAL C 9 9.87 -31.20 35.07
C VAL C 9 9.59 -32.17 33.93
N PRO C 10 8.69 -31.84 33.01
CA PRO C 10 8.54 -32.67 31.80
C PRO C 10 9.74 -32.51 30.88
N ALA C 11 10.76 -33.35 31.07
CA ALA C 11 12.03 -33.15 30.40
C ALA C 11 11.92 -33.32 28.90
N LYS C 12 11.11 -34.27 28.44
CA LYS C 12 11.03 -34.55 27.00
C LYS C 12 10.27 -33.49 26.22
N GLY C 13 9.81 -32.42 26.86
CA GLY C 13 9.05 -31.41 26.16
C GLY C 13 9.50 -29.98 26.40
N VAL C 14 10.51 -29.79 27.25
CA VAL C 14 10.89 -28.43 27.62
C VAL C 14 11.83 -27.80 26.58
N SER C 15 12.56 -28.60 25.81
CA SER C 15 13.61 -28.06 24.96
C SER C 15 13.58 -28.71 23.59
N ALA C 16 13.96 -27.93 22.58
CA ALA C 16 14.13 -28.41 21.22
C ALA C 16 15.59 -28.60 20.84
N THR C 17 16.49 -28.61 21.82
CA THR C 17 17.91 -28.88 21.61
C THR C 17 18.21 -30.27 22.16
N LYS C 18 18.83 -31.11 21.33
CA LYS C 18 19.03 -32.50 21.71
C LYS C 18 20.06 -32.61 22.83
N GLY C 19 19.81 -33.55 23.74
CA GLY C 19 20.66 -33.79 24.88
C GLY C 19 20.23 -33.11 26.16
N VAL C 20 19.31 -32.12 26.06
CA VAL C 20 18.92 -31.37 27.25
C VAL C 20 17.99 -32.18 28.13
N ALA C 21 17.07 -32.93 27.53
CA ALA C 21 16.13 -33.73 28.31
C ALA C 21 16.85 -34.79 29.15
N GLU C 22 17.84 -35.45 28.55
CA GLU C 22 18.62 -36.44 29.29
C GLU C 22 19.26 -35.83 30.52
N LEU C 23 19.85 -34.64 30.38
CA LEU C 23 20.56 -34.04 31.51
C LEU C 23 19.60 -33.50 32.55
N ILE C 24 18.44 -32.99 32.14
CA ILE C 24 17.42 -32.60 33.11
C ILE C 24 17.00 -33.82 33.93
N GLU C 25 16.74 -34.95 33.25
CA GLU C 25 16.39 -36.18 33.96
C GLU C 25 17.51 -36.62 34.88
N LYS C 26 18.76 -36.51 34.43
CA LYS C 26 19.90 -36.93 35.23
C LYS C 26 20.02 -36.08 36.49
N ALA C 27 19.88 -34.76 36.36
CA ALA C 27 19.89 -33.90 37.53
C ALA C 27 18.71 -34.18 38.45
N GLU C 28 17.56 -34.54 37.88
CA GLU C 28 16.41 -34.89 38.71
C GLU C 28 16.65 -36.20 39.47
N GLU C 29 17.46 -37.10 38.91
CA GLU C 29 17.81 -38.33 39.63
C GLU C 29 18.62 -38.03 40.88
N GLU C 30 19.54 -37.08 40.79
CA GLU C 30 20.47 -36.79 41.87
C GLU C 30 20.02 -35.66 42.79
N GLY C 31 18.75 -35.24 42.68
CA GLY C 31 18.23 -34.19 43.53
C GLY C 31 18.88 -32.84 43.32
N ILE C 32 19.14 -32.47 42.07
CA ILE C 32 19.78 -31.20 41.74
C ILE C 32 18.76 -30.35 40.99
N LYS C 33 18.31 -29.28 41.64
CA LYS C 33 17.38 -28.35 41.01
C LYS C 33 18.07 -27.58 39.89
N THR C 34 17.39 -27.46 38.76
CA THR C 34 17.82 -26.60 37.67
C THR C 34 16.87 -25.41 37.58
N ALA C 35 17.16 -24.51 36.63
CA ALA C 35 16.32 -23.33 36.44
C ALA C 35 14.87 -23.70 36.19
N TRP C 36 14.63 -24.81 35.49
CA TRP C 36 13.26 -25.27 35.25
C TRP C 36 12.58 -25.66 36.56
N HIS C 37 13.29 -26.41 37.41
CA HIS C 37 12.73 -26.81 38.70
C HIS C 37 12.40 -25.59 39.56
N ARG C 38 13.32 -24.63 39.63
CA ARG C 38 13.09 -23.45 40.45
C ARG C 38 11.98 -22.57 39.88
N LEU C 39 11.82 -22.57 38.55
CA LEU C 39 10.68 -21.89 37.96
C LEU C 39 9.37 -22.55 38.36
N LEU C 40 9.33 -23.88 38.36
CA LEU C 40 8.17 -24.59 38.88
C LEU C 40 7.91 -24.21 40.34
N GLU C 41 8.97 -24.15 41.14
CA GLU C 41 8.83 -23.86 42.56
C GLU C 41 8.37 -22.43 42.80
N GLN C 42 8.65 -21.52 41.87
CA GLN C 42 8.24 -20.13 42.02
C GLN C 42 6.82 -19.85 41.56
N GLN C 43 6.27 -20.68 40.67
CA GLN C 43 4.94 -20.43 40.14
C GLN C 43 3.88 -20.94 41.12
N PRO C 44 2.72 -20.26 41.19
CA PRO C 44 2.29 -19.14 40.34
C PRO C 44 2.88 -17.80 40.76
N GLN C 45 3.72 -17.22 39.89
CA GLN C 45 4.37 -15.97 40.20
C GLN C 45 3.37 -14.82 40.23
N CYS C 46 3.79 -13.71 40.81
CA CYS C 46 2.88 -12.59 41.06
C CYS C 46 2.36 -12.01 39.76
N ALA C 47 1.03 -11.81 39.71
CA ALA C 47 0.42 -11.20 38.53
C ALA C 47 0.76 -9.72 38.43
N PHE C 48 0.90 -9.03 39.56
CA PHE C 48 1.22 -7.61 39.53
C PHE C 48 2.60 -7.37 38.92
N GLY C 49 3.61 -8.11 39.38
CA GLY C 49 4.93 -7.97 38.81
C GLY C 49 4.98 -8.41 37.36
N GLN C 50 4.22 -9.44 37.01
CA GLN C 50 4.21 -9.91 35.63
C GLN C 50 3.56 -8.90 34.69
N LEU C 51 2.58 -8.14 35.17
CA LEU C 51 1.97 -7.08 34.38
C LEU C 51 2.67 -5.74 34.55
N GLY C 52 3.64 -5.65 35.45
CA GLY C 52 4.42 -4.45 35.62
C GLY C 52 3.83 -3.40 36.53
N VAL C 53 2.85 -3.77 37.35
CA VAL C 53 2.12 -2.78 38.14
C VAL C 53 2.40 -2.94 39.63
N CYS C 54 3.63 -3.29 39.99
CA CYS C 54 4.04 -3.22 41.39
C CYS C 54 5.30 -2.37 41.48
N CYS C 55 5.21 -1.29 42.26
CA CYS C 55 6.27 -0.31 42.41
C CYS C 55 6.89 -0.43 43.78
N ARG C 56 8.19 -0.13 43.83
CA ARG C 56 8.95 -0.24 45.06
C ARG C 56 10.05 0.80 45.12
N ASN C 57 9.83 1.98 44.56
CA ASN C 57 10.87 2.99 44.48
C ASN C 57 10.99 3.84 45.74
N CYS C 58 10.21 3.54 46.78
CA CYS C 58 10.31 4.28 48.03
C CYS C 58 9.69 3.43 49.14
N ALA C 59 10.01 3.80 50.38
CA ALA C 59 9.57 3.06 51.55
C ALA C 59 8.11 3.32 51.91
N MET C 60 7.41 4.19 51.19
CA MET C 60 5.96 4.27 51.33
C MET C 60 5.27 3.06 50.71
N GLY C 61 5.96 2.34 49.83
CA GLY C 61 5.43 1.14 49.24
C GLY C 61 5.74 -0.09 50.07
N PRO C 62 5.70 -1.28 49.45
CA PRO C 62 5.37 -1.54 48.04
C PRO C 62 3.92 -1.21 47.70
N CYS C 63 3.67 -0.76 46.47
CA CYS C 63 2.33 -0.36 46.04
C CYS C 63 1.91 -1.21 44.85
N ARG C 64 0.70 -1.74 44.91
CA ARG C 64 0.10 -2.48 43.81
C ARG C 64 -0.97 -1.63 43.13
N ILE C 65 -1.05 -1.74 41.81
CA ILE C 65 -2.12 -1.13 41.03
C ILE C 65 -2.95 -2.25 40.42
N ASP C 66 -4.27 -2.15 40.55
CA ASP C 66 -5.14 -3.11 39.91
C ASP C 66 -5.35 -2.74 38.45
N PRO C 67 -5.15 -3.68 37.52
CA PRO C 67 -5.37 -3.35 36.09
C PRO C 67 -6.79 -2.91 35.79
N PHE C 68 -7.79 -3.62 36.32
CA PHE C 68 -9.17 -3.15 36.17
C PHE C 68 -9.40 -1.88 36.98
N GLY C 69 -8.82 -1.80 38.17
CA GLY C 69 -9.16 -0.78 39.13
C GLY C 69 -10.03 -1.26 40.25
N SER C 70 -10.31 -2.58 40.31
CA SER C 70 -11.07 -3.14 41.42
C SER C 70 -10.41 -2.83 42.76
N GLY C 71 -9.08 -2.81 42.78
CA GLY C 71 -8.36 -2.35 43.95
C GLY C 71 -8.04 -0.88 43.83
N PRO C 72 -6.80 -0.51 44.14
CA PRO C 72 -6.39 0.89 44.03
C PRO C 72 -5.90 1.25 42.64
N THR C 73 -6.16 2.50 42.26
CA THR C 73 -5.69 3.03 40.99
C THR C 73 -4.33 3.70 41.11
N LYS C 74 -3.94 4.14 42.30
CA LYS C 74 -2.72 4.92 42.47
C LYS C 74 -1.95 4.43 43.69
N GLY C 75 -0.64 4.59 43.64
CA GLY C 75 0.20 4.35 44.78
C GLY C 75 0.06 5.48 45.80
N VAL C 76 0.81 5.35 46.90
CA VAL C 76 0.74 6.33 47.97
C VAL C 76 1.11 7.71 47.47
N CYS C 77 2.04 7.80 46.51
CA CYS C 77 2.39 9.08 45.89
C CYS C 77 1.40 9.53 44.84
N GLY C 78 0.45 8.68 44.46
CA GLY C 78 -0.51 9.01 43.43
C GLY C 78 -0.12 8.55 42.04
N ALA C 79 1.00 7.84 41.90
CA ALA C 79 1.43 7.36 40.59
C ALA C 79 0.45 6.32 40.05
N GLY C 80 0.14 6.42 38.76
CA GLY C 80 -0.76 5.49 38.11
C GLY C 80 -0.03 4.30 37.51
N ALA C 81 -0.83 3.39 36.96
CA ALA C 81 -0.26 2.19 36.33
C ALA C 81 0.64 2.56 35.15
N ASP C 82 0.26 3.57 34.38
CA ASP C 82 1.11 4.04 33.29
C ASP C 82 2.49 4.43 33.80
N THR C 83 2.53 5.27 34.84
CA THR C 83 3.80 5.74 35.38
C THR C 83 4.63 4.59 35.91
N ILE C 84 4.02 3.70 36.68
CA ILE C 84 4.77 2.60 37.30
C ILE C 84 5.31 1.65 36.24
N VAL C 85 4.49 1.34 35.23
CA VAL C 85 4.92 0.47 34.14
C VAL C 85 6.09 1.09 33.40
N ALA C 86 5.97 2.36 33.02
CA ALA C 86 7.02 3.02 32.27
C ALA C 86 8.30 3.13 33.09
N ARG C 87 8.19 3.37 34.40
CA ARG C 87 9.37 3.51 35.24
C ARG C 87 10.09 2.17 35.41
N ASN C 88 9.33 1.08 35.61
CA ASN C 88 9.96 -0.23 35.71
C ASN C 88 10.66 -0.61 34.40
N LEU C 89 10.02 -0.31 33.27
CA LEU C 89 10.66 -0.57 31.98
C LEU C 89 11.93 0.27 31.82
N LEU C 90 11.89 1.53 32.23
CA LEU C 90 13.06 2.39 32.11
C LEU C 90 14.20 1.87 32.98
N ARG C 91 13.89 1.34 34.16
CA ARG C 91 14.95 0.77 34.99
C ARG C 91 15.55 -0.48 34.36
N MET C 92 14.72 -1.30 33.72
CA MET C 92 15.26 -2.43 32.96
C MET C 92 16.21 -1.96 31.87
N ILE C 93 15.79 -0.96 31.09
CA ILE C 93 16.63 -0.42 30.02
C ILE C 93 17.93 0.11 30.59
N ALA C 94 17.87 0.81 31.72
CA ALA C 94 19.06 1.34 32.36
C ALA C 94 20.02 0.22 32.72
N ALA C 95 19.50 -0.86 33.30
CA ALA C 95 20.38 -1.96 33.72
C ALA C 95 21.03 -2.62 32.51
N GLY C 96 20.26 -2.82 31.43
CA GLY C 96 20.84 -3.44 30.25
C GLY C 96 21.93 -2.59 29.61
N ALA C 97 21.64 -1.30 29.41
CA ALA C 97 22.64 -0.39 28.88
C ALA C 97 23.85 -0.31 29.80
N ALA C 98 23.61 -0.41 31.11
CA ALA C 98 24.71 -0.36 32.08
C ALA C 98 25.63 -1.56 31.91
N ALA C 99 25.05 -2.76 31.81
CA ALA C 99 25.85 -3.96 31.61
C ALA C 99 26.69 -3.85 30.34
N HIS C 100 26.05 -3.46 29.23
CA HIS C 100 26.78 -3.37 27.98
C HIS C 100 27.88 -2.32 28.05
N SER C 101 27.62 -1.18 28.68
CA SER C 101 28.61 -0.13 28.74
C SER C 101 29.75 -0.46 29.69
N ASP C 102 29.49 -1.20 30.77
CA ASP C 102 30.57 -1.61 31.65
C ASP C 102 31.48 -2.62 30.96
N HIS C 103 30.88 -3.57 30.24
CA HIS C 103 31.63 -4.42 29.33
C HIS C 103 32.55 -3.58 28.42
N ALA C 104 31.94 -2.63 27.71
CA ALA C 104 32.70 -1.78 26.80
C ALA C 104 33.79 -1.00 27.52
N ARG C 105 33.52 -0.58 28.76
CA ARG C 105 34.50 0.22 29.51
C ARG C 105 35.72 -0.62 29.87
N ASP C 106 35.52 -1.87 30.27
CA ASP C 106 36.66 -2.74 30.52
C ASP C 106 37.47 -2.95 29.24
N VAL C 107 36.79 -3.17 28.11
CA VAL C 107 37.52 -3.32 26.86
C VAL C 107 38.28 -2.05 26.52
N VAL C 108 37.67 -0.89 26.77
CA VAL C 108 38.30 0.39 26.48
C VAL C 108 39.54 0.58 27.35
N GLU C 109 39.47 0.15 28.61
CA GLU C 109 40.63 0.25 29.48
C GLU C 109 41.79 -0.58 28.94
N VAL C 110 41.51 -1.82 28.53
CA VAL C 110 42.57 -2.65 27.96
C VAL C 110 43.14 -2.01 26.69
N PHE C 111 42.26 -1.47 25.85
CA PHE C 111 42.68 -0.87 24.59
C PHE C 111 43.56 0.36 24.83
N LYS C 112 43.16 1.21 25.77
CA LYS C 112 43.99 2.36 26.10
C LYS C 112 45.34 1.93 26.65
N GLY C 113 45.35 0.87 27.44
CA GLY C 113 46.61 0.35 27.94
C GLY C 113 47.55 -0.10 26.83
N VAL C 114 47.01 -0.78 25.82
CA VAL C 114 47.89 -1.20 24.72
C VAL C 114 48.27 -0.01 23.85
N ALA C 115 47.42 1.02 23.77
CA ALA C 115 47.76 2.22 23.03
C ALA C 115 48.95 2.93 23.65
N GLU C 116 49.12 2.81 24.97
CA GLU C 116 50.25 3.37 25.67
C GLU C 116 51.44 2.42 25.78
N GLY C 117 51.35 1.26 25.12
CA GLY C 117 52.40 0.28 25.24
C GLY C 117 52.57 -0.29 26.63
N ARG C 118 51.51 -0.26 27.44
CA ARG C 118 51.58 -0.77 28.81
C ARG C 118 51.26 -2.25 28.89
N PHE C 119 50.22 -2.70 28.20
CA PHE C 119 49.81 -4.11 28.24
C PHE C 119 50.60 -4.87 27.18
N GLN C 120 51.51 -5.73 27.64
CA GLN C 120 52.34 -6.50 26.71
C GLN C 120 51.62 -7.71 26.15
N TYR C 121 50.71 -8.30 26.92
CA TYR C 121 50.03 -9.51 26.50
C TYR C 121 48.96 -9.27 25.45
N TYR C 122 48.60 -8.02 25.18
CA TYR C 122 47.61 -7.69 24.17
C TYR C 122 48.24 -6.77 23.12
N LYS C 123 47.69 -6.81 21.90
CA LYS C 123 48.26 -6.11 20.76
C LYS C 123 47.14 -5.54 19.90
N LEU C 124 47.52 -4.82 18.86
CA LEU C 124 46.59 -4.23 17.89
C LEU C 124 46.61 -5.10 16.63
N THR C 125 45.67 -6.05 16.55
CA THR C 125 45.70 -7.00 15.44
C THR C 125 45.05 -6.44 14.18
N ASP C 126 43.88 -5.81 14.31
CA ASP C 126 43.19 -5.22 13.17
C ASP C 126 43.43 -3.71 13.17
N VAL C 127 44.59 -3.32 12.61
CA VAL C 127 44.94 -1.92 12.57
C VAL C 127 44.12 -1.18 11.51
N GLU C 128 43.70 -1.88 10.46
CA GLU C 128 42.91 -1.23 9.41
C GLU C 128 41.56 -0.77 9.96
N LYS C 129 40.90 -1.62 10.75
CA LYS C 129 39.65 -1.22 11.40
C LYS C 129 39.89 -0.07 12.37
N LEU C 130 41.04 -0.09 13.05
CA LEU C 130 41.40 1.02 13.94
C LEU C 130 41.41 2.34 13.18
N LYS C 131 42.12 2.38 12.05
CA LYS C 131 42.20 3.61 11.27
C LYS C 131 40.83 4.00 10.71
N SER C 132 40.05 3.01 10.24
CA SER C 132 38.75 3.32 9.66
C SER C 132 37.81 3.93 10.70
N LEU C 133 37.75 3.34 11.90
CA LEU C 133 36.92 3.92 12.95
C LEU C 133 37.43 5.30 13.36
N ALA C 134 38.75 5.46 13.50
CA ALA C 134 39.29 6.76 13.85
C ALA C 134 38.87 7.82 12.85
N GLU C 135 38.93 7.50 11.56
CA GLU C 135 38.53 8.46 10.54
C GLU C 135 37.03 8.75 10.60
N THR C 136 36.21 7.72 10.85
CA THR C 136 34.77 7.94 10.93
C THR C 136 34.41 8.90 12.06
N LEU C 137 35.21 8.93 13.12
CA LEU C 137 34.96 9.80 14.27
C LEU C 137 35.62 11.17 14.13
N GLY C 138 36.19 11.49 12.97
CA GLY C 138 36.81 12.78 12.75
C GLY C 138 38.27 12.85 13.11
N ILE C 139 38.85 11.77 13.63
CA ILE C 139 40.27 11.74 13.95
C ILE C 139 41.03 11.51 12.65
N SER C 140 41.70 12.56 12.16
CA SER C 140 42.50 12.42 10.95
C SER C 140 43.75 11.62 11.25
N THR C 141 44.02 10.62 10.40
CA THR C 141 44.96 9.55 10.72
C THR C 141 46.33 9.69 10.05
N GLU C 142 46.54 10.73 9.26
CA GLU C 142 47.76 10.81 8.47
C GLU C 142 48.99 11.12 9.32
N GLY C 143 50.12 10.57 8.88
CA GLY C 143 51.39 10.87 9.52
C GLY C 143 51.45 10.52 10.99
N LYS C 144 50.76 9.47 11.41
CA LYS C 144 50.65 9.13 12.82
C LYS C 144 50.94 7.66 13.03
N ASP C 145 51.70 7.36 14.10
CA ASP C 145 51.88 5.99 14.56
C ASP C 145 50.53 5.32 14.75
N GLU C 146 50.48 4.02 14.49
CA GLU C 146 49.26 3.27 14.78
C GLU C 146 48.90 3.38 16.26
N HIS C 147 49.90 3.45 17.14
CA HIS C 147 49.62 3.61 18.56
C HIS C 147 49.20 5.03 18.91
N GLU C 148 49.64 6.03 18.13
CA GLU C 148 49.15 7.39 18.36
C GLU C 148 47.69 7.53 17.95
N ILE C 149 47.34 6.96 16.79
CA ILE C 149 45.94 6.86 16.40
C ILE C 149 45.14 6.14 17.49
N ALA C 150 45.71 5.06 18.03
CA ALA C 150 45.02 4.31 19.07
C ALA C 150 44.83 5.16 20.33
N ARG C 151 45.83 5.95 20.70
CA ARG C 151 45.72 6.80 21.89
C ARG C 151 44.61 7.85 21.72
N GLU C 152 44.58 8.52 20.56
CA GLU C 152 43.55 9.52 20.33
C GLU C 152 42.16 8.88 20.32
N LEU C 153 42.04 7.72 19.67
CA LEU C 153 40.78 7.00 19.68
C LEU C 153 40.37 6.61 21.10
N ALA C 154 41.34 6.16 21.90
CA ALA C 154 41.03 5.74 23.26
C ALA C 154 40.56 6.91 24.10
N GLU C 155 41.13 8.09 23.89
CA GLU C 155 40.64 9.29 24.58
C GLU C 155 39.19 9.57 24.20
N VAL C 156 38.86 9.51 22.90
CA VAL C 156 37.50 9.78 22.47
C VAL C 156 36.52 8.76 23.08
N LEU C 157 36.88 7.47 23.01
CA LEU C 157 35.99 6.44 23.51
C LEU C 157 35.85 6.50 25.03
N GLU C 158 36.92 6.88 25.74
CA GLU C 158 36.82 7.11 27.17
C GLU C 158 35.84 8.23 27.47
N TRP C 159 35.86 9.28 26.65
CA TRP C 159 34.93 10.40 26.88
C TRP C 159 33.50 9.99 26.57
N GLU C 160 33.29 9.04 25.68
CA GLU C 160 31.94 8.58 25.36
C GLU C 160 31.11 8.21 26.59
N PHE C 161 31.77 7.88 27.71
CA PHE C 161 31.04 7.44 28.90
C PHE C 161 30.55 8.59 29.77
N GLY C 162 31.25 9.73 29.77
CA GLY C 162 30.88 10.79 30.68
C GLY C 162 31.22 12.21 30.27
N LYS C 163 31.09 12.53 28.99
CA LYS C 163 31.24 13.92 28.56
C LYS C 163 30.29 14.81 29.34
N PRO C 164 30.69 16.04 29.68
CA PRO C 164 29.83 16.89 30.50
C PRO C 164 28.69 17.56 29.72
N GLY C 165 28.92 17.84 28.44
CA GLY C 165 28.02 18.68 27.68
C GLY C 165 26.74 17.98 27.27
N ASP C 166 25.98 18.67 26.43
CA ASP C 166 24.77 18.13 25.81
C ASP C 166 25.01 17.70 24.37
N GLU C 167 26.26 17.69 23.92
CA GLU C 167 26.57 17.22 22.58
C GLU C 167 26.35 15.73 22.47
N PRO C 168 25.98 15.23 21.28
CA PRO C 168 25.74 13.79 21.12
C PRO C 168 27.03 12.99 21.19
N LEU C 169 26.86 11.69 21.38
CA LEU C 169 28.01 10.78 21.41
C LEU C 169 28.72 10.78 20.07
N ARG C 170 30.05 10.65 20.12
CA ARG C 170 30.84 10.66 18.89
C ARG C 170 30.53 9.44 18.02
N MET C 171 30.26 8.29 18.65
CA MET C 171 30.04 7.06 17.90
C MET C 171 28.80 7.12 17.03
N LEU C 172 27.86 8.03 17.32
CA LEU C 172 26.73 8.25 16.44
C LEU C 172 27.15 8.62 15.03
N ALA C 173 28.43 8.97 14.83
CA ALA C 173 28.95 9.21 13.48
C ALA C 173 28.80 7.98 12.59
N LEU C 174 28.62 6.79 13.18
CA LEU C 174 28.46 5.57 12.40
C LEU C 174 27.02 5.37 11.91
N ALA C 175 26.07 6.13 12.44
CA ALA C 175 24.67 5.95 12.11
C ALA C 175 24.33 6.67 10.81
N PRO C 176 23.30 6.21 10.09
CA PRO C 176 22.87 6.93 8.89
C PRO C 176 22.36 8.31 9.24
N LYS C 177 22.52 9.25 8.31
CA LYS C 177 22.13 10.63 8.58
C LYS C 177 20.62 10.78 8.74
N LYS C 178 19.84 9.94 8.06
CA LYS C 178 18.40 9.96 8.30
C LYS C 178 18.07 9.55 9.72
N ARG C 179 18.80 8.57 10.26
CA ARG C 179 18.68 8.22 11.68
C ARG C 179 19.00 9.42 12.56
N ILE C 180 20.07 10.15 12.24
CA ILE C 180 20.46 11.30 13.04
C ILE C 180 19.37 12.35 13.03
N LYS C 181 18.77 12.60 11.86
CA LYS C 181 17.71 13.60 11.76
C LYS C 181 16.45 13.15 12.50
N VAL C 182 16.12 11.86 12.44
CA VAL C 182 14.96 11.35 13.16
C VAL C 182 15.16 11.49 14.66
N TRP C 183 16.31 11.04 15.17
CA TRP C 183 16.59 11.15 16.59
C TRP C 183 16.65 12.59 17.04
N GLU C 184 17.22 13.47 16.20
CA GLU C 184 17.28 14.89 16.52
C GLU C 184 15.89 15.51 16.61
N LYS C 185 15.01 15.15 15.68
CA LYS C 185 13.64 15.65 15.73
C LYS C 185 12.88 15.11 16.94
N ALA C 186 13.19 13.87 17.36
CA ALA C 186 12.52 13.30 18.52
C ALA C 186 13.18 13.72 19.83
N GLY C 187 14.39 14.26 19.79
CA GLY C 187 15.05 14.70 21.00
C GLY C 187 15.60 13.59 21.88
N VAL C 188 16.07 12.49 21.27
CA VAL C 188 16.60 11.37 22.04
C VAL C 188 18.03 11.05 21.63
N LEU C 189 18.74 11.99 21.03
CA LEU C 189 20.16 11.81 20.76
C LEU C 189 20.90 11.65 22.07
N PRO C 190 21.62 10.55 22.29
CA PRO C 190 22.30 10.33 23.57
C PRO C 190 23.55 11.17 23.72
N ARG C 191 23.77 11.66 24.95
CA ARG C 191 24.86 12.56 25.28
C ARG C 191 26.10 11.82 25.78
N ALA C 192 25.95 11.06 26.85
CA ALA C 192 27.04 10.28 27.44
C ALA C 192 26.42 9.09 28.17
N ILE C 193 26.98 7.90 27.95
CA ILE C 193 26.30 6.65 28.29
C ILE C 193 25.93 6.62 29.77
N ASP C 194 26.93 6.78 30.64
CA ASP C 194 26.65 6.76 32.08
C ASP C 194 25.69 7.86 32.48
N ARG C 195 25.74 9.01 31.82
CA ARG C 195 24.78 10.07 32.13
C ARG C 195 23.36 9.63 31.84
N GLU C 196 23.15 8.92 30.72
CA GLU C 196 21.79 8.47 30.40
C GLU C 196 21.31 7.40 31.37
N VAL C 197 22.19 6.47 31.76
CA VAL C 197 21.81 5.47 32.75
C VAL C 197 21.44 6.14 34.08
N CYS C 198 22.26 7.09 34.51
CA CYS C 198 21.99 7.77 35.77
C CYS C 198 20.73 8.63 35.67
N GLU C 199 20.44 9.19 34.49
CA GLU C 199 19.22 9.98 34.35
C GLU C 199 17.98 9.10 34.39
N CYS C 200 18.05 7.87 33.89
CA CYS C 200 16.90 6.98 34.10
C CYS C 200 16.74 6.70 35.60
N MET C 201 17.84 6.39 36.29
CA MET C 201 17.73 6.14 37.72
C MET C 201 17.17 7.35 38.47
N HIS C 202 17.52 8.55 38.04
CA HIS C 202 16.99 9.77 38.65
C HIS C 202 15.52 9.96 38.31
N ARG C 203 15.18 9.72 37.04
CA ARG C 203 13.82 9.94 36.57
C ARG C 203 12.83 9.00 37.24
N THR C 204 13.24 7.76 37.48
CA THR C 204 12.31 6.80 38.07
C THR C 204 12.20 6.92 39.59
N HIS C 205 13.01 7.78 40.21
CA HIS C 205 12.90 8.09 41.63
C HIS C 205 11.56 8.76 41.92
N ILE C 206 11.02 8.48 43.11
CA ILE C 206 9.70 8.98 43.49
C ILE C 206 9.63 10.50 43.31
N GLY C 207 8.54 10.95 42.69
CA GLY C 207 8.31 12.37 42.57
C GLY C 207 9.09 13.07 41.48
N VAL C 208 9.62 12.34 40.51
CA VAL C 208 10.38 12.99 39.46
C VAL C 208 9.58 12.92 38.16
N ASP C 209 9.85 11.94 37.31
CA ASP C 209 9.21 11.85 36.01
C ASP C 209 8.05 10.88 36.09
N ALA C 210 6.84 11.39 35.85
CA ALA C 210 5.63 10.57 35.92
C ALA C 210 4.90 10.43 34.59
N ASP C 211 5.33 11.13 33.56
CA ASP C 211 4.69 11.02 32.25
C ASP C 211 5.27 9.82 31.51
N PRO C 212 4.45 8.83 31.12
CA PRO C 212 4.99 7.65 30.42
C PRO C 212 5.73 8.00 29.13
N VAL C 213 5.28 9.03 28.41
CA VAL C 213 5.92 9.37 27.13
C VAL C 213 7.33 9.93 27.38
N SER C 214 7.45 10.83 28.36
CA SER C 214 8.75 11.38 28.76
C SER C 214 9.73 10.27 29.15
N LEU C 215 9.27 9.37 30.02
CA LEU C 215 10.10 8.28 30.51
C LEU C 215 10.55 7.38 29.36
N LEU C 216 9.62 6.98 28.50
CA LEU C 216 9.97 6.06 27.43
C LEU C 216 10.82 6.73 26.35
N LEU C 217 10.68 8.04 26.16
CA LEU C 217 11.58 8.74 25.25
C LEU C 217 13.00 8.75 25.79
N HIS C 218 13.16 8.98 27.10
CA HIS C 218 14.50 8.86 27.65
C HIS C 218 15.00 7.42 27.59
N GLY C 219 14.09 6.45 27.66
CA GLY C 219 14.51 5.06 27.47
C GLY C 219 15.04 4.80 26.08
N ILE C 220 14.40 5.37 25.07
CA ILE C 220 14.90 5.28 23.71
C ILE C 220 16.29 5.92 23.61
N ARG C 221 16.45 7.08 24.26
CA ARG C 221 17.75 7.75 24.27
C ARG C 221 18.83 6.90 24.91
N THR C 222 18.52 6.27 26.05
CA THR C 222 19.50 5.42 26.73
C THR C 222 19.82 4.17 25.91
N SER C 223 18.80 3.56 25.30
CA SER C 223 19.04 2.40 24.44
C SER C 223 19.92 2.77 23.27
N LEU C 224 19.76 3.98 22.72
CA LEU C 224 20.64 4.42 21.64
C LEU C 224 22.07 4.57 22.14
N ALA C 225 22.24 5.20 23.30
CA ALA C 225 23.57 5.28 23.92
C ALA C 225 24.21 3.90 24.01
N ASP C 226 23.40 2.89 24.32
CA ASP C 226 23.92 1.52 24.37
C ASP C 226 24.28 1.03 22.96
N GLY C 227 23.29 0.93 22.08
CA GLY C 227 23.48 0.21 20.83
C GLY C 227 24.47 0.86 19.90
N TRP C 228 24.44 2.19 19.78
CA TRP C 228 25.27 2.86 18.80
C TRP C 228 26.59 3.39 19.37
N SER C 229 26.81 3.28 20.67
CA SER C 229 28.07 3.72 21.25
C SER C 229 28.70 2.64 22.11
N GLY C 230 28.01 2.20 23.17
CA GLY C 230 28.56 1.23 24.09
C GLY C 230 28.84 -0.13 23.48
N SER C 231 27.80 -0.83 23.02
CA SER C 231 28.01 -2.12 22.38
C SER C 231 28.81 -1.98 21.10
N MET C 232 28.61 -0.89 20.36
CA MET C 232 29.44 -0.60 19.20
C MET C 232 30.91 -0.51 19.60
N MET C 233 31.19 0.18 20.72
CA MET C 233 32.55 0.25 21.25
C MET C 233 33.09 -1.14 21.54
N ALA C 234 32.31 -1.95 22.27
CA ALA C 234 32.78 -3.28 22.65
C ALA C 234 33.13 -4.10 21.42
N THR C 235 32.24 -4.10 20.42
CA THR C 235 32.47 -4.90 19.22
C THR C 235 33.69 -4.40 18.44
N TYR C 236 33.74 -3.09 18.17
CA TYR C 236 34.84 -2.54 17.37
C TYR C 236 36.18 -2.78 18.05
N LEU C 237 36.26 -2.53 19.35
CA LEU C 237 37.53 -2.70 20.05
C LEU C 237 37.90 -4.17 20.22
N SER C 238 36.92 -5.05 20.40
CA SER C 238 37.23 -6.48 20.44
C SER C 238 37.79 -6.95 19.10
N ASP C 239 37.24 -6.43 18.00
CA ASP C 239 37.78 -6.75 16.68
C ASP C 239 39.19 -6.19 16.51
N ILE C 240 39.43 -4.97 16.97
CA ILE C 240 40.74 -4.36 16.80
C ILE C 240 41.79 -5.08 17.64
N LEU C 241 41.41 -5.55 18.83
CA LEU C 241 42.37 -6.17 19.74
C LEU C 241 42.57 -7.65 19.44
N PHE C 242 41.56 -8.33 18.86
CA PHE C 242 41.65 -9.76 18.65
C PHE C 242 41.41 -10.20 17.22
N GLY C 243 41.07 -9.29 16.31
CA GLY C 243 40.85 -9.66 14.93
C GLY C 243 39.36 -9.58 14.60
N THR C 244 39.07 -9.13 13.38
CA THR C 244 37.69 -9.14 12.90
C THR C 244 37.33 -10.56 12.47
N PRO C 245 36.20 -11.10 12.94
CA PRO C 245 35.89 -12.50 12.62
C PRO C 245 35.73 -12.75 11.13
N LYS C 246 36.16 -13.93 10.71
CA LYS C 246 36.06 -14.41 9.35
C LYS C 246 35.39 -15.77 9.38
N PRO C 247 34.80 -16.22 8.27
CA PRO C 247 34.09 -17.50 8.27
C PRO C 247 34.98 -18.66 8.68
N LEU C 248 34.43 -19.53 9.53
CA LEU C 248 35.15 -20.72 9.99
C LEU C 248 34.13 -21.78 10.37
N LYS C 249 34.61 -23.02 10.44
CA LYS C 249 33.80 -24.15 10.86
C LYS C 249 34.16 -24.53 12.29
N ALA C 250 33.16 -24.95 13.07
CA ALA C 250 33.37 -25.32 14.46
C ALA C 250 32.24 -26.26 14.88
N GLU C 251 32.25 -26.66 16.15
CA GLU C 251 31.32 -27.63 16.69
C GLU C 251 30.52 -27.04 17.85
N ALA C 252 29.28 -27.48 17.98
CA ALA C 252 28.34 -26.92 18.94
C ALA C 252 27.57 -28.03 19.63
N ASN C 253 26.93 -27.65 20.75
CA ASN C 253 26.16 -28.49 21.65
C ASN C 253 27.07 -29.31 22.57
N LEU C 254 26.49 -29.88 23.64
CA LEU C 254 27.27 -30.45 24.72
C LEU C 254 28.07 -31.68 24.32
N GLY C 255 27.91 -32.17 23.10
CA GLY C 255 28.78 -33.24 22.62
C GLY C 255 30.24 -32.83 22.49
N VAL C 256 30.53 -31.53 22.52
CA VAL C 256 31.90 -31.07 22.40
C VAL C 256 32.74 -31.40 23.62
N LEU C 257 32.10 -31.72 24.75
CA LEU C 257 32.84 -32.14 25.93
C LEU C 257 33.44 -33.52 25.71
N LYS C 258 34.69 -33.69 26.11
CA LYS C 258 35.44 -34.91 25.86
C LYS C 258 35.52 -35.77 27.12
N GLU C 259 35.49 -37.10 26.92
CA GLU C 259 35.58 -38.03 28.03
C GLU C 259 37.00 -38.28 28.50
N ASP C 260 38.00 -38.01 27.65
CA ASP C 260 39.39 -38.25 28.01
C ASP C 260 40.24 -36.98 27.95
N TYR C 261 39.61 -35.82 27.94
CA TYR C 261 40.31 -34.54 27.96
C TYR C 261 39.86 -33.72 29.15
N VAL C 262 40.76 -32.87 29.63
CA VAL C 262 40.44 -31.88 30.66
C VAL C 262 39.47 -30.88 30.07
N ASN C 263 38.22 -30.88 30.55
CA ASN C 263 37.21 -29.97 30.01
C ASN C 263 37.22 -28.66 30.80
N ILE C 264 37.49 -27.56 30.10
CA ILE C 264 37.52 -26.23 30.70
C ILE C 264 36.48 -25.38 29.99
N VAL C 265 35.55 -24.80 30.75
CA VAL C 265 34.45 -24.04 30.20
C VAL C 265 34.66 -22.56 30.47
N VAL C 266 34.63 -21.74 29.42
CA VAL C 266 34.65 -20.29 29.54
C VAL C 266 33.23 -19.77 29.39
N HIS C 267 32.76 -19.08 30.41
CA HIS C 267 31.37 -18.65 30.54
C HIS C 267 31.37 -17.19 30.96
N GLY C 268 30.47 -16.40 30.38
CA GLY C 268 30.47 -14.98 30.66
C GLY C 268 30.31 -14.14 29.40
N HIS C 269 31.08 -13.05 29.29
CA HIS C 269 30.88 -12.13 28.18
C HIS C 269 32.17 -11.53 27.63
N ASN C 270 33.04 -11.05 28.51
CA ASN C 270 34.21 -10.29 28.07
C ASN C 270 35.24 -11.19 27.41
N PRO C 271 35.62 -10.95 26.15
CA PRO C 271 36.62 -11.81 25.50
C PRO C 271 38.06 -11.55 25.95
N ILE C 272 38.32 -10.46 26.67
CA ILE C 272 39.68 -10.22 27.17
C ILE C 272 40.09 -11.30 28.16
N LEU C 273 39.14 -12.04 28.71
CA LEU C 273 39.44 -13.16 29.60
C LEU C 273 39.50 -14.49 28.83
N SER C 274 38.41 -14.82 28.12
CA SER C 274 38.33 -16.11 27.46
C SER C 274 39.34 -16.25 26.32
N THR C 275 39.74 -15.14 25.70
CA THR C 275 40.81 -15.21 24.70
C THR C 275 42.08 -15.78 25.31
N LYS C 276 42.51 -15.22 26.45
CA LYS C 276 43.72 -15.70 27.10
C LYS C 276 43.53 -17.11 27.64
N ILE C 277 42.36 -17.39 28.23
CA ILE C 277 42.12 -18.73 28.77
C ILE C 277 42.21 -19.77 27.66
N ALA C 278 41.59 -19.50 26.52
CA ALA C 278 41.62 -20.45 25.41
C ALA C 278 43.02 -20.59 24.83
N GLU C 279 43.68 -19.45 24.58
CA GLU C 279 45.01 -19.50 23.97
C GLU C 279 46.01 -20.23 24.86
N ILE C 280 45.87 -20.13 26.18
CA ILE C 280 46.83 -20.79 27.06
C ILE C 280 46.43 -22.22 27.35
N ALA C 281 45.13 -22.52 27.45
CA ALA C 281 44.70 -23.91 27.58
C ALA C 281 45.10 -24.73 26.37
N MET C 282 45.16 -24.12 25.19
CA MET C 282 45.63 -24.89 24.04
C MET C 282 47.14 -24.81 23.86
N SER C 283 47.86 -24.08 24.71
CA SER C 283 49.31 -24.04 24.64
C SER C 283 49.89 -25.44 24.81
N GLU C 284 51.07 -25.65 24.22
CA GLU C 284 51.71 -26.96 24.27
C GLU C 284 52.08 -27.35 25.69
N GLU C 285 52.56 -26.39 26.49
CA GLU C 285 52.96 -26.71 27.85
C GLU C 285 51.77 -27.20 28.68
N MET C 286 50.58 -26.62 28.44
CA MET C 286 49.41 -27.07 29.19
C MET C 286 48.92 -28.42 28.72
N GLN C 287 49.06 -28.73 27.43
CA GLN C 287 48.75 -30.08 26.97
C GLN C 287 49.70 -31.09 27.61
N LYS C 288 50.99 -30.75 27.71
CA LYS C 288 51.94 -31.61 28.39
C LYS C 288 51.59 -31.79 29.86
N PHE C 289 51.18 -30.71 30.53
CA PHE C 289 50.79 -30.79 31.93
C PHE C 289 49.56 -31.67 32.11
N ALA C 290 48.57 -31.54 31.22
CA ALA C 290 47.39 -32.37 31.29
C ALA C 290 47.74 -33.84 31.08
N LYS C 291 48.62 -34.14 30.12
CA LYS C 291 49.08 -35.52 29.96
C LYS C 291 49.82 -35.98 31.20
N LYS C 292 50.54 -35.09 31.88
CA LYS C 292 51.19 -35.43 33.13
C LYS C 292 50.17 -35.78 34.21
N TYR C 293 48.97 -35.20 34.13
CA TYR C 293 47.92 -35.53 35.10
C TYR C 293 46.99 -36.63 34.61
N GLY C 294 47.28 -37.27 33.48
CA GLY C 294 46.56 -38.44 33.04
C GLY C 294 45.45 -38.21 32.03
N ALA C 295 45.54 -37.17 31.22
CA ALA C 295 44.57 -36.91 30.17
C ALA C 295 45.27 -36.82 28.83
N LYS C 296 44.48 -36.79 27.75
CA LYS C 296 45.03 -36.64 26.42
C LYS C 296 45.41 -35.19 26.11
N GLY C 297 45.07 -34.26 26.98
CA GLY C 297 45.28 -32.84 26.79
C GLY C 297 44.12 -32.07 27.38
N VAL C 298 44.05 -30.78 27.04
CA VAL C 298 42.98 -29.93 27.52
C VAL C 298 42.10 -29.50 26.37
N ASN C 299 40.81 -29.38 26.65
CA ASN C 299 39.77 -29.01 25.69
C ASN C 299 38.94 -27.91 26.35
N VAL C 300 39.11 -26.68 25.88
CA VAL C 300 38.33 -25.55 26.38
C VAL C 300 37.19 -25.30 25.43
N VAL C 301 36.00 -25.12 25.98
CA VAL C 301 34.77 -24.90 25.25
C VAL C 301 34.09 -23.66 25.83
N GLY C 302 33.28 -23.01 25.02
CA GLY C 302 32.63 -21.79 25.45
C GLY C 302 31.13 -21.93 25.70
N MET C 303 30.59 -21.05 26.53
CA MET C 303 29.16 -20.97 26.77
C MET C 303 28.72 -19.52 26.70
N CYS C 304 27.50 -19.31 26.19
CA CYS C 304 26.92 -17.99 25.98
C CYS C 304 27.92 -17.04 25.32
N CYS C 305 27.90 -15.76 25.70
CA CYS C 305 28.47 -14.74 24.82
C CYS C 305 30.00 -14.80 24.74
N THR C 306 30.68 -15.14 25.84
CA THR C 306 32.13 -15.25 25.73
C THR C 306 32.52 -16.48 24.91
N GLY C 307 31.74 -17.56 25.01
CA GLY C 307 31.90 -18.66 24.08
C GLY C 307 31.70 -18.23 22.65
N ASN C 308 30.68 -17.40 22.40
CA ASN C 308 30.46 -16.88 21.06
C ASN C 308 31.67 -16.06 20.58
N GLU C 309 32.23 -15.24 21.47
CA GLU C 309 33.38 -14.42 21.09
C GLU C 309 34.53 -15.29 20.59
N VAL C 310 34.99 -16.21 21.44
CA VAL C 310 36.16 -16.98 21.00
C VAL C 310 35.78 -18.11 20.04
N LEU C 311 34.49 -18.35 19.82
CA LEU C 311 34.08 -19.21 18.71
C LEU C 311 34.20 -18.48 17.38
N MET C 312 33.67 -17.25 17.34
CA MET C 312 33.76 -16.43 16.13
C MET C 312 35.21 -16.12 15.77
N ARG C 313 36.09 -16.03 16.77
CA ARG C 313 37.47 -15.64 16.47
C ARG C 313 38.46 -16.80 16.43
N LEU C 314 38.33 -17.77 17.34
CA LEU C 314 39.29 -18.87 17.44
C LEU C 314 38.72 -20.22 17.01
N GLY C 315 37.42 -20.30 16.73
CA GLY C 315 36.83 -21.59 16.47
C GLY C 315 36.73 -22.49 17.69
N VAL C 316 36.78 -21.91 18.89
CA VAL C 316 36.61 -22.71 20.11
C VAL C 316 35.20 -23.29 20.13
N PRO C 317 35.05 -24.60 20.31
CA PRO C 317 33.70 -25.19 20.32
C PRO C 317 32.84 -24.58 21.42
N ILE C 318 31.55 -24.47 21.14
CA ILE C 318 30.59 -23.87 22.06
C ILE C 318 29.72 -24.98 22.64
N ALA C 319 29.67 -25.06 23.96
CA ALA C 319 29.01 -26.19 24.62
C ALA C 319 27.50 -26.01 24.71
N GLY C 320 27.02 -24.79 24.88
CA GLY C 320 25.58 -24.58 24.96
C GLY C 320 25.24 -23.13 25.21
N SER C 321 23.95 -22.88 25.38
CA SER C 321 23.43 -21.53 25.58
C SER C 321 23.19 -21.25 27.06
N PHE C 322 22.23 -20.38 27.35
CA PHE C 322 22.05 -19.90 28.72
C PHE C 322 21.48 -20.98 29.64
N LEU C 323 20.35 -21.57 29.25
CA LEU C 323 19.70 -22.57 30.09
C LEU C 323 20.49 -23.88 30.19
N MET C 324 21.60 -24.01 29.48
CA MET C 324 22.39 -25.23 29.48
C MET C 324 23.63 -25.13 30.35
N GLN C 325 23.79 -24.04 31.11
CA GLN C 325 25.01 -23.88 31.90
C GLN C 325 25.02 -24.79 33.11
N GLU C 326 23.86 -25.03 33.72
CA GLU C 326 23.79 -26.01 34.81
C GLU C 326 23.95 -27.42 34.27
N LEU C 327 23.32 -27.72 33.14
CA LEU C 327 23.38 -29.06 32.57
C LEU C 327 24.80 -29.43 32.15
N ALA C 328 25.56 -28.44 31.66
CA ALA C 328 26.95 -28.71 31.32
C ALA C 328 27.73 -29.24 32.51
N ILE C 329 27.38 -28.77 33.71
CA ILE C 329 27.96 -29.33 34.93
C ILE C 329 27.31 -30.66 35.28
N ILE C 330 26.02 -30.82 34.98
CA ILE C 330 25.31 -32.07 35.26
C ILE C 330 25.92 -33.23 34.48
N THR C 331 26.57 -32.96 33.35
CA THR C 331 27.30 -34.02 32.65
C THR C 331 28.36 -34.64 33.54
N GLY C 332 28.96 -33.85 34.42
CA GLY C 332 29.98 -34.37 35.31
C GLY C 332 31.36 -34.45 34.71
N ALA C 333 31.62 -33.73 33.61
CA ALA C 333 32.91 -33.79 32.94
C ALA C 333 33.66 -32.46 32.96
N VAL C 334 33.15 -31.46 33.67
CA VAL C 334 33.72 -30.12 33.68
C VAL C 334 34.58 -29.97 34.93
N GLU C 335 35.89 -29.88 34.75
CA GLU C 335 36.78 -29.67 35.89
C GLU C 335 36.63 -28.27 36.46
N ALA C 336 36.51 -27.27 35.58
CA ALA C 336 36.39 -25.89 36.02
C ALA C 336 35.61 -25.10 35.00
N ILE C 337 34.73 -24.23 35.50
CA ILE C 337 34.03 -23.26 34.67
C ILE C 337 34.47 -21.87 35.12
N ILE C 338 34.92 -21.07 34.17
CA ILE C 338 35.57 -19.79 34.45
C ILE C 338 34.66 -18.66 33.98
N VAL C 339 34.33 -17.75 34.90
CA VAL C 339 33.32 -16.74 34.66
C VAL C 339 33.88 -15.35 34.97
N ASP C 340 33.26 -14.33 34.37
CA ASP C 340 33.52 -12.95 34.75
C ASP C 340 32.23 -12.27 35.21
N TYR C 341 31.35 -11.91 34.27
CA TYR C 341 30.09 -11.29 34.67
C TYR C 341 29.03 -11.50 33.60
N GLN C 342 27.78 -11.24 34.01
CA GLN C 342 26.57 -11.25 33.16
C GLN C 342 26.10 -12.65 32.83
N CYS C 343 24.86 -12.96 33.19
CA CYS C 343 24.20 -14.22 32.87
C CYS C 343 24.93 -15.43 33.47
N ILE C 344 25.58 -15.22 34.61
CA ILE C 344 26.20 -16.30 35.36
C ILE C 344 25.23 -16.63 36.49
N MET C 345 24.39 -17.64 36.25
CA MET C 345 23.51 -18.15 37.29
C MET C 345 24.33 -18.50 38.53
N PRO C 346 24.01 -17.92 39.69
CA PRO C 346 24.69 -18.37 40.92
C PRO C 346 24.48 -19.86 41.18
N ALA C 347 23.36 -20.40 40.68
CA ALA C 347 23.01 -21.79 40.91
C ALA C 347 24.13 -22.75 40.52
N ILE C 348 24.96 -22.36 39.54
CA ILE C 348 26.03 -23.26 39.10
C ILE C 348 26.88 -23.68 40.29
N VAL C 349 27.17 -22.76 41.21
CA VAL C 349 27.96 -23.11 42.39
C VAL C 349 27.30 -24.26 43.14
N ASP C 350 26.01 -24.09 43.47
CA ASP C 350 25.25 -25.19 44.07
C ASP C 350 25.39 -26.45 43.22
N VAL C 351 25.14 -26.34 41.91
CA VAL C 351 25.30 -27.49 41.03
C VAL C 351 26.72 -28.02 41.11
N ALA C 352 27.71 -27.12 41.05
CA ALA C 352 29.11 -27.55 41.11
C ALA C 352 29.45 -28.15 42.46
N GLN C 353 28.67 -27.84 43.51
CA GLN C 353 28.95 -28.43 44.81
C GLN C 353 28.52 -29.89 44.89
N CYS C 354 27.86 -30.45 43.88
CA CYS C 354 27.60 -31.87 43.92
C CYS C 354 28.50 -32.64 42.97
N TYR C 355 29.57 -32.01 42.49
CA TYR C 355 30.59 -32.69 41.69
C TYR C 355 31.95 -32.19 42.16
N HIS C 356 32.98 -32.43 41.34
CA HIS C 356 34.31 -31.86 41.53
C HIS C 356 34.49 -30.55 40.77
N THR C 357 33.45 -30.09 40.07
CA THR C 357 33.57 -28.90 39.24
C THR C 357 33.87 -27.67 40.10
N LYS C 358 34.87 -26.90 39.69
CA LYS C 358 35.23 -25.68 40.39
C LYS C 358 34.71 -24.48 39.59
N VAL C 359 33.88 -23.67 40.23
CA VAL C 359 33.47 -22.38 39.68
C VAL C 359 34.55 -21.36 40.02
N ILE C 360 35.05 -20.67 39.01
CA ILE C 360 36.15 -19.71 39.19
C ILE C 360 35.65 -18.35 38.73
N THR C 361 35.32 -17.49 39.70
CA THR C 361 34.99 -16.09 39.41
C THR C 361 36.29 -15.29 39.33
N THR C 362 36.35 -14.40 38.33
CA THR C 362 37.60 -13.74 38.00
C THR C 362 37.52 -12.21 37.93
N GLU C 363 36.33 -11.63 38.09
CA GLU C 363 36.18 -10.20 37.92
C GLU C 363 35.76 -9.53 39.22
N PRO C 364 36.23 -8.31 39.49
CA PRO C 364 35.82 -7.61 40.72
C PRO C 364 34.32 -7.38 40.82
N LYS C 365 33.63 -7.30 39.69
CA LYS C 365 32.19 -7.06 39.67
C LYS C 365 31.36 -8.34 39.61
N GLY C 366 32.01 -9.50 39.60
CA GLY C 366 31.29 -10.75 39.49
C GLY C 366 31.67 -11.75 40.56
N HIS C 367 31.12 -11.58 41.77
CA HIS C 367 31.37 -12.47 42.88
C HIS C 367 30.16 -13.36 43.13
N ILE C 368 30.41 -14.66 43.32
CA ILE C 368 29.37 -15.62 43.66
C ILE C 368 29.79 -16.33 44.93
N PRO C 369 28.99 -16.29 46.00
CA PRO C 369 29.39 -16.93 47.26
C PRO C 369 29.63 -18.42 47.08
N GLY C 370 30.78 -18.88 47.57
CA GLY C 370 31.19 -20.25 47.41
C GLY C 370 32.08 -20.52 46.22
N ALA C 371 32.14 -19.60 45.27
CA ALA C 371 33.02 -19.77 44.12
C ALA C 371 34.45 -19.45 44.52
N VAL C 372 35.39 -20.03 43.78
CA VAL C 372 36.80 -19.71 43.96
C VAL C 372 37.11 -18.46 43.15
N HIS C 373 37.67 -17.45 43.79
CA HIS C 373 37.95 -16.17 43.15
C HIS C 373 39.44 -16.06 42.84
N ILE C 374 39.77 -15.96 41.55
CA ILE C 374 41.13 -15.68 41.11
C ILE C 374 41.01 -14.46 40.19
N GLU C 375 41.21 -13.27 40.74
CA GLU C 375 40.92 -12.04 40.02
C GLU C 375 41.85 -11.85 38.83
N PHE C 376 41.27 -11.41 37.72
CA PHE C 376 42.00 -11.29 36.46
C PHE C 376 42.56 -9.88 36.28
N ASN C 377 43.82 -9.79 35.87
CA ASN C 377 44.47 -8.54 35.54
C ASN C 377 44.96 -8.58 34.11
N ALA C 378 44.81 -7.47 33.39
CA ALA C 378 45.28 -7.42 32.01
C ALA C 378 46.80 -7.38 31.94
N GLU C 379 47.46 -6.79 32.93
CA GLU C 379 48.91 -6.70 32.91
C GLU C 379 49.59 -8.01 33.28
N LYS C 380 48.91 -8.87 34.05
CA LYS C 380 49.41 -10.20 34.39
C LYS C 380 48.50 -11.27 33.80
N ALA C 381 48.04 -11.06 32.56
CA ALA C 381 46.98 -11.89 32.00
C ALA C 381 47.43 -13.34 31.83
N ASP C 382 48.56 -13.55 31.17
CA ASP C 382 49.03 -14.90 30.92
C ASP C 382 49.30 -15.65 32.22
N GLU C 383 49.84 -14.95 33.22
CA GLU C 383 50.14 -15.58 34.51
C GLU C 383 48.87 -16.09 35.17
N ILE C 384 47.85 -15.24 35.28
CA ILE C 384 46.62 -15.64 35.95
C ILE C 384 45.89 -16.71 35.16
N ALA C 385 45.92 -16.62 33.83
CA ALA C 385 45.29 -17.66 33.01
C ALA C 385 45.99 -19.00 33.21
N LYS C 386 47.31 -18.98 33.33
CA LYS C 386 48.03 -20.23 33.61
C LYS C 386 47.66 -20.78 34.98
N GLU C 387 47.55 -19.91 35.99
CA GLU C 387 47.08 -20.35 37.31
C GLU C 387 45.76 -21.07 37.20
N ILE C 388 44.79 -20.45 36.52
CA ILE C 388 43.44 -21.01 36.44
C ILE C 388 43.44 -22.34 35.69
N VAL C 389 44.13 -22.39 34.55
CA VAL C 389 44.13 -23.60 33.73
C VAL C 389 44.84 -24.73 34.46
N ARG C 390 45.92 -24.42 35.20
CA ARG C 390 46.58 -25.44 36.00
C ARG C 390 45.66 -25.98 37.08
N ILE C 391 44.88 -25.11 37.72
CA ILE C 391 43.94 -25.58 38.73
C ILE C 391 42.94 -26.55 38.10
N ALA C 392 42.44 -26.22 36.90
CA ALA C 392 41.48 -27.10 36.24
C ALA C 392 42.11 -28.44 35.90
N ILE C 393 43.32 -28.42 35.34
CA ILE C 393 44.01 -29.66 34.98
C ILE C 393 44.23 -30.52 36.22
N GLU C 394 44.65 -29.90 37.33
CA GLU C 394 44.84 -30.65 38.56
C GLU C 394 43.53 -31.19 39.10
N ASN C 395 42.42 -30.53 38.80
CA ASN C 395 41.13 -31.06 39.23
C ASN C 395 40.65 -32.22 38.36
N TYR C 396 41.20 -32.35 37.15
CA TYR C 396 40.80 -33.47 36.28
C TYR C 396 40.80 -34.83 36.97
N PRO C 397 41.82 -35.23 37.74
CA PRO C 397 41.77 -36.56 38.38
C PRO C 397 40.62 -36.75 39.36
N ASN C 398 39.93 -35.68 39.78
CA ASN C 398 38.82 -35.80 40.71
C ASN C 398 37.49 -36.07 40.03
N ARG C 399 37.48 -36.23 38.71
CA ARG C 399 36.23 -36.43 37.99
C ARG C 399 35.61 -37.77 38.37
N PRO C 400 34.36 -37.80 38.82
CA PRO C 400 33.70 -39.08 39.10
C PRO C 400 33.25 -39.76 37.82
N ARG C 401 34.13 -40.58 37.23
CA ARG C 401 33.81 -41.24 35.97
C ARG C 401 32.57 -42.11 36.06
N ASP C 402 32.17 -42.53 37.26
CA ASP C 402 30.95 -43.31 37.43
C ASP C 402 29.68 -42.47 37.22
N ARG C 403 29.80 -41.16 37.09
CA ARG C 403 28.65 -40.29 36.93
C ARG C 403 28.71 -39.42 35.68
N VAL C 404 29.71 -39.61 34.82
CA VAL C 404 29.83 -38.79 33.62
C VAL C 404 28.74 -39.19 32.63
N HIS C 405 28.19 -38.20 31.92
CA HIS C 405 27.20 -38.46 30.87
C HIS C 405 27.19 -37.26 29.94
N ILE C 406 28.08 -37.29 28.94
CA ILE C 406 28.08 -36.28 27.89
C ILE C 406 27.06 -36.70 26.85
N PRO C 407 26.06 -35.87 26.55
CA PRO C 407 25.16 -36.18 25.44
C PRO C 407 25.96 -36.25 24.16
N LYS C 408 25.65 -37.26 23.36
CA LYS C 408 26.42 -37.47 22.17
C LYS C 408 26.13 -36.43 21.08
N HIS C 409 25.07 -35.66 21.22
CA HIS C 409 24.70 -34.72 20.17
C HIS C 409 25.70 -33.55 20.08
N LYS C 410 26.37 -33.43 18.94
CA LYS C 410 27.15 -32.26 18.60
C LYS C 410 26.95 -31.98 17.11
N MET C 411 27.15 -30.73 16.71
CA MET C 411 26.75 -30.29 15.38
C MET C 411 27.80 -29.36 14.79
N GLU C 412 28.06 -29.49 13.49
CA GLU C 412 28.98 -28.59 12.81
C GLU C 412 28.26 -27.30 12.41
N ALA C 413 28.95 -26.18 12.55
CA ALA C 413 28.38 -24.87 12.26
C ALA C 413 29.44 -23.95 11.67
N ILE C 414 29.02 -23.14 10.70
CA ILE C 414 29.85 -22.09 10.13
C ILE C 414 29.52 -20.79 10.83
N ALA C 415 30.55 -20.08 11.28
CA ALA C 415 30.38 -18.83 12.02
C ALA C 415 31.45 -17.84 11.59
N GLY C 416 31.58 -16.75 12.34
CA GLY C 416 32.54 -15.72 12.01
C GLY C 416 32.05 -14.74 10.97
N PHE C 417 30.75 -14.45 10.94
CA PHE C 417 30.17 -13.61 9.90
C PHE C 417 30.03 -12.18 10.41
N SER C 418 31.18 -11.52 10.53
CA SER C 418 31.19 -10.08 10.71
C SER C 418 30.64 -9.41 9.45
N VAL C 419 30.34 -8.11 9.57
CA VAL C 419 29.92 -7.35 8.40
C VAL C 419 31.01 -7.38 7.33
N GLU C 420 32.26 -7.17 7.75
CA GLU C 420 33.39 -7.26 6.82
C GLU C 420 33.45 -8.63 6.17
N ALA C 421 33.20 -9.69 6.93
CA ALA C 421 33.20 -11.03 6.37
C ALA C 421 32.09 -11.20 5.34
N ILE C 422 30.90 -10.64 5.61
CA ILE C 422 29.80 -10.75 4.67
C ILE C 422 30.13 -10.03 3.37
N VAL C 423 30.69 -8.82 3.47
CA VAL C 423 31.04 -8.08 2.26
C VAL C 423 32.11 -8.82 1.48
N GLU C 424 33.10 -9.37 2.17
CA GLU C 424 34.13 -10.17 1.50
C GLU C 424 33.52 -11.36 0.77
N ALA C 425 32.58 -12.05 1.41
CA ALA C 425 31.89 -13.15 0.76
C ALA C 425 31.01 -12.68 -0.40
N LEU C 426 30.61 -11.41 -0.39
CA LEU C 426 29.82 -10.85 -1.48
C LEU C 426 30.65 -10.44 -2.67
N GLY C 427 31.97 -10.36 -2.53
CA GLY C 427 32.85 -9.96 -3.60
C GLY C 427 33.52 -8.61 -3.42
N GLY C 428 33.44 -8.01 -2.24
CA GLY C 428 34.09 -6.75 -1.95
C GLY C 428 33.15 -5.57 -1.81
N THR C 429 31.92 -5.68 -2.30
CA THR C 429 30.91 -4.64 -2.17
C THR C 429 29.60 -5.28 -1.72
N LEU C 430 28.59 -4.45 -1.50
CA LEU C 430 27.26 -4.90 -1.08
C LEU C 430 26.31 -5.08 -2.25
N GLU C 431 26.73 -4.76 -3.47
CA GLU C 431 25.80 -4.74 -4.60
C GLU C 431 25.14 -6.09 -4.89
N PRO C 432 25.79 -7.25 -4.73
CA PRO C 432 25.05 -8.51 -4.90
C PRO C 432 23.85 -8.64 -3.98
N LEU C 433 24.02 -8.32 -2.69
CA LEU C 433 22.91 -8.42 -1.74
C LEU C 433 21.84 -7.38 -2.05
N ILE C 434 22.24 -6.17 -2.45
CA ILE C 434 21.27 -5.14 -2.80
C ILE C 434 20.45 -5.57 -4.00
N ASN C 435 21.11 -6.10 -5.03
CA ASN C 435 20.40 -6.57 -6.21
C ASN C 435 19.47 -7.72 -5.85
N ALA C 436 19.92 -8.65 -5.01
CA ALA C 436 19.09 -9.77 -4.62
C ALA C 436 17.87 -9.33 -3.84
N LEU C 437 18.00 -8.25 -3.05
CA LEU C 437 16.85 -7.78 -2.29
C LEU C 437 15.90 -6.97 -3.18
N ARG C 438 16.44 -6.21 -4.14
CA ARG C 438 15.58 -5.50 -5.09
C ARG C 438 14.80 -6.49 -5.95
N ASP C 439 15.43 -7.62 -6.31
CA ASP C 439 14.76 -8.63 -7.13
C ASP C 439 13.59 -9.26 -6.40
N GLY C 440 13.77 -9.58 -5.12
CA GLY C 440 12.95 -10.57 -4.46
C GLY C 440 13.62 -11.91 -4.30
N THR C 441 14.83 -12.07 -4.86
CA THR C 441 15.63 -13.26 -4.58
C THR C 441 15.77 -13.47 -3.09
N ILE C 442 16.12 -12.41 -2.37
CA ILE C 442 16.03 -12.36 -0.92
C ILE C 442 14.92 -11.36 -0.58
N LYS C 443 13.86 -11.85 0.06
CA LYS C 443 12.73 -10.98 0.35
C LYS C 443 13.07 -9.97 1.44
N GLY C 444 13.84 -10.38 2.44
CA GLY C 444 14.20 -9.48 3.51
C GLY C 444 15.30 -10.08 4.36
N ILE C 445 15.67 -9.35 5.41
CA ILE C 445 16.70 -9.75 6.36
C ILE C 445 16.14 -9.63 7.76
N VAL C 446 16.23 -10.70 8.54
CA VAL C 446 15.76 -10.70 9.92
C VAL C 446 16.93 -11.03 10.83
N GLY C 447 17.22 -10.12 11.75
CA GLY C 447 18.17 -10.40 12.81
C GLY C 447 17.43 -10.94 14.02
N ILE C 448 17.93 -12.06 14.53
CA ILE C 448 17.32 -12.73 15.68
C ILE C 448 18.34 -12.78 16.81
N VAL C 449 17.95 -12.26 17.97
CA VAL C 449 18.84 -12.03 19.09
C VAL C 449 18.20 -12.62 20.34
N GLY C 450 18.94 -12.57 21.44
CA GLY C 450 18.35 -12.66 22.74
C GLY C 450 18.67 -13.95 23.49
N CYS C 451 18.00 -14.07 24.64
CA CYS C 451 18.34 -14.99 25.71
C CYS C 451 17.66 -16.34 25.50
N ASN C 452 17.62 -17.14 26.57
CA ASN C 452 16.70 -18.26 26.73
C ASN C 452 15.82 -17.97 27.93
N ASN C 453 14.61 -18.54 27.94
CA ASN C 453 13.68 -18.33 29.04
C ASN C 453 12.95 -19.63 29.33
N PRO C 454 13.08 -20.19 30.53
CA PRO C 454 12.40 -21.47 30.83
C PRO C 454 10.89 -21.38 30.78
N LYS C 455 10.31 -20.17 30.75
CA LYS C 455 8.88 -20.04 30.55
C LYS C 455 8.44 -20.49 29.17
N VAL C 456 9.37 -20.52 28.20
CA VAL C 456 9.10 -20.97 26.85
C VAL C 456 9.92 -22.21 26.58
N LYS C 457 9.48 -22.99 25.59
CA LYS C 457 10.22 -24.18 25.19
C LYS C 457 11.64 -23.80 24.78
N HIS C 458 12.61 -24.36 25.49
CA HIS C 458 14.02 -23.98 25.32
C HIS C 458 14.50 -24.19 23.89
N ASN C 459 14.82 -23.09 23.22
CA ASN C 459 15.37 -23.02 21.86
C ASN C 459 14.35 -23.38 20.78
N TYR C 460 13.11 -23.73 21.14
CA TYR C 460 12.13 -24.07 20.11
C TYR C 460 11.80 -22.88 19.22
N SER C 461 11.61 -21.71 19.81
CA SER C 461 11.18 -20.57 19.03
C SER C 461 12.31 -20.01 18.17
N HIS C 462 13.53 -19.91 18.73
CA HIS C 462 14.70 -19.56 17.94
C HIS C 462 14.72 -20.32 16.63
N VAL C 463 14.74 -21.65 16.74
CA VAL C 463 14.91 -22.51 15.58
C VAL C 463 13.70 -22.46 14.66
N THR C 464 12.49 -22.49 15.23
CA THR C 464 11.29 -22.50 14.41
C THR C 464 11.15 -21.21 13.62
N LEU C 465 11.41 -20.07 14.26
CA LEU C 465 11.35 -18.79 13.57
C LEU C 465 12.39 -18.73 12.45
N ALA C 466 13.63 -19.17 12.74
CA ALA C 466 14.64 -19.18 11.69
C ALA C 466 14.23 -20.05 10.52
N LYS C 467 13.68 -21.25 10.79
CA LYS C 467 13.25 -22.15 9.74
C LYS C 467 12.16 -21.52 8.88
N GLU C 468 11.11 -21.01 9.54
CA GLU C 468 10.00 -20.40 8.81
C GLU C 468 10.46 -19.21 7.98
N LEU C 469 11.45 -18.46 8.46
CA LEU C 469 11.89 -17.29 7.70
C LEU C 469 12.76 -17.69 6.52
N ILE C 470 13.72 -18.60 6.72
CA ILE C 470 14.59 -18.97 5.61
C ILE C 470 13.85 -19.79 4.56
N LYS C 471 12.76 -20.47 4.92
CA LYS C 471 11.98 -21.15 3.89
C LYS C 471 11.11 -20.19 3.09
N ARG C 472 11.01 -18.93 3.50
CA ARG C 472 10.36 -17.89 2.71
C ARG C 472 11.36 -16.95 2.04
N ASP C 473 12.59 -17.41 1.84
CA ASP C 473 13.64 -16.62 1.18
C ASP C 473 13.96 -15.33 1.94
N VAL C 474 13.95 -15.42 3.26
CA VAL C 474 14.32 -14.32 4.13
C VAL C 474 15.65 -14.67 4.79
N LEU C 475 16.69 -13.90 4.47
CA LEU C 475 18.00 -14.14 5.06
C LEU C 475 17.96 -13.85 6.55
N VAL C 476 18.45 -14.80 7.34
CA VAL C 476 18.45 -14.68 8.80
C VAL C 476 19.87 -14.47 9.27
N VAL C 477 20.09 -13.41 10.05
CA VAL C 477 21.34 -13.20 10.76
C VAL C 477 21.04 -13.15 12.24
N GLY C 478 22.05 -13.35 13.06
CA GLY C 478 21.77 -13.40 14.48
C GLY C 478 23.01 -13.41 15.34
N THR C 479 22.78 -13.26 16.65
CA THR C 479 23.83 -13.20 17.65
C THR C 479 23.38 -13.95 18.89
N GLY C 480 24.31 -14.15 19.82
CA GLY C 480 23.99 -14.58 21.17
C GLY C 480 23.43 -15.98 21.27
N CYS C 481 22.51 -16.15 22.23
CA CYS C 481 21.96 -17.47 22.48
C CYS C 481 21.08 -17.95 21.34
N TRP C 482 20.50 -17.06 20.53
CA TRP C 482 19.87 -17.53 19.30
C TRP C 482 20.88 -18.21 18.40
N SER C 483 22.06 -17.60 18.25
CA SER C 483 23.08 -18.19 17.39
C SER C 483 23.57 -19.51 17.96
N ILE C 484 23.65 -19.62 19.28
CA ILE C 484 24.01 -20.91 19.88
C ILE C 484 22.93 -21.96 19.57
N ALA C 485 21.65 -21.58 19.71
CA ALA C 485 20.56 -22.50 19.41
C ALA C 485 20.58 -22.94 17.96
N ALA C 486 20.78 -21.99 17.04
CA ALA C 486 20.80 -22.30 15.61
C ALA C 486 21.98 -23.19 15.26
N ALA C 487 23.15 -22.91 15.84
CA ALA C 487 24.31 -23.75 15.60
C ALA C 487 24.09 -25.17 16.14
N MET C 488 23.44 -25.29 17.29
CA MET C 488 23.18 -26.62 17.84
C MET C 488 22.14 -27.37 17.03
N GLU C 489 21.21 -26.65 16.39
CA GLU C 489 20.20 -27.33 15.58
C GLU C 489 20.76 -27.81 14.25
N GLY C 490 21.72 -27.10 13.68
CA GLY C 490 22.23 -27.39 12.36
C GLY C 490 21.94 -26.32 11.33
N LEU C 491 21.25 -25.23 11.72
CA LEU C 491 20.89 -24.18 10.78
C LEU C 491 22.07 -23.38 10.28
N MET C 492 23.28 -23.64 10.80
CA MET C 492 24.49 -22.99 10.32
C MET C 492 25.44 -23.98 9.66
N SER C 493 24.99 -25.23 9.50
CA SER C 493 25.72 -26.28 8.82
C SER C 493 25.75 -26.02 7.31
N PRO C 494 26.68 -26.67 6.58
CA PRO C 494 26.62 -26.56 5.11
C PRO C 494 25.36 -27.15 4.50
N LYS C 495 24.68 -28.06 5.19
CA LYS C 495 23.46 -28.67 4.67
C LYS C 495 22.20 -27.86 4.99
N ALA C 496 22.31 -26.84 5.87
CA ALA C 496 21.14 -26.06 6.27
C ALA C 496 20.49 -25.35 5.10
N VAL C 497 21.24 -25.08 4.02
CA VAL C 497 20.66 -24.45 2.84
C VAL C 497 19.56 -25.30 2.23
N ASP C 498 19.54 -26.60 2.53
CA ASP C 498 18.45 -27.44 2.07
C ASP C 498 17.10 -27.02 2.65
N LEU C 499 17.10 -26.31 3.78
CA LEU C 499 15.86 -25.82 4.37
C LEU C 499 15.50 -24.42 3.88
N ALA C 500 16.30 -23.84 3.00
CA ALA C 500 16.04 -22.49 2.50
C ALA C 500 15.19 -22.54 1.24
N GLY C 501 14.48 -21.43 0.99
CA GLY C 501 13.71 -21.29 -0.21
C GLY C 501 14.59 -21.22 -1.45
N PRO C 502 13.95 -21.14 -2.62
CA PRO C 502 14.73 -21.23 -3.87
C PRO C 502 15.76 -20.11 -4.05
N GLY C 503 15.34 -18.85 -3.88
CA GLY C 503 16.29 -17.76 -4.02
C GLY C 503 17.38 -17.79 -2.98
N LEU C 504 17.01 -18.07 -1.72
CA LEU C 504 18.01 -18.20 -0.67
C LEU C 504 18.94 -19.36 -0.93
N LYS C 505 18.38 -20.50 -1.35
CA LYS C 505 19.21 -21.66 -1.71
C LYS C 505 20.23 -21.29 -2.78
N LYS C 506 19.77 -20.61 -3.84
CA LYS C 506 20.64 -20.24 -4.94
C LYS C 506 21.75 -19.31 -4.46
N ILE C 507 21.39 -18.29 -3.68
CA ILE C 507 22.39 -17.29 -3.27
C ILE C 507 23.39 -17.90 -2.29
N CYS C 508 22.94 -18.80 -1.42
CA CYS C 508 23.84 -19.43 -0.47
C CYS C 508 24.79 -20.39 -1.18
N GLU C 509 24.28 -21.15 -2.15
CA GLU C 509 25.16 -21.99 -2.96
C GLU C 509 26.17 -21.16 -3.72
N ALA C 510 25.75 -19.99 -4.22
CA ALA C 510 26.67 -19.12 -4.95
C ALA C 510 27.78 -18.61 -4.05
N LEU C 511 27.43 -18.04 -2.90
CA LEU C 511 28.40 -17.42 -2.01
C LEU C 511 29.07 -18.41 -1.05
N ASN C 512 28.60 -19.66 -1.01
CA ASN C 512 29.14 -20.68 -0.09
C ASN C 512 28.97 -20.25 1.36
N ILE C 513 27.74 -19.92 1.73
CA ILE C 513 27.40 -19.52 3.10
C ILE C 513 26.12 -20.23 3.51
N PRO C 514 25.90 -20.41 4.80
CA PRO C 514 24.64 -20.99 5.28
C PRO C 514 23.52 -19.97 5.18
N PRO C 515 22.26 -20.41 5.29
CA PRO C 515 21.14 -19.45 5.24
C PRO C 515 21.00 -18.62 6.52
N CYS C 516 21.67 -18.99 7.60
CA CYS C 516 21.63 -18.25 8.86
C CYS C 516 23.05 -17.86 9.23
N LEU C 517 23.28 -16.57 9.40
CA LEU C 517 24.62 -16.01 9.60
C LEU C 517 24.82 -15.66 11.07
N HIS C 518 25.77 -16.34 11.71
CA HIS C 518 26.17 -16.03 13.07
C HIS C 518 27.05 -14.77 13.05
N MET C 519 26.58 -13.71 13.71
CA MET C 519 27.29 -12.44 13.70
C MET C 519 27.96 -12.10 15.03
N GLY C 520 27.92 -13.00 16.02
CA GLY C 520 28.73 -12.86 17.21
C GLY C 520 27.87 -12.80 18.48
N SER C 521 28.29 -11.95 19.41
CA SER C 521 27.76 -11.90 20.76
C SER C 521 26.64 -10.86 20.89
N CYS C 522 26.16 -10.65 22.12
CA CYS C 522 25.09 -9.69 22.36
CA CYS C 522 25.09 -9.69 22.34
C CYS C 522 25.54 -8.28 22.01
N VAL C 523 26.79 -7.93 22.31
CA VAL C 523 27.27 -6.61 21.91
C VAL C 523 27.41 -6.54 20.39
N ASP C 524 27.69 -7.68 19.75
CA ASP C 524 27.80 -7.75 18.30
C ASP C 524 26.46 -7.56 17.59
N CYS C 525 25.36 -7.38 18.33
CA CYS C 525 24.15 -6.85 17.71
C CYS C 525 24.47 -5.53 17.00
N SER C 526 25.48 -4.81 17.49
CA SER C 526 25.94 -3.60 16.80
C SER C 526 26.25 -3.89 15.33
N ARG C 527 26.86 -5.04 15.05
CA ARG C 527 27.12 -5.42 13.67
C ARG C 527 25.86 -5.33 12.83
N ILE C 528 24.76 -5.92 13.35
CA ILE C 528 23.48 -5.87 12.63
C ILE C 528 23.11 -4.42 12.33
N LEU C 529 23.22 -3.55 13.34
CA LEU C 529 22.99 -2.12 13.12
C LEU C 529 23.80 -1.64 11.93
N ILE C 530 25.12 -1.85 11.99
CA ILE C 530 25.99 -1.45 10.88
C ILE C 530 25.43 -1.99 9.56
N ALA C 531 25.14 -3.29 9.53
CA ALA C 531 24.61 -3.91 8.33
C ALA C 531 23.41 -3.12 7.82
N LEU C 532 22.40 -2.92 8.67
CA LEU C 532 21.24 -2.18 8.25
C LEU C 532 21.64 -0.78 7.80
N GLY C 533 22.44 -0.09 8.62
CA GLY C 533 22.88 1.24 8.26
C GLY C 533 23.59 1.27 6.93
N ALA C 534 24.35 0.21 6.63
CA ALA C 534 25.00 0.14 5.33
C ALA C 534 23.96 0.04 4.23
N LEU C 535 23.06 -0.94 4.33
CA LEU C 535 22.08 -1.18 3.27
C LEU C 535 21.27 0.08 3.02
N ALA C 536 20.65 0.61 4.07
CA ALA C 536 19.93 1.87 3.96
C ALA C 536 20.78 2.93 3.25
N ASP C 537 22.01 3.12 3.71
CA ASP C 537 22.84 4.18 3.14
C ASP C 537 23.06 3.95 1.65
N ALA C 538 23.22 2.70 1.24
CA ALA C 538 23.50 2.43 -0.16
C ALA C 538 22.28 2.60 -1.04
N LEU C 539 21.08 2.59 -0.47
CA LEU C 539 19.87 2.75 -1.27
C LEU C 539 19.28 4.15 -1.16
N GLY C 540 20.00 5.08 -0.54
CA GLY C 540 19.47 6.42 -0.33
C GLY C 540 18.21 6.42 0.51
N VAL C 541 18.16 5.54 1.50
CA VAL C 541 16.94 5.17 2.20
C VAL C 541 17.23 5.13 3.69
N ASP C 542 16.17 5.19 4.49
CA ASP C 542 16.29 5.04 5.93
C ASP C 542 16.17 3.58 6.34
N ILE C 543 16.65 3.27 7.55
CA ILE C 543 16.58 1.89 8.05
C ILE C 543 15.14 1.43 8.18
N SER C 544 14.23 2.36 8.48
CA SER C 544 12.82 2.01 8.67
C SER C 544 12.10 1.69 7.37
N ASP C 545 12.70 1.94 6.22
CA ASP C 545 12.11 1.51 4.95
C ASP C 545 12.67 0.18 4.46
N LEU C 546 13.75 -0.32 5.07
CA LEU C 546 14.35 -1.56 4.62
C LEU C 546 13.40 -2.73 4.84
N PRO C 547 13.34 -3.69 3.91
CA PRO C 547 12.62 -4.93 4.19
C PRO C 547 13.35 -5.75 5.25
N ALA C 548 13.10 -5.43 6.52
CA ALA C 548 13.88 -6.04 7.60
C ALA C 548 13.08 -6.00 8.89
N ALA C 549 13.49 -6.85 9.83
CA ALA C 549 12.89 -6.88 11.15
C ALA C 549 13.89 -7.49 12.12
N GLY C 550 13.61 -7.33 13.41
CA GLY C 550 14.41 -7.93 14.46
C GLY C 550 13.56 -8.82 15.33
N SER C 551 14.20 -9.73 16.08
CA SER C 551 13.43 -10.72 16.83
C SER C 551 14.19 -11.14 18.09
N ALA C 552 13.48 -11.15 19.22
CA ALA C 552 13.98 -11.67 20.50
C ALA C 552 12.99 -12.73 20.95
N PRO C 553 13.15 -13.98 20.51
CA PRO C 553 12.09 -14.97 20.74
C PRO C 553 11.99 -15.48 22.17
N GLU C 554 13.09 -15.53 22.92
CA GLU C 554 13.08 -16.16 24.24
C GLU C 554 13.88 -15.33 25.24
N TRP C 555 13.72 -14.01 25.21
CA TRP C 555 14.54 -13.13 26.00
C TRP C 555 14.16 -13.20 27.49
N MET C 556 15.09 -12.74 28.34
CA MET C 556 14.82 -12.67 29.78
C MET C 556 15.57 -11.53 30.46
N SER C 557 16.70 -11.10 29.89
CA SER C 557 17.57 -10.15 30.58
C SER C 557 17.22 -8.71 30.25
N GLU C 558 17.59 -7.81 31.16
CA GLU C 558 17.41 -6.38 30.92
C GLU C 558 18.26 -5.91 29.75
N LYS C 559 19.39 -6.57 29.51
CA LYS C 559 20.16 -6.33 28.30
C LYS C 559 19.30 -6.54 27.06
N ALA C 560 18.46 -7.58 27.07
CA ALA C 560 17.58 -7.83 25.93
C ALA C 560 16.56 -6.72 25.78
N VAL C 561 16.06 -6.18 26.89
CA VAL C 561 15.11 -5.07 26.80
C VAL C 561 15.76 -3.86 26.16
N SER C 562 16.99 -3.53 26.55
CA SER C 562 17.66 -2.38 25.95
C SER C 562 17.99 -2.65 24.48
N ILE C 563 18.36 -3.89 24.14
CA ILE C 563 18.66 -4.22 22.75
C ILE C 563 17.42 -4.08 21.88
N GLY C 564 16.29 -4.60 22.37
CA GLY C 564 15.04 -4.43 21.64
C GLY C 564 14.65 -2.96 21.50
N THR C 565 14.84 -2.19 22.58
CA THR C 565 14.49 -0.78 22.52
C THR C 565 15.34 -0.03 21.50
N TYR C 566 16.63 -0.36 21.40
CA TYR C 566 17.43 0.38 20.43
C TYR C 566 17.32 -0.17 19.02
N PHE C 567 16.86 -1.42 18.86
CA PHE C 567 16.45 -1.85 17.52
C PHE C 567 15.20 -1.11 17.07
N VAL C 568 14.19 -1.03 17.95
CA VAL C 568 12.99 -0.25 17.64
C VAL C 568 13.36 1.20 17.35
N ALA C 569 14.20 1.79 18.20
CA ALA C 569 14.62 3.18 18.03
C ALA C 569 15.44 3.39 16.78
N SER C 570 16.10 2.35 16.28
CA SER C 570 16.78 2.41 15.00
C SER C 570 15.82 2.33 13.82
N GLY C 571 14.51 2.20 14.07
CA GLY C 571 13.53 2.10 13.02
C GLY C 571 13.17 0.70 12.61
N VAL C 572 13.39 -0.29 13.47
CA VAL C 572 13.26 -1.71 13.11
C VAL C 572 12.03 -2.28 13.80
N PHE C 573 11.13 -2.85 13.00
CA PHE C 573 10.04 -3.64 13.54
C PHE C 573 10.59 -4.82 14.33
N THR C 574 10.33 -4.84 15.64
CA THR C 574 11.01 -5.75 16.55
C THR C 574 10.02 -6.67 17.23
N HIS C 575 10.17 -7.97 17.02
CA HIS C 575 9.29 -8.97 17.59
C HIS C 575 9.86 -9.49 18.91
N LEU C 576 8.97 -9.73 19.87
CA LEU C 576 9.31 -10.30 21.16
C LEU C 576 8.51 -11.57 21.37
N GLY C 577 9.20 -12.66 21.72
CA GLY C 577 8.54 -13.92 21.99
C GLY C 577 8.15 -14.15 23.43
N VAL C 578 8.70 -13.34 24.35
CA VAL C 578 8.31 -13.34 25.76
C VAL C 578 7.63 -12.00 26.03
N VAL C 579 6.48 -12.05 26.71
CA VAL C 579 5.69 -10.84 26.93
C VAL C 579 6.44 -9.93 27.90
N PRO C 580 6.55 -8.63 27.63
CA PRO C 580 7.20 -7.72 28.58
C PRO C 580 6.24 -7.35 29.70
N PRO C 581 6.77 -6.98 30.88
CA PRO C 581 5.89 -6.63 32.01
C PRO C 581 5.27 -5.24 31.86
N VAL C 582 4.42 -5.10 30.86
CA VAL C 582 3.82 -3.80 30.54
C VAL C 582 2.31 -3.92 30.41
N MET C 583 1.81 -5.16 30.35
CA MET C 583 0.38 -5.38 30.10
C MET C 583 -0.51 -4.83 31.20
N GLY C 584 0.05 -4.39 32.32
CA GLY C 584 -0.74 -3.69 33.32
C GLY C 584 -1.16 -2.30 32.91
N SER C 585 -0.54 -1.74 31.87
CA SER C 585 -0.86 -0.42 31.34
C SER C 585 -1.05 -0.55 29.84
N GLN C 586 -2.29 -0.39 29.37
CA GLN C 586 -2.51 -0.46 27.93
C GLN C 586 -2.14 0.84 27.24
N LYS C 587 -2.02 1.95 27.97
CA LYS C 587 -1.41 3.15 27.40
C LYS C 587 0.03 2.88 26.99
N VAL C 588 0.84 2.35 27.91
CA VAL C 588 2.23 2.02 27.60
C VAL C 588 2.30 0.95 26.53
N ALA C 589 1.40 -0.04 26.60
CA ALA C 589 1.39 -1.11 25.60
C ALA C 589 1.12 -0.55 24.20
N LYS C 590 0.13 0.32 24.09
CA LYS C 590 -0.15 0.95 22.80
C LYS C 590 1.04 1.77 22.31
N ILE C 591 1.62 2.57 23.21
CA ILE C 591 2.76 3.41 22.83
C ILE C 591 3.91 2.55 22.31
N LEU C 592 4.15 1.41 22.96
CA LEU C 592 5.27 0.56 22.57
C LEU C 592 5.00 -0.23 21.30
N THR C 593 3.74 -0.57 21.03
CA THR C 593 3.41 -1.40 19.88
C THR C 593 2.80 -0.63 18.73
N GLU C 594 2.58 0.67 18.87
CA GLU C 594 1.90 1.45 17.83
C GLU C 594 2.45 2.86 17.73
N ASP C 595 2.45 3.60 18.84
CA ASP C 595 2.61 5.04 18.77
C ASP C 595 4.07 5.47 18.56
N VAL C 596 5.04 4.69 19.06
CA VAL C 596 6.43 5.09 18.85
C VAL C 596 6.84 4.96 17.39
N GLU C 597 6.05 4.23 16.57
CA GLU C 597 6.35 4.15 15.15
C GLU C 597 6.28 5.53 14.50
N ASP C 598 5.30 6.34 14.91
CA ASP C 598 5.18 7.68 14.36
C ASP C 598 6.35 8.58 14.77
N ILE C 599 7.09 8.21 15.80
CA ILE C 599 8.19 9.02 16.30
C ILE C 599 9.52 8.57 15.70
N ILE C 600 9.85 7.29 15.82
CA ILE C 600 11.19 6.80 15.45
C ILE C 600 11.14 5.74 14.36
N GLY C 601 9.98 5.46 13.80
CA GLY C 601 9.89 4.54 12.68
C GLY C 601 10.00 3.07 13.02
N GLY C 602 9.98 2.71 14.30
CA GLY C 602 10.00 1.32 14.71
C GLY C 602 8.97 1.08 15.79
N LYS C 603 8.74 -0.20 16.08
CA LYS C 603 7.74 -0.57 17.07
C LYS C 603 7.94 -2.02 17.48
N PHE C 604 7.43 -2.33 18.68
CA PHE C 604 7.46 -3.68 19.22
C PHE C 604 6.23 -4.46 18.76
N TYR C 605 6.38 -5.78 18.77
CA TYR C 605 5.30 -6.68 18.37
C TYR C 605 5.43 -7.96 19.18
N VAL C 606 4.44 -8.24 20.02
CA VAL C 606 4.49 -9.38 20.95
C VAL C 606 3.77 -10.55 20.32
N GLU C 607 4.43 -11.71 20.30
CA GLU C 607 3.85 -12.93 19.78
C GLU C 607 4.66 -14.14 20.24
N PRO C 608 4.25 -14.80 21.33
CA PRO C 608 4.99 -15.98 21.80
C PRO C 608 4.96 -17.16 20.85
N ASP C 609 4.09 -17.14 19.84
CA ASP C 609 4.00 -18.25 18.88
C ASP C 609 4.99 -18.02 17.74
N PRO C 610 5.98 -18.89 17.54
CA PRO C 610 7.02 -18.62 16.55
C PRO C 610 6.53 -18.57 15.12
N VAL C 611 5.58 -19.43 14.71
CA VAL C 611 5.22 -19.46 13.30
C VAL C 611 4.27 -18.31 12.95
N LYS C 612 3.37 -17.94 13.86
CA LYS C 612 2.55 -16.77 13.61
C LYS C 612 3.39 -15.50 13.63
N ALA C 613 4.39 -15.45 14.52
CA ALA C 613 5.35 -14.36 14.51
C ALA C 613 6.09 -14.28 13.18
N ALA C 614 6.52 -15.43 12.66
CA ALA C 614 7.19 -15.46 11.37
C ALA C 614 6.27 -14.98 10.25
N GLU C 615 5.00 -15.39 10.30
CA GLU C 615 4.02 -14.93 9.33
C GLU C 615 3.91 -13.41 9.33
N THR C 616 3.74 -12.83 10.51
CA THR C 616 3.55 -11.37 10.55
C THR C 616 4.84 -10.65 10.18
N ILE C 617 6.00 -11.16 10.61
CA ILE C 617 7.27 -10.56 10.21
C ILE C 617 7.42 -10.58 8.69
N TYR C 618 7.05 -11.70 8.06
CA TYR C 618 7.16 -11.81 6.61
C TYR C 618 6.20 -10.84 5.93
N ASN C 619 5.00 -10.66 6.48
CA ASN C 619 4.07 -9.71 5.90
C ASN C 619 4.56 -8.27 6.06
N VAL C 620 5.22 -7.97 7.17
CA VAL C 620 5.80 -6.64 7.36
C VAL C 620 6.92 -6.42 6.33
N ILE C 621 7.75 -7.45 6.12
CA ILE C 621 8.79 -7.37 5.09
C ILE C 621 8.16 -7.13 3.72
N LEU C 622 7.05 -7.81 3.44
CA LEU C 622 6.37 -7.62 2.16
C LEU C 622 5.84 -6.20 1.99
N GLU C 623 5.24 -5.65 3.05
CA GLU C 623 4.73 -4.29 2.95
C GLU C 623 5.88 -3.28 2.79
N LYS C 624 7.01 -3.54 3.45
CA LYS C 624 8.21 -2.73 3.21
C LYS C 624 8.60 -2.77 1.75
N ARG C 625 8.58 -3.97 1.14
CA ARG C 625 8.87 -4.08 -0.29
C ARG C 625 7.87 -3.28 -1.11
N LYS C 626 6.59 -3.39 -0.77
CA LYS C 626 5.54 -2.65 -1.48
C LYS C 626 5.81 -1.14 -1.46
N LYS C 627 6.11 -0.60 -0.28
CA LYS C 627 6.33 0.84 -0.16
C LYS C 627 7.54 1.30 -0.97
N LEU C 628 8.50 0.40 -1.21
CA LEU C 628 9.68 0.75 -2.01
C LEU C 628 9.44 0.63 -3.50
N GLY C 629 8.26 0.16 -3.92
CA GLY C 629 8.02 -0.05 -5.33
C GLY C 629 8.72 -1.24 -5.92
N TRP C 630 9.19 -2.19 -5.06
CA TRP C 630 9.89 -3.41 -5.43
C TRP C 630 8.91 -4.55 -5.67
N PRO C 631 9.23 -5.48 -6.56
CA PRO C 631 8.38 -6.66 -6.73
C PRO C 631 8.38 -7.50 -5.47
N LEU C 632 7.30 -8.25 -5.27
CA LEU C 632 7.15 -9.09 -4.09
C LEU C 632 7.72 -10.48 -4.32
FE1 SF4 D . 2.34 -47.02 -27.61
FE2 SF4 D . 0.95 -44.88 -26.61
FE3 SF4 D . 1.01 -47.25 -25.16
FE4 SF4 D . -0.30 -46.94 -27.58
S1 SF4 D . -0.81 -45.91 -25.58
S2 SF4 D . 1.01 -48.74 -26.90
S3 SF4 D . 1.04 -45.57 -28.82
S4 SF4 D . 2.78 -45.88 -25.64
FE1 FES E . -2.81 -40.84 -17.98
FE2 FES E . -2.68 -39.62 -15.52
S1 FES E . -2.29 -41.84 -15.97
S2 FES E . -2.67 -38.58 -17.58
S1 MSK F . -8.76 -15.98 -25.58
S3 MSK F . -6.28 -18.35 -26.17
S4 MSK F . -7.33 -17.80 -22.95
S5 MSK F . -5.69 -15.45 -24.87
FE1 MSK F . -7.92 -15.84 -27.67
FE2 MSK F . -7.41 -15.74 -23.69
FE3 MSK F . -5.54 -17.68 -24.18
FE4 MSK F . -8.11 -18.06 -24.94
P PO4 G . -12.30 -2.05 -3.35
O1 PO4 G . -12.77 -3.05 -4.39
O2 PO4 G . -13.21 -0.85 -3.37
O3 PO4 G . -12.35 -2.70 -1.99
O4 PO4 G . -10.89 -1.63 -3.66
O6 BU3 H . -27.74 -24.89 -27.19
C3 BU3 H . -26.81 -25.95 -27.45
C4 BU3 H . -25.99 -25.59 -28.68
C2 BU3 H . -27.57 -27.27 -27.66
O5 BU3 H . -28.57 -27.09 -28.67
C1 BU3 H . -28.23 -27.71 -26.35
O6 BU3 I . 25.19 -3.07 -37.20
C3 BU3 I . 23.78 -3.22 -37.43
C4 BU3 I . 23.53 -4.49 -38.22
C2 BU3 I . 23.26 -1.99 -38.17
O5 BU3 I . 23.15 -0.89 -37.25
C1 BU3 I . 21.90 -2.26 -38.80
O6 BU3 J . -25.64 5.70 -16.17
C3 BU3 J . -25.49 4.95 -14.96
C4 BU3 J . -24.40 5.59 -14.10
C2 BU3 J . -25.22 3.48 -15.27
O5 BU3 J . -26.41 2.71 -15.06
C1 BU3 J . -24.10 2.89 -14.42
C1 PEG K . 20.35 -17.45 -22.64
O1 PEG K . 20.28 -17.55 -24.07
C2 PEG K . 19.10 -18.01 -21.99
O2 PEG K . 19.39 -19.26 -21.38
C3 PEG K . 18.72 -20.35 -22.02
C4 PEG K . 19.43 -21.67 -21.69
O4 PEG K . 19.65 -22.40 -22.90
FE1 SF4 L . -42.61 45.86 16.45
FE2 SF4 L . -41.73 43.35 15.86
FE3 SF4 L . -44.42 43.84 16.10
FE4 SF4 L . -42.78 43.90 18.30
S1 SF4 L . -43.26 42.07 17.00
S2 SF4 L . -44.44 45.41 17.77
S3 SF4 L . -40.84 44.77 17.43
S4 SF4 L . -43.00 44.69 14.50
FE1 FES M . -44.74 35.47 10.28
FE2 FES M . -45.85 33.16 8.52
S1 FES M . -46.84 34.99 9.50
S2 FES M . -43.84 33.86 8.85
S1 MSK N . -22.20 21.76 6.79
S3 MSK N . -23.32 24.95 6.95
S4 MSK N . -25.15 22.52 5.20
S5 MSK N . -22.13 23.75 4.21
FE1 MSK N . -20.71 23.33 7.45
FE2 MSK N . -23.13 21.92 4.75
FE3 MSK N . -24.13 24.44 4.89
FE4 MSK N . -24.12 22.87 7.10
P PO4 O . -21.08 4.53 -11.77
O1 PO4 O . -21.60 5.69 -12.59
O2 PO4 O . -22.05 3.38 -11.85
O3 PO4 O . -19.74 4.09 -12.32
O4 PO4 O . -20.92 4.97 -10.34
C1 CIT P . -29.58 7.93 -9.41
O1 CIT P . -29.87 9.14 -9.25
O2 CIT P . -29.87 7.13 -8.49
C2 CIT P . -28.88 7.51 -10.70
C3 CIT P . -28.43 6.05 -10.79
O7 CIT P . -29.59 5.19 -10.94
C4 CIT P . -27.58 5.57 -9.62
C5 CIT P . -27.66 4.07 -9.43
O3 CIT P . -27.33 3.26 -10.33
O4 CIT P . -28.05 3.58 -8.35
C6 CIT P . -27.56 5.96 -12.03
O5 CIT P . -27.50 6.90 -12.85
O6 CIT P . -26.89 4.93 -12.24
FE1 SF4 Q . 4.81 5.93 44.65
FE2 SF4 Q . 6.12 3.65 43.98
FE3 SF4 Q . 4.19 3.55 45.93
FE4 SF4 Q . 6.61 4.84 46.33
S1 SF4 Q . 6.26 2.58 46.00
S2 SF4 Q . 4.51 5.60 46.91
S3 SF4 Q . 7.07 5.72 44.26
S4 SF4 Q . 3.88 4.06 43.71
FE1 FES R . 5.30 -6.81 43.61
FE2 FES R . 4.09 -9.23 43.59
S1 FES R . 3.23 -7.30 44.49
S2 FES R . 6.15 -8.74 42.68
S1 MSK S . 24.31 -14.36 27.13
S3 MSK S . 22.13 -11.90 27.25
S4 MSK S . 21.10 -15.07 28.10
S5 MSK S . 21.91 -13.75 25.03
FE1 MSK S . 24.91 -12.32 26.31
FE2 MSK S . 22.39 -15.35 26.35
FE3 MSK S . 20.54 -13.35 26.80
FE4 MSK S . 22.68 -13.69 28.43
P PO4 T . 13.18 13.88 26.36
O1 PO4 T . 12.35 14.36 25.21
O2 PO4 T . 12.30 13.28 27.43
O3 PO4 T . 13.94 15.05 26.95
O4 PO4 T . 14.17 12.84 25.87
P PO4 U . 19.34 -39.56 21.98
O1 PO4 U . 19.11 -39.49 20.49
O2 PO4 U . 18.36 -40.54 22.60
O3 PO4 U . 20.75 -40.02 22.25
O4 PO4 U . 19.13 -38.19 22.58
#